data_7DAC
#
_entry.id   7DAC
#
_entity_poly.entity_id   1
_entity_poly.type   'polypeptide(L)'
_entity_poly.pdbx_seq_one_letter_code
;MHHHHHHSPGPRGNQGAERQGMNWSCRTPEPNPVTGRPLVNIYNCSGVQVGDNNYLTMQQTTALPTWGLAPSGKGRGLQH
PPPVGSQEGPKDPEAWSRPQGWYNHSGK
;
_entity_poly.pdbx_strand_id   A,B,C,D,E
#
# COMPACT_ATOMS: atom_id res chain seq x y z
N ARG A 37 -12.97 5.47 22.01
CA ARG A 37 -12.49 5.90 20.67
C ARG A 37 -13.06 5.02 19.60
N PRO A 38 -13.29 5.59 18.43
CA PRO A 38 -13.84 4.87 17.31
C PRO A 38 -12.86 3.93 16.68
N LEU A 39 -13.36 2.84 16.05
CA LEU A 39 -12.49 1.89 15.41
C LEU A 39 -12.80 1.95 13.94
N VAL A 40 -11.74 1.86 13.10
CA VAL A 40 -11.95 1.93 11.67
C VAL A 40 -11.47 0.64 11.10
N ASN A 41 -12.37 -0.09 10.39
CA ASN A 41 -12.01 -1.34 9.79
C ASN A 41 -12.18 -1.17 8.31
N ILE A 42 -11.10 -1.42 7.54
CA ILE A 42 -11.18 -1.29 6.10
C ILE A 42 -10.94 -2.64 5.53
N TYR A 43 -11.94 -3.17 4.78
CA TYR A 43 -11.80 -4.49 4.21
C TYR A 43 -11.20 -4.33 2.84
N ASN A 44 -11.87 -3.57 1.95
CA ASN A 44 -11.36 -3.37 0.62
C ASN A 44 -11.44 -1.91 0.35
N CYS A 45 -10.38 -1.32 -0.24
CA CYS A 45 -10.38 0.09 -0.51
C CYS A 45 -9.37 0.37 -1.57
N SER A 46 -9.43 1.59 -2.15
CA SER A 46 -8.50 1.98 -3.18
C SER A 46 -7.14 2.07 -2.56
N GLY A 47 -7.06 2.61 -1.33
CA GLY A 47 -5.78 2.72 -0.67
C GLY A 47 -6.03 3.35 0.66
N VAL A 48 -4.99 3.41 1.52
CA VAL A 48 -5.13 3.99 2.83
C VAL A 48 -4.04 5.01 2.99
N GLN A 49 -4.44 6.24 3.41
CA GLN A 49 -3.47 7.29 3.60
C GLN A 49 -3.52 7.69 5.05
N VAL A 50 -2.37 7.61 5.74
CA VAL A 50 -2.30 7.99 7.13
C VAL A 50 -1.18 8.99 7.25
N GLY A 51 -1.48 10.17 7.83
CA GLY A 51 -0.45 11.17 7.98
C GLY A 51 -0.25 11.85 6.66
N ASP A 52 -1.30 12.52 6.16
CA ASP A 52 -1.20 13.22 4.90
C ASP A 52 -0.73 14.62 5.21
N ASN A 53 0.53 14.93 4.86
CA ASN A 53 1.06 16.24 5.15
C ASN A 53 0.97 17.09 3.92
N ASN A 54 0.31 16.59 2.84
CA ASN A 54 0.22 17.38 1.63
C ASN A 54 -1.14 17.11 1.03
N TYR A 55 -1.19 16.28 -0.03
CA TYR A 55 -2.44 15.98 -0.67
C TYR A 55 -2.33 14.61 -1.26
N LEU A 56 -3.49 13.98 -1.53
CA LEU A 56 -3.48 12.65 -2.09
C LEU A 56 -4.68 12.55 -2.98
N THR A 57 -4.47 12.04 -4.21
CA THR A 57 -5.57 11.86 -5.14
C THR A 57 -5.51 10.44 -5.60
N MET A 58 -6.68 9.87 -5.95
CA MET A 58 -6.72 8.50 -6.41
C MET A 58 -7.67 8.44 -7.55
N GLN A 59 -7.44 7.51 -8.48
CA GLN A 59 -8.31 7.34 -9.62
C GLN A 59 -8.88 5.96 -9.51
N GLN A 60 -10.21 5.84 -9.70
CA GLN A 60 -10.83 4.55 -9.61
C GLN A 60 -11.65 4.39 -10.86
N THR A 61 -11.44 3.26 -11.58
CA THR A 61 -12.18 3.02 -12.79
C THR A 61 -12.82 1.68 -12.67
N THR A 62 -14.15 1.62 -12.91
CA THR A 62 -14.85 0.36 -12.82
C THR A 62 -15.46 0.10 -14.17
N ALA A 63 -15.17 -1.10 -14.73
CA ALA A 63 -15.72 -1.43 -16.02
C ALA A 63 -16.98 -2.20 -15.78
N LEU A 64 -18.07 -1.81 -16.47
CA LEU A 64 -19.32 -2.49 -16.29
C LEU A 64 -19.47 -3.47 -17.42
N PRO A 65 -20.17 -4.55 -17.15
CA PRO A 65 -20.39 -5.58 -18.15
C PRO A 65 -21.56 -5.29 -19.04
N ARG B 37 -6.69 5.27 22.21
CA ARG B 37 -6.38 5.64 20.80
C ARG B 37 -7.12 4.73 19.86
N PRO B 38 -7.47 5.25 18.70
CA PRO B 38 -8.17 4.48 17.69
C PRO B 38 -7.29 3.48 17.01
N LEU B 39 -7.89 2.37 16.53
CA LEU B 39 -7.13 1.35 15.85
C LEU B 39 -7.64 1.28 14.44
N VAL B 40 -6.70 1.09 13.48
CA VAL B 40 -7.08 1.01 12.10
C VAL B 40 -6.65 -0.33 11.59
N ASN B 41 -7.61 -1.12 11.06
CA ASN B 41 -7.29 -2.42 10.53
C ASN B 41 -7.48 -2.36 9.04
N ILE B 42 -6.43 -2.75 8.28
CA ILE B 42 -6.51 -2.73 6.85
C ILE B 42 -6.32 -4.13 6.38
N TYR B 43 -7.32 -4.69 5.67
CA TYR B 43 -7.21 -6.05 5.19
C TYR B 43 -6.65 -6.04 3.80
N ASN B 44 -7.44 -5.55 2.81
CA ASN B 44 -6.97 -5.53 1.45
C ASN B 44 -6.95 -4.10 1.00
N CYS B 45 -5.84 -3.70 0.35
CA CYS B 45 -5.75 -2.35 -0.14
C CYS B 45 -4.68 -2.33 -1.18
N SER B 46 -4.65 -1.27 -2.02
CA SER B 46 -3.63 -1.17 -3.04
C SER B 46 -2.31 -0.99 -2.34
N GLY B 47 -2.29 -0.15 -1.29
CA GLY B 47 -1.07 0.07 -0.58
C GLY B 47 -1.40 0.95 0.60
N VAL B 48 -0.43 1.09 1.51
CA VAL B 48 -0.64 1.91 2.68
C VAL B 48 0.48 2.90 2.73
N GLN B 49 0.14 4.19 2.86
CA GLN B 49 1.15 5.22 2.93
C GLN B 49 1.08 5.83 4.30
N VAL B 50 2.22 5.77 5.03
CA VAL B 50 2.28 6.33 6.36
C VAL B 50 3.44 7.28 6.38
N GLY B 51 3.19 8.55 6.79
CA GLY B 51 4.27 9.51 6.86
C GLY B 51 4.59 9.94 5.46
N ASP B 52 3.65 10.64 4.81
CA ASP B 52 3.87 11.09 3.46
C ASP B 52 4.36 12.51 3.54
N ASN B 53 5.66 12.73 3.20
CA ASN B 53 6.21 14.06 3.25
C ASN B 53 6.10 14.66 1.87
N ASN B 54 5.45 13.95 0.95
CA ASN B 54 5.28 14.44 -0.39
C ASN B 54 3.87 14.10 -0.80
N TYR B 55 3.66 13.63 -2.05
CA TYR B 55 2.33 13.27 -2.47
C TYR B 55 2.39 11.88 -3.02
N LEU B 56 1.27 11.15 -2.94
CA LEU B 56 1.23 9.80 -3.43
C LEU B 56 -0.10 9.62 -4.09
N THR B 57 -0.11 8.98 -5.28
CA THR B 57 -1.35 8.77 -5.99
C THR B 57 -1.44 7.30 -6.29
N MET B 58 -2.67 6.78 -6.43
CA MET B 58 -2.84 5.37 -6.72
C MET B 58 -3.92 5.26 -7.76
N GLN B 59 -3.79 4.23 -8.62
CA GLN B 59 -4.78 4.00 -9.65
C GLN B 59 -5.34 2.64 -9.40
N GLN B 60 -6.68 2.54 -9.35
CA GLN B 60 -7.31 1.26 -9.10
C GLN B 60 -8.25 1.01 -10.23
N THR B 61 -8.11 -0.15 -10.90
CA THR B 61 -8.98 -0.48 -12.00
C THR B 61 -9.67 -1.77 -11.69
N THR B 62 -11.01 -1.79 -11.80
CA THR B 62 -11.76 -3.00 -11.53
C THR B 62 -12.41 -3.39 -12.82
N ALA B 63 -12.19 -4.65 -13.24
CA ALA B 63 -12.76 -5.12 -14.49
C ALA B 63 -13.77 -6.17 -14.17
N LEU B 64 -14.89 -6.17 -14.92
CA LEU B 64 -15.94 -7.14 -14.72
C LEU B 64 -16.19 -7.78 -16.05
N PRO B 65 -16.59 -9.03 -16.04
CA PRO B 65 -16.86 -9.76 -17.26
C PRO B 65 -18.28 -9.63 -17.72
N ARG C 37 -0.23 5.28 21.57
CA ARG C 37 -0.18 5.49 20.09
C ARG C 37 -1.02 4.46 19.39
N PRO C 38 -1.56 4.83 18.25
CA PRO C 38 -2.39 3.94 17.45
C PRO C 38 -1.59 2.87 16.76
N LEU C 39 -2.25 1.72 16.48
CA LEU C 39 -1.58 0.63 15.82
C LEU C 39 -2.23 0.45 14.49
N VAL C 40 -1.44 0.15 13.45
CA VAL C 40 -1.98 -0.05 12.13
C VAL C 40 -1.60 -1.44 11.71
N ASN C 41 -2.63 -2.25 11.35
CA ASN C 41 -2.37 -3.61 10.93
C ASN C 41 -2.64 -3.68 9.45
N ILE C 42 -1.63 -4.19 8.69
CA ILE C 42 -1.78 -4.29 7.26
C ILE C 42 -1.63 -5.75 6.93
N TYR C 43 -2.67 -6.35 6.30
CA TYR C 43 -2.59 -7.76 5.97
C TYR C 43 -2.11 -7.92 4.56
N ASN C 44 -2.93 -7.49 3.56
CA ASN C 44 -2.54 -7.65 2.18
C ASN C 44 -2.44 -6.28 1.57
N CYS C 45 -1.33 -6.02 0.86
CA CYS C 45 -1.14 -4.75 0.23
C CYS C 45 -0.09 -4.91 -0.82
N SER C 46 0.00 -3.96 -1.78
CA SER C 46 1.02 -4.05 -2.80
C SER C 46 2.33 -3.81 -2.13
N GLY C 47 2.37 -2.83 -1.21
CA GLY C 47 3.59 -2.53 -0.52
C GLY C 47 3.26 -1.54 0.54
N VAL C 48 4.22 -1.29 1.44
CA VAL C 48 4.03 -0.35 2.51
C VAL C 48 5.16 0.63 2.43
N GLN C 49 4.83 1.94 2.42
CA GLN C 49 5.85 2.95 2.34
C GLN C 49 5.81 3.74 3.61
N VAL C 50 6.97 3.81 4.31
CA VAL C 50 7.06 4.56 5.53
C VAL C 50 8.21 5.51 5.36
N GLY C 51 7.96 6.82 5.57
CA GLY C 51 9.02 7.79 5.42
C GLY C 51 9.23 8.01 3.96
N ASP C 52 8.23 8.59 3.28
CA ASP C 52 8.34 8.84 1.87
C ASP C 52 8.77 10.27 1.71
N ASN C 53 10.01 10.47 1.21
CA ASN C 53 10.54 11.81 1.04
C ASN C 53 10.40 12.20 -0.41
N ASN C 54 9.66 11.39 -1.20
CA ASN C 54 9.49 11.70 -2.59
C ASN C 54 8.10 11.26 -2.96
N TYR C 55 7.78 11.25 -4.27
CA TYR C 55 6.45 10.85 -4.68
C TYR C 55 6.48 9.36 -4.95
N LEU C 56 5.32 8.71 -4.76
CA LEU C 56 5.23 7.28 -4.98
C LEU C 56 3.91 7.03 -5.65
N THR C 57 3.91 6.15 -6.68
CA THR C 57 2.67 5.85 -7.37
C THR C 57 2.53 4.36 -7.42
N MET C 58 1.27 3.87 -7.35
CA MET C 58 1.04 2.45 -7.40
C MET C 58 -0.13 2.23 -8.31
N GLN C 59 -0.13 1.08 -9.02
CA GLN C 59 -1.21 0.76 -9.91
C GLN C 59 -1.74 -0.57 -9.46
N GLN C 60 -3.08 -0.70 -9.38
CA GLN C 60 -3.66 -1.94 -8.95
C GLN C 60 -4.77 -2.27 -9.89
N THR C 61 -4.75 -3.51 -10.45
CA THR C 61 -5.78 -3.92 -11.37
C THR C 61 -6.40 -5.16 -10.83
N THR C 62 -7.75 -5.17 -10.71
CA THR C 62 -8.43 -6.33 -10.18
C THR C 62 -9.37 -6.81 -11.23
N ALA C 63 -9.28 -8.11 -11.57
CA ALA C 63 -10.16 -8.69 -12.55
C ALA C 63 -11.07 -9.63 -11.80
N LEU C 64 -12.39 -9.36 -11.85
CA LEU C 64 -13.32 -10.20 -11.15
C LEU C 64 -13.93 -11.15 -12.15
N PRO C 65 -14.36 -12.29 -11.66
CA PRO C 65 -14.96 -13.30 -12.49
C PRO C 65 -16.45 -13.18 -12.58
N ARG D 37 5.55 4.35 21.17
CA ARG D 37 5.75 4.43 19.70
C ARG D 37 4.83 3.46 18.99
N PRO D 38 4.40 3.84 17.80
CA PRO D 38 3.51 3.01 17.01
C PRO D 38 4.20 1.82 16.42
N LEU D 39 3.44 0.73 16.18
CA LEU D 39 4.01 -0.47 15.61
C LEU D 39 3.31 -0.70 14.30
N VAL D 40 4.06 -1.17 13.29
CA VAL D 40 3.48 -1.42 11.99
C VAL D 40 3.65 -2.88 11.71
N ASN D 41 2.53 -3.58 11.42
CA ASN D 41 2.60 -4.99 11.14
C ASN D 41 2.28 -5.19 9.69
N ILE D 42 3.23 -5.80 8.95
CA ILE D 42 3.02 -6.06 7.54
C ILE D 42 3.10 -7.54 7.36
N TYR D 43 2.02 -8.16 6.83
CA TYR D 43 2.02 -9.60 6.67
C TYR D 43 2.42 -9.93 5.26
N ASN D 44 1.56 -9.58 4.27
CA ASN D 44 1.87 -9.91 2.89
C ASN D 44 2.03 -8.63 2.13
N CYS D 45 3.13 -8.51 1.37
CA CYS D 45 3.36 -7.33 0.59
C CYS D 45 4.34 -7.68 -0.49
N SER D 46 4.40 -6.87 -1.56
CA SER D 46 5.34 -7.13 -2.63
C SER D 46 6.71 -6.85 -2.09
N GLY D 47 6.83 -5.76 -1.31
CA GLY D 47 8.10 -5.41 -0.73
C GLY D 47 7.85 -4.30 0.24
N VAL D 48 8.88 -3.95 1.02
CA VAL D 48 8.75 -2.90 2.00
C VAL D 48 9.84 -1.92 1.73
N GLN D 49 9.47 -0.62 1.62
CA GLN D 49 10.45 0.41 1.36
C GLN D 49 10.40 1.37 2.51
N VAL D 50 11.58 1.60 3.14
CA VAL D 50 11.65 2.51 4.25
C VAL D 50 12.73 3.51 3.93
N GLY D 51 12.40 4.81 4.03
CA GLY D 51 13.39 5.83 3.73
C GLY D 51 13.56 5.91 2.25
N ASP D 52 12.48 6.29 1.54
CA ASP D 52 12.55 6.39 0.10
C ASP D 52 12.91 7.80 -0.23
N ASN D 53 14.14 8.00 -0.76
CA ASN D 53 14.59 9.34 -1.09
C ASN D 53 14.45 9.54 -2.58
N ASN D 54 13.79 8.59 -3.27
CA ASN D 54 13.62 8.71 -4.70
C ASN D 54 12.22 8.27 -5.00
N TYR D 55 11.88 8.18 -6.31
CA TYR D 55 10.55 7.78 -6.68
C TYR D 55 10.52 6.28 -6.72
N LEU D 56 9.33 5.69 -6.44
CA LEU D 56 9.19 4.27 -6.44
C LEU D 56 7.87 3.96 -7.07
N THR D 57 7.82 2.93 -7.95
CA THR D 57 6.57 2.58 -8.58
C THR D 57 6.34 1.11 -8.35
N MET D 58 5.06 0.72 -8.18
CA MET D 58 4.74 -0.67 -7.97
C MET D 58 3.51 -0.96 -8.76
N GLN D 59 3.42 -2.21 -9.29
CA GLN D 59 2.27 -2.61 -10.05
C GLN D 59 1.79 -3.89 -9.45
N GLN D 60 0.45 -4.05 -9.33
CA GLN D 60 -0.08 -5.25 -8.76
C GLN D 60 -1.29 -5.64 -9.55
N THR D 61 -1.37 -6.93 -9.94
CA THR D 61 -2.50 -7.40 -10.71
C THR D 61 -3.11 -8.54 -9.98
N THR D 62 -4.44 -8.49 -9.75
CA THR D 62 -5.13 -9.55 -9.04
C THR D 62 -6.16 -10.11 -9.98
N ALA D 63 -6.15 -11.44 -10.15
CA ALA D 63 -7.10 -12.08 -11.03
C ALA D 63 -7.73 -13.20 -10.26
N LEU D 64 -9.04 -13.43 -10.49
CA LEU D 64 -9.72 -14.49 -9.80
C LEU D 64 -10.41 -15.33 -10.84
N PRO D 65 -10.59 -16.60 -10.53
CA PRO D 65 -11.23 -17.52 -11.45
C PRO D 65 -12.72 -17.53 -11.34
N ARG E 37 12.17 3.81 19.55
CA ARG E 37 11.92 3.86 18.09
C ARG E 37 10.88 2.83 17.70
N PRO E 38 10.14 3.12 16.66
CA PRO E 38 9.10 2.22 16.18
C PRO E 38 9.66 1.00 15.52
N LEU E 39 8.91 -0.12 15.59
CA LEU E 39 9.37 -1.35 14.99
C LEU E 39 8.42 -1.72 13.91
N VAL E 40 8.95 -2.26 12.79
CA VAL E 40 8.13 -2.66 11.69
C VAL E 40 8.33 -4.14 11.52
N ASN E 41 7.22 -4.91 11.55
CA ASN E 41 7.32 -6.34 11.41
C ASN E 41 6.99 -6.69 10.00
N ILE E 42 7.90 -7.43 9.33
CA ILE E 42 7.69 -7.82 7.96
C ILE E 42 7.76 -9.32 7.93
N TYR E 43 6.74 -9.99 7.36
CA TYR E 43 6.74 -11.44 7.32
C TYR E 43 7.03 -11.89 5.91
N ASN E 44 6.07 -11.72 4.98
CA ASN E 44 6.28 -12.17 3.63
C ASN E 44 6.48 -10.98 2.74
N CYS E 45 7.60 -10.99 1.98
CA CYS E 45 7.88 -9.90 1.08
C CYS E 45 8.88 -10.39 0.09
N SER E 46 8.98 -9.72 -1.08
CA SER E 46 9.95 -10.12 -2.08
C SER E 46 11.31 -9.75 -1.54
N GLY E 47 11.39 -8.59 -0.87
CA GLY E 47 12.64 -8.15 -0.31
C GLY E 47 12.36 -6.91 0.47
N VAL E 48 13.36 -6.44 1.23
CA VAL E 48 13.19 -5.25 2.02
C VAL E 48 14.32 -4.34 1.65
N GLN E 49 14.00 -3.07 1.31
CA GLN E 49 15.04 -2.13 0.94
C GLN E 49 14.90 -0.95 1.85
N VAL E 50 16.02 -0.53 2.47
CA VAL E 50 16.00 0.60 3.36
C VAL E 50 17.07 1.55 2.89
N GLY E 51 16.72 2.85 2.74
CA GLY E 51 17.69 3.83 2.31
C GLY E 51 17.92 3.65 0.84
N ASP E 52 16.84 3.66 0.05
CA ASP E 52 16.97 3.49 -1.37
C ASP E 52 17.10 4.87 -1.98
N ASN E 53 18.32 5.21 -2.46
CA ASN E 53 18.53 6.50 -3.07
C ASN E 53 18.32 6.35 -4.56
N ASN E 54 18.02 5.11 -5.01
CA ASN E 54 17.78 4.86 -6.40
C ASN E 54 16.35 4.46 -6.53
N TYR E 55 16.01 3.69 -7.57
CA TYR E 55 14.63 3.28 -7.75
C TYR E 55 14.65 1.88 -8.27
N LEU E 56 13.55 1.14 -8.04
CA LEU E 56 13.46 -0.21 -8.52
C LEU E 56 12.01 -0.50 -8.73
N THR E 57 11.64 -0.96 -9.94
CA THR E 57 10.26 -1.24 -10.23
C THR E 57 9.95 -2.60 -9.67
N MET E 58 8.71 -2.80 -9.19
CA MET E 58 8.33 -4.07 -8.64
C MET E 58 6.99 -4.43 -9.23
N GLN E 59 6.80 -5.73 -9.53
CA GLN E 59 5.55 -6.19 -10.09
C GLN E 59 5.16 -7.41 -9.33
N GLN E 60 3.83 -7.61 -9.15
CA GLN E 60 3.36 -8.76 -8.42
C GLN E 60 2.05 -9.15 -9.04
N THR E 61 1.89 -10.47 -9.31
CA THR E 61 0.66 -10.95 -9.89
C THR E 61 0.08 -11.95 -8.95
N THR E 62 -1.21 -11.79 -8.58
CA THR E 62 -1.85 -12.70 -7.68
C THR E 62 -2.95 -13.37 -8.44
N ALA E 63 -2.99 -14.71 -8.40
CA ALA E 63 -4.01 -15.43 -9.10
C ALA E 63 -4.33 -16.64 -8.27
N LEU E 64 -5.59 -17.12 -8.36
CA LEU E 64 -5.98 -18.27 -7.59
C LEU E 64 -6.59 -19.25 -8.55
N PRO E 65 -6.50 -20.52 -8.23
CA PRO E 65 -7.05 -21.56 -9.06
C PRO E 65 -8.48 -21.86 -8.76
N ARG A 37 -14.15 6.37 21.30
CA ARG A 37 -13.16 5.34 20.87
C ARG A 37 -13.53 4.76 19.54
N PRO A 38 -13.31 5.52 18.49
CA PRO A 38 -13.64 5.07 17.14
C PRO A 38 -12.67 4.05 16.63
N LEU A 39 -13.19 3.09 15.83
CA LEU A 39 -12.35 2.06 15.28
C LEU A 39 -12.50 2.11 13.79
N VAL A 40 -11.39 1.86 13.06
CA VAL A 40 -11.45 1.88 11.62
C VAL A 40 -11.24 0.47 11.14
N ASN A 41 -12.24 -0.07 10.42
CA ASN A 41 -12.15 -1.42 9.92
C ASN A 41 -12.50 -1.36 8.46
N ILE A 42 -11.50 -1.57 7.59
CA ILE A 42 -11.75 -1.53 6.17
C ILE A 42 -11.40 -2.88 5.62
N TYR A 43 -12.35 -3.51 4.89
CA TYR A 43 -12.10 -4.81 4.34
C TYR A 43 -11.46 -4.64 2.99
N ASN A 44 -12.16 -3.97 2.05
CA ASN A 44 -11.61 -3.78 0.73
C ASN A 44 -11.71 -2.33 0.40
N CYS A 45 -10.59 -1.74 -0.09
CA CYS A 45 -10.60 -0.35 -0.43
C CYS A 45 -9.45 -0.12 -1.37
N SER A 46 -9.44 1.05 -2.05
CA SER A 46 -8.37 1.35 -2.95
C SER A 46 -7.11 1.54 -2.14
N GLY A 47 -7.22 2.25 -1.01
CA GLY A 47 -6.05 2.47 -0.19
C GLY A 47 -6.50 3.23 1.02
N VAL A 48 -5.57 3.44 1.97
CA VAL A 48 -5.91 4.16 3.17
C VAL A 48 -4.92 5.26 3.32
N GLN A 49 -5.42 6.50 3.55
CA GLN A 49 -4.57 7.65 3.71
C GLN A 49 -4.42 7.90 5.18
N VAL A 50 -3.17 7.79 5.70
CA VAL A 50 -2.96 8.01 7.12
C VAL A 50 -1.80 8.96 7.27
N GLY A 51 -2.02 10.07 8.03
CA GLY A 51 -0.95 11.01 8.27
C GLY A 51 -0.57 11.71 7.00
N ASP A 52 -1.57 12.25 6.26
CA ASP A 52 -1.25 12.94 5.04
C ASP A 52 -0.68 14.28 5.41
N ASN A 53 0.51 14.60 4.86
CA ASN A 53 1.12 15.86 5.16
C ASN A 53 0.79 16.82 4.06
N ASN A 54 0.59 16.31 2.83
CA ASN A 54 0.26 17.17 1.72
C ASN A 54 -1.08 16.73 1.19
N TYR A 55 -1.09 15.90 0.13
CA TYR A 55 -2.33 15.45 -0.43
C TYR A 55 -2.08 14.12 -1.09
N LEU A 56 -3.16 13.35 -1.30
CA LEU A 56 -3.04 12.06 -1.92
C LEU A 56 -4.07 12.01 -3.00
N THR A 57 -3.66 11.67 -4.24
CA THR A 57 -4.60 11.60 -5.33
C THR A 57 -5.00 10.16 -5.46
N MET A 58 -6.26 9.92 -5.84
CA MET A 58 -6.73 8.57 -5.96
C MET A 58 -7.67 8.52 -7.13
N GLN A 59 -7.46 7.52 -8.02
CA GLN A 59 -8.32 7.38 -9.16
C GLN A 59 -8.76 5.96 -9.20
N GLN A 60 -10.09 5.74 -9.26
CA GLN A 60 -10.62 4.41 -9.30
C GLN A 60 -11.45 4.31 -10.55
N THR A 61 -11.16 3.29 -11.39
CA THR A 61 -11.89 3.12 -12.62
C THR A 61 -12.56 1.78 -12.54
N THR A 62 -13.89 1.76 -12.77
CA THR A 62 -14.62 0.52 -12.72
C THR A 62 -15.17 0.30 -14.11
N ALA A 63 -14.89 -0.89 -14.69
CA ALA A 63 -15.37 -1.17 -16.01
C ALA A 63 -16.66 -1.94 -15.86
N LEU A 64 -17.76 -1.36 -16.38
CA LEU A 64 -19.05 -2.00 -16.29
C LEU A 64 -19.14 -3.00 -17.41
N PRO A 65 -19.89 -4.06 -17.19
CA PRO A 65 -20.05 -5.09 -18.19
C PRO A 65 -21.18 -4.79 -19.15
N ARG B 37 -7.39 6.18 21.63
CA ARG B 37 -6.45 5.22 20.97
C ARG B 37 -7.18 4.42 19.93
N PRO B 38 -7.34 4.99 18.77
CA PRO B 38 -8.02 4.34 17.66
C PRO B 38 -7.18 3.25 17.03
N LEU B 39 -7.84 2.22 16.47
CA LEU B 39 -7.13 1.14 15.85
C LEU B 39 -7.51 1.14 14.40
N VAL B 40 -6.51 0.86 13.51
CA VAL B 40 -6.77 0.83 12.11
C VAL B 40 -6.52 -0.57 11.64
N ASN B 41 -7.58 -1.21 11.08
CA ASN B 41 -7.45 -2.57 10.61
C ASN B 41 -7.73 -2.55 9.13
N ILE B 42 -6.71 -2.92 8.32
CA ILE B 42 -6.87 -2.92 6.89
C ILE B 42 -6.65 -4.33 6.42
N TYR B 43 -7.64 -4.91 5.70
CA TYR B 43 -7.50 -6.27 5.23
C TYR B 43 -6.88 -6.24 3.86
N ASN B 44 -7.65 -5.78 2.84
CA ASN B 44 -7.12 -5.76 1.49
C ASN B 44 -7.15 -4.35 1.00
N CYS B 45 -6.03 -3.90 0.39
CA CYS B 45 -5.97 -2.56 -0.12
C CYS B 45 -4.83 -2.53 -1.11
N SER B 46 -4.77 -1.48 -1.97
CA SER B 46 -3.68 -1.41 -2.91
C SER B 46 -2.43 -1.16 -2.12
N GLY B 47 -2.49 -0.27 -1.12
CA GLY B 47 -1.33 0.01 -0.33
C GLY B 47 -1.75 0.88 0.79
N VAL B 48 -0.82 1.10 1.75
CA VAL B 48 -1.11 1.92 2.89
C VAL B 48 -0.06 3.00 2.91
N GLN B 49 -0.50 4.26 3.01
CA GLN B 49 0.42 5.37 3.03
C GLN B 49 0.44 5.91 4.44
N VAL B 50 1.62 5.86 5.10
CA VAL B 50 1.73 6.39 6.44
C VAL B 50 2.80 7.44 6.41
N GLY B 51 2.39 8.72 6.41
CA GLY B 51 3.35 9.81 6.38
C GLY B 51 3.78 9.99 4.96
N ASP B 52 3.96 11.25 4.51
CA ASP B 52 4.38 11.46 3.15
C ASP B 52 4.83 12.89 3.01
N ASN B 53 6.16 13.09 2.86
CA ASN B 53 6.69 14.42 2.69
C ASN B 53 6.22 14.95 1.36
N ASN B 54 6.16 14.07 0.34
CA ASN B 54 5.72 14.47 -0.97
C ASN B 54 4.32 13.93 -1.16
N TYR B 55 3.75 14.13 -2.36
CA TYR B 55 2.42 13.66 -2.64
C TYR B 55 2.51 12.21 -3.05
N LEU B 56 1.35 11.51 -3.01
CA LEU B 56 1.31 10.12 -3.38
C LEU B 56 0.20 9.96 -4.37
N THR B 57 0.42 9.12 -5.41
CA THR B 57 -0.61 8.91 -6.41
C THR B 57 -0.97 7.45 -6.36
N MET B 58 -2.25 7.13 -6.64
CA MET B 58 -2.67 5.75 -6.60
C MET B 58 -3.75 5.58 -7.63
N GLN B 59 -3.66 4.48 -8.42
CA GLN B 59 -4.64 4.23 -9.44
C GLN B 59 -5.09 2.81 -9.28
N GLN B 60 -6.43 2.58 -9.25
CA GLN B 60 -6.94 1.24 -9.10
C GLN B 60 -7.93 1.02 -10.20
N THR B 61 -7.80 -0.11 -10.92
CA THR B 61 -8.72 -0.42 -12.00
C THR B 61 -9.41 -1.71 -11.65
N THR B 62 -10.76 -1.71 -11.71
CA THR B 62 -11.51 -2.90 -11.39
C THR B 62 -12.32 -3.25 -12.60
N ALA B 63 -12.21 -4.52 -13.06
CA ALA B 63 -12.96 -4.95 -14.22
C ALA B 63 -14.04 -5.86 -13.74
N LEU B 64 -15.29 -5.57 -14.14
CA LEU B 64 -16.40 -6.39 -13.74
C LEU B 64 -16.66 -7.37 -14.85
N PRO B 65 -17.20 -8.52 -14.50
CA PRO B 65 -17.50 -9.55 -15.48
C PRO B 65 -18.86 -9.41 -16.08
N ARG C 37 -1.26 6.33 20.90
CA ARG C 37 -0.41 5.31 20.24
C ARG C 37 -1.23 4.33 19.46
N PRO C 38 -1.68 4.76 18.29
CA PRO C 38 -2.49 3.92 17.43
C PRO C 38 -1.71 2.82 16.77
N LEU C 39 -2.39 1.71 16.45
CA LEU C 39 -1.72 0.59 15.81
C LEU C 39 -2.35 0.41 14.47
N VAL C 40 -1.52 0.06 13.47
CA VAL C 40 -2.03 -0.15 12.14
C VAL C 40 -1.74 -1.57 11.77
N ASN C 41 -2.79 -2.34 11.41
CA ASN C 41 -2.62 -3.72 11.06
C ASN C 41 -2.91 -3.85 9.59
N ILE C 42 -1.91 -4.33 8.81
CA ILE C 42 -2.10 -4.48 7.38
C ILE C 42 -1.95 -5.94 7.07
N TYR C 43 -2.99 -6.52 6.41
CA TYR C 43 -2.93 -7.93 6.09
C TYR C 43 -2.36 -8.11 4.71
N ASN C 44 -3.14 -7.74 3.66
CA ASN C 44 -2.67 -7.92 2.31
C ASN C 44 -2.67 -6.58 1.63
N CYS C 45 -1.57 -6.27 0.93
CA CYS C 45 -1.48 -5.02 0.23
C CYS C 45 -0.39 -5.17 -0.79
N SER C 46 -0.33 -4.24 -1.77
CA SER C 46 0.71 -4.31 -2.76
C SER C 46 2.00 -4.00 -2.07
N GLY C 47 1.98 -2.99 -1.18
CA GLY C 47 3.18 -2.62 -0.48
C GLY C 47 2.80 -1.65 0.58
N VAL C 48 3.77 -1.32 1.47
CA VAL C 48 3.51 -0.38 2.52
C VAL C 48 4.59 0.65 2.42
N GLN C 49 4.19 1.94 2.42
CA GLN C 49 5.15 3.01 2.33
C GLN C 49 5.09 3.78 3.62
N VAL C 50 6.22 3.80 4.35
CA VAL C 50 6.28 4.53 5.59
C VAL C 50 7.47 5.44 5.51
N GLY C 51 7.22 6.75 5.32
CA GLY C 51 8.30 7.71 5.24
C GLY C 51 8.85 7.69 3.85
N ASP C 52 8.90 8.87 3.19
CA ASP C 52 9.43 8.94 1.86
C ASP C 52 9.85 10.37 1.63
N ASN C 53 10.87 10.57 0.76
CA ASN C 53 11.32 11.91 0.47
C ASN C 53 10.98 12.23 -0.95
N ASN C 54 10.10 11.43 -1.57
CA ASN C 54 9.73 11.67 -2.94
C ASN C 54 8.35 11.10 -3.13
N TYR C 55 7.79 11.23 -4.34
CA TYR C 55 6.47 10.75 -4.60
C TYR C 55 6.52 9.27 -4.84
N LEU C 56 5.38 8.59 -4.62
CA LEU C 56 5.30 7.17 -4.81
C LEU C 56 4.14 6.92 -5.72
N THR C 57 4.34 6.04 -6.73
CA THR C 57 3.27 5.73 -7.65
C THR C 57 2.92 4.29 -7.42
N MET C 58 1.62 3.95 -7.59
CA MET C 58 1.21 2.59 -7.39
C MET C 58 0.02 2.34 -8.26
N GLN C 59 -0.01 1.17 -8.94
CA GLN C 59 -1.11 0.85 -9.81
C GLN C 59 -1.53 -0.55 -9.48
N GLN C 60 -2.85 -0.75 -9.26
CA GLN C 60 -3.35 -2.07 -8.95
C GLN C 60 -4.49 -2.36 -9.88
N THR C 61 -4.46 -3.54 -10.53
CA THR C 61 -5.52 -3.90 -11.44
C THR C 61 -6.17 -5.14 -10.89
N THR C 62 -7.50 -5.11 -10.75
CA THR C 62 -8.20 -6.26 -10.23
C THR C 62 -9.16 -6.72 -11.29
N ALA C 63 -9.09 -8.01 -11.65
CA ALA C 63 -9.96 -8.55 -12.66
C ALA C 63 -10.84 -9.57 -11.99
N LEU C 64 -12.18 -9.46 -12.21
CA LEU C 64 -13.10 -10.38 -11.62
C LEU C 64 -13.51 -11.36 -12.69
N PRO C 65 -13.83 -12.56 -12.28
CA PRO C 65 -14.24 -13.61 -13.19
C PRO C 65 -15.71 -13.63 -13.46
N ARG D 37 5.03 5.81 19.96
CA ARG D 37 5.83 4.74 19.30
C ARG D 37 4.93 3.68 18.73
N PRO D 38 4.35 3.97 17.58
CA PRO D 38 3.46 3.04 16.91
C PRO D 38 4.18 1.89 16.29
N LEU D 39 3.47 0.75 16.12
CA LEU D 39 4.07 -0.41 15.52
C LEU D 39 3.37 -0.67 14.23
N VAL D 40 4.13 -1.15 13.23
CA VAL D 40 3.55 -1.43 11.93
C VAL D 40 3.65 -2.91 11.73
N ASN D 41 2.50 -3.56 11.46
CA ASN D 41 2.47 -4.99 11.26
C ASN D 41 2.08 -5.25 9.83
N ILE D 42 3.01 -5.87 9.06
CA ILE D 42 2.73 -6.17 7.67
C ILE D 42 2.80 -7.66 7.52
N TYR D 43 1.72 -8.29 6.99
CA TYR D 43 1.71 -9.72 6.84
C TYR D 43 2.18 -10.07 5.45
N ASN D 44 1.35 -9.81 4.42
CA ASN D 44 1.73 -10.16 3.07
C ASN D 44 1.77 -8.91 2.26
N CYS D 45 2.85 -8.74 1.46
CA CYS D 45 2.97 -7.58 0.63
C CYS D 45 3.96 -7.90 -0.44
N SER D 46 3.96 -7.12 -1.54
CA SER D 46 4.90 -7.37 -2.60
C SER D 46 6.26 -6.99 -2.09
N GLY D 47 6.34 -5.87 -1.34
CA GLY D 47 7.61 -5.43 -0.82
C GLY D 47 7.32 -4.34 0.17
N VAL D 48 8.35 -3.95 0.95
CA VAL D 48 8.19 -2.91 1.94
C VAL D 48 9.23 -1.88 1.66
N GLN D 49 8.82 -0.60 1.56
CA GLN D 49 9.75 0.47 1.31
C GLN D 49 9.71 1.40 2.48
N VAL D 50 10.87 1.56 3.16
CA VAL D 50 10.93 2.46 4.29
C VAL D 50 12.08 3.39 4.07
N GLY D 51 11.77 4.67 3.76
CA GLY D 51 12.82 5.64 3.53
C GLY D 51 13.32 5.48 2.12
N ASP D 52 13.39 6.60 1.37
CA ASP D 52 13.86 6.53 0.02
C ASP D 52 14.29 7.92 -0.37
N ASN D 53 15.28 8.01 -1.29
CA ASN D 53 15.75 9.30 -1.73
C ASN D 53 15.38 9.44 -3.17
N ASN D 54 14.45 8.59 -3.64
CA ASN D 54 14.04 8.65 -5.02
C ASN D 54 12.63 8.13 -5.07
N TYR D 55 12.01 8.17 -6.27
CA TYR D 55 10.65 7.71 -6.40
C TYR D 55 10.67 6.23 -6.61
N LEU D 56 9.52 5.58 -6.37
CA LEU D 56 9.42 4.15 -6.53
C LEU D 56 8.16 3.88 -7.30
N THR D 57 8.12 2.74 -8.02
CA THR D 57 6.95 2.40 -8.77
C THR D 57 6.59 1.00 -8.37
N MET D 58 5.29 0.66 -8.43
CA MET D 58 4.88 -0.66 -8.06
C MET D 58 3.62 -0.97 -8.79
N GLN D 59 3.53 -2.20 -9.37
CA GLN D 59 2.37 -2.58 -10.11
C GLN D 59 1.98 -3.95 -9.63
N GLN D 60 0.68 -4.14 -9.30
CA GLN D 60 0.24 -5.43 -8.84
C GLN D 60 -1.02 -5.77 -9.59
N THR D 61 -1.10 -7.01 -10.11
CA THR D 61 -2.26 -7.44 -10.84
C THR D 61 -2.90 -8.53 -10.04
N THR D 62 -4.20 -8.40 -9.76
CA THR D 62 -4.90 -9.40 -8.99
C THR D 62 -5.96 -10.01 -9.86
N ALA D 63 -5.96 -11.36 -9.94
CA ALA D 63 -6.94 -12.04 -10.76
C ALA D 63 -7.56 -13.10 -9.90
N LEU D 64 -8.86 -13.38 -10.13
CA LEU D 64 -9.54 -14.38 -9.35
C LEU D 64 -10.15 -15.35 -10.32
N PRO D 65 -10.34 -16.58 -9.88
CA PRO D 65 -10.90 -17.62 -10.71
C PRO D 65 -12.40 -17.66 -10.64
N ARG E 37 11.56 5.22 18.42
CA ARG E 37 12.12 4.10 17.61
C ARG E 37 11.08 3.05 17.34
N PRO E 38 10.29 3.27 16.32
CA PRO E 38 9.24 2.34 15.94
C PRO E 38 9.78 1.10 15.30
N LEU E 39 9.02 -0.02 15.41
CA LEU E 39 9.46 -1.27 14.84
C LEU E 39 8.49 -1.64 13.77
N VAL E 40 9.02 -2.19 12.66
CA VAL E 40 8.17 -2.60 11.56
C VAL E 40 8.30 -4.08 11.45
N ASN E 41 7.16 -4.80 11.55
CA ASN E 41 7.18 -6.24 11.47
C ASN E 41 6.82 -6.63 10.06
N ILE E 42 7.77 -7.30 9.36
CA ILE E 42 7.53 -7.71 8.00
C ILE E 42 7.60 -9.20 7.98
N TYR E 43 6.55 -9.88 7.45
CA TYR E 43 6.53 -11.31 7.42
C TYR E 43 6.92 -11.77 6.04
N ASN E 44 5.95 -11.77 5.08
CA ASN E 44 6.24 -12.24 3.75
C ASN E 44 6.34 -11.06 2.83
N CYS E 45 7.44 -11.01 2.05
CA CYS E 45 7.62 -9.94 1.11
C CYS E 45 8.64 -10.39 0.12
N SER E 46 8.70 -9.73 -1.06
CA SER E 46 9.68 -10.09 -2.07
C SER E 46 11.02 -9.72 -1.53
N GLY E 47 11.08 -8.54 -0.86
CA GLY E 47 12.33 -8.08 -0.30
C GLY E 47 12.01 -6.86 0.49
N VAL E 48 13.03 -6.31 1.18
CA VAL E 48 12.83 -5.12 1.97
C VAL E 48 13.84 -4.14 1.50
N GLN E 49 13.39 -2.90 1.17
CA GLN E 49 14.29 -1.90 0.69
C GLN E 49 14.27 -0.76 1.67
N VAL E 50 15.44 -0.46 2.28
CA VAL E 50 15.52 0.62 3.22
C VAL E 50 16.65 1.51 2.77
N GLY E 51 16.30 2.71 2.25
CA GLY E 51 17.31 3.64 1.79
C GLY E 51 17.72 3.26 0.41
N ASP E 52 17.75 4.24 -0.52
CA ASP E 52 18.16 3.96 -1.86
C ASP E 52 18.37 5.28 -2.55
N ASN E 53 19.22 5.28 -3.61
CA ASN E 53 19.47 6.50 -4.34
C ASN E 53 18.89 6.33 -5.71
N ASN E 54 18.67 5.06 -6.12
CA ASN E 54 18.12 4.79 -7.43
C ASN E 54 16.69 4.40 -7.23
N TYR E 55 15.87 4.51 -8.29
CA TYR E 55 14.48 4.16 -8.19
C TYR E 55 14.39 2.65 -8.22
N LEU E 56 13.35 2.10 -7.55
CA LEU E 56 13.18 0.67 -7.51
C LEU E 56 11.83 0.37 -8.09
N THR E 57 11.80 -0.58 -9.05
CA THR E 57 10.55 -0.96 -9.68
C THR E 57 10.21 -2.34 -9.18
N MET E 58 8.91 -2.65 -9.06
CA MET E 58 8.53 -3.95 -8.57
C MET E 58 7.23 -4.31 -9.23
N GLN E 59 7.11 -5.58 -9.68
CA GLN E 59 5.90 -6.02 -10.32
C GLN E 59 5.58 -7.38 -9.76
N GLN E 60 4.31 -7.61 -9.39
CA GLN E 60 3.93 -8.89 -8.84
C GLN E 60 2.55 -9.20 -9.33
N THR E 61 2.30 -10.48 -9.69
CA THR E 61 1.01 -10.88 -10.18
C THR E 61 0.47 -11.87 -9.18
N THR E 62 -0.78 -11.64 -8.73
CA THR E 62 -1.39 -12.53 -7.77
C THR E 62 -2.58 -13.14 -8.43
N ALA E 63 -2.66 -14.49 -8.40
CA ALA E 63 -3.76 -15.17 -9.01
C ALA E 63 -4.00 -16.41 -8.22
N LEU E 64 -5.27 -16.90 -8.23
CA LEU E 64 -5.59 -18.08 -7.49
C LEU E 64 -6.27 -19.02 -8.45
N PRO E 65 -6.14 -20.31 -8.21
CA PRO E 65 -6.75 -21.31 -9.06
C PRO E 65 -8.14 -21.67 -8.65
N ARG A 37 -13.77 6.67 21.49
CA ARG A 37 -12.70 5.87 20.84
C ARG A 37 -13.28 5.01 19.73
N PRO A 38 -13.52 5.63 18.60
CA PRO A 38 -14.07 4.93 17.45
C PRO A 38 -13.08 4.03 16.78
N LEU A 39 -13.58 2.97 16.13
CA LEU A 39 -12.71 2.05 15.44
C LEU A 39 -13.00 2.16 13.98
N VAL A 40 -11.95 2.10 13.14
CA VAL A 40 -12.14 2.21 11.72
C VAL A 40 -11.64 0.95 11.09
N ASN A 41 -12.53 0.24 10.35
CA ASN A 41 -12.15 -0.98 9.71
C ASN A 41 -12.22 -0.73 8.23
N ILE A 42 -11.11 -1.00 7.52
CA ILE A 42 -11.08 -0.79 6.09
C ILE A 42 -10.87 -2.14 5.46
N TYR A 43 -11.81 -2.56 4.60
CA TYR A 43 -11.70 -3.85 3.97
C TYR A 43 -11.11 -3.62 2.60
N ASN A 44 -11.77 -4.13 1.54
CA ASN A 44 -11.26 -3.97 0.20
C ASN A 44 -11.40 -2.50 -0.14
N CYS A 45 -10.31 -1.88 -0.62
CA CYS A 45 -10.37 -0.49 -0.96
C CYS A 45 -9.26 -0.20 -1.92
N SER A 46 -9.29 1.02 -2.50
CA SER A 46 -8.27 1.41 -3.44
C SER A 46 -6.96 1.51 -2.70
N GLY A 47 -6.98 2.04 -1.46
CA GLY A 47 -5.76 2.13 -0.71
C GLY A 47 -6.08 2.81 0.58
N VAL A 48 -5.10 2.81 1.51
CA VAL A 48 -5.29 3.45 2.78
C VAL A 48 -4.14 4.38 2.96
N GLN A 49 -4.44 5.66 3.24
CA GLN A 49 -3.40 6.63 3.43
C GLN A 49 -3.59 7.27 4.76
N VAL A 50 -2.48 7.48 5.49
CA VAL A 50 -2.54 8.12 6.77
C VAL A 50 -2.60 9.59 6.50
N GLY A 51 -3.49 10.31 7.21
CA GLY A 51 -3.65 11.73 6.98
C GLY A 51 -2.35 12.42 7.22
N ASP A 52 -2.06 13.43 6.35
CA ASP A 52 -0.84 14.17 6.48
C ASP A 52 -1.03 15.41 5.64
N ASN A 53 0.04 16.21 5.48
CA ASN A 53 -0.04 17.43 4.71
C ASN A 53 0.09 17.08 3.25
N ASN A 54 0.05 18.14 2.39
CA ASN A 54 0.16 17.99 0.96
C ASN A 54 -1.17 17.53 0.42
N TYR A 55 -1.17 16.80 -0.72
CA TYR A 55 -2.41 16.38 -1.31
C TYR A 55 -2.33 14.92 -1.67
N LEU A 56 -3.51 14.27 -1.69
CA LEU A 56 -3.59 12.88 -2.01
C LEU A 56 -4.63 12.75 -3.10
N THR A 57 -4.27 12.05 -4.21
CA THR A 57 -5.22 11.87 -5.28
C THR A 57 -5.48 10.41 -5.42
N MET A 58 -6.69 10.05 -5.87
CA MET A 58 -7.05 8.67 -6.01
C MET A 58 -7.89 8.54 -7.23
N GLN A 59 -7.57 7.54 -8.09
CA GLN A 59 -8.34 7.34 -9.30
C GLN A 59 -8.84 5.93 -9.25
N GLN A 60 -10.17 5.75 -9.39
CA GLN A 60 -10.74 4.42 -9.37
C GLN A 60 -11.63 4.30 -10.57
N THR A 61 -11.44 3.22 -11.35
CA THR A 61 -12.26 3.03 -12.53
C THR A 61 -12.88 1.67 -12.40
N THR A 62 -14.22 1.59 -12.56
CA THR A 62 -14.91 0.33 -12.46
C THR A 62 -15.55 0.06 -13.79
N ALA A 63 -15.28 -1.13 -14.36
CA ALA A 63 -15.85 -1.47 -15.64
C ALA A 63 -16.86 -2.56 -15.40
N LEU A 64 -18.08 -2.36 -15.95
CA LEU A 64 -19.14 -3.34 -15.79
C LEU A 64 -19.69 -3.65 -17.15
N PRO A 65 -19.01 -4.49 -17.88
CA PRO A 65 -19.45 -4.87 -19.20
C PRO A 65 -20.41 -6.03 -19.20
N ARG B 37 -7.38 6.57 21.62
CA ARG B 37 -6.45 5.66 20.90
C ARG B 37 -7.19 4.76 19.96
N PRO B 38 -7.55 5.29 18.81
CA PRO B 38 -8.28 4.53 17.81
C PRO B 38 -7.41 3.51 17.12
N LEU B 39 -8.04 2.42 16.63
CA LEU B 39 -7.30 1.39 15.95
C LEU B 39 -7.77 1.37 14.54
N VAL B 40 -6.82 1.16 13.60
CA VAL B 40 -7.18 1.12 12.20
C VAL B 40 -6.77 -0.22 11.67
N ASN B 41 -7.75 -0.97 11.10
CA ASN B 41 -7.45 -2.28 10.56
C ASN B 41 -7.54 -2.17 9.07
N ILE B 42 -6.48 -2.60 8.36
CA ILE B 42 -6.45 -2.54 6.93
C ILE B 42 -6.31 -3.94 6.43
N TYR B 43 -7.27 -4.40 5.59
CA TYR B 43 -7.20 -5.74 5.09
C TYR B 43 -6.56 -5.70 3.72
N ASN B 44 -7.36 -5.99 2.65
CA ASN B 44 -6.82 -6.00 1.31
C ASN B 44 -6.84 -4.59 0.80
N CYS B 45 -5.72 -4.15 0.20
CA CYS B 45 -5.65 -2.81 -0.31
C CYS B 45 -4.54 -2.77 -1.34
N SER B 46 -4.43 -1.64 -2.06
CA SER B 46 -3.39 -1.51 -3.06
C SER B 46 -2.14 -1.06 -2.39
N GLY B 47 -2.17 -0.90 -1.06
CA GLY B 47 -0.97 -0.49 -0.37
C GLY B 47 -1.36 0.39 0.76
N VAL B 48 -0.44 0.53 1.72
CA VAL B 48 -0.66 1.36 2.86
C VAL B 48 0.47 2.35 2.85
N GLN B 49 0.14 3.65 2.86
CA GLN B 49 1.19 4.64 2.81
C GLN B 49 1.24 5.33 4.14
N VAL B 50 2.46 5.37 4.72
CA VAL B 50 2.66 6.04 5.99
C VAL B 50 2.69 7.50 5.66
N GLY B 51 1.99 8.31 6.48
CA GLY B 51 1.90 9.73 6.23
C GLY B 51 3.26 10.35 6.25
N ASP B 52 3.47 11.31 5.32
CA ASP B 52 4.70 12.01 5.23
C ASP B 52 4.41 13.24 4.43
N ASN B 53 5.41 14.13 4.25
CA ASN B 53 5.17 15.35 3.52
C ASN B 53 5.55 15.13 2.09
N ASN B 54 4.57 14.67 1.26
CA ASN B 54 4.85 14.48 -0.14
C ASN B 54 3.55 14.19 -0.83
N TYR B 55 3.57 14.27 -2.18
CA TYR B 55 2.40 14.02 -2.98
C TYR B 55 2.37 12.54 -3.28
N LEU B 56 1.22 11.90 -3.00
CA LEU B 56 1.06 10.48 -3.23
C LEU B 56 -0.06 10.29 -4.21
N THR B 57 0.02 9.21 -5.04
CA THR B 57 -1.03 8.95 -6.00
C THR B 57 -1.45 7.52 -5.86
N MET B 58 -2.69 7.21 -6.29
CA MET B 58 -3.21 5.87 -6.18
C MET B 58 -4.11 5.65 -7.36
N GLN B 59 -3.95 4.49 -8.06
CA GLN B 59 -4.77 4.20 -9.20
C GLN B 59 -5.22 2.77 -9.07
N GLN B 60 -6.55 2.53 -9.20
CA GLN B 60 -7.07 1.19 -9.09
C GLN B 60 -8.08 0.99 -10.20
N THR B 61 -7.97 -0.15 -10.91
CA THR B 61 -8.90 -0.44 -11.98
C THR B 61 -9.56 -1.74 -11.61
N THR B 62 -10.92 -1.75 -11.63
CA THR B 62 -11.64 -2.97 -11.29
C THR B 62 -12.50 -3.32 -12.45
N ALA B 63 -12.40 -4.59 -12.92
CA ALA B 63 -13.20 -5.04 -14.03
C ALA B 63 -14.02 -6.19 -13.53
N LEU B 64 -15.34 -6.15 -13.85
CA LEU B 64 -16.22 -7.22 -13.40
C LEU B 64 -16.98 -7.71 -14.61
N PRO B 65 -16.34 -8.51 -15.44
CA PRO B 65 -16.98 -9.06 -16.61
C PRO B 65 -17.71 -10.33 -16.35
N ARG C 37 -1.16 6.12 21.27
CA ARG C 37 -0.37 5.02 20.66
C ARG C 37 -1.25 4.17 19.78
N PRO C 38 -1.57 4.68 18.60
CA PRO C 38 -2.40 3.96 17.65
C PRO C 38 -1.68 2.83 16.99
N LEU C 39 -2.42 1.75 16.64
CA LEU C 39 -1.80 0.62 16.01
C LEU C 39 -2.44 0.46 14.65
N VAL C 40 -1.62 0.11 13.64
CA VAL C 40 -2.12 -0.07 12.31
C VAL C 40 -1.77 -1.47 11.90
N ASN C 41 -2.80 -2.27 11.52
CA ASN C 41 -2.55 -3.63 11.12
C ASN C 41 -2.69 -3.71 9.64
N ILE C 42 -1.67 -4.27 8.97
CA ILE C 42 -1.70 -4.40 7.53
C ILE C 42 -1.57 -5.86 7.23
N TYR C 43 -2.54 -6.42 6.48
CA TYR C 43 -2.49 -7.84 6.18
C TYR C 43 -1.94 -8.03 4.80
N ASN C 44 -2.83 -8.03 3.77
CA ASN C 44 -2.38 -8.23 2.41
C ASN C 44 -2.43 -6.92 1.72
N CYS C 45 -1.35 -6.54 1.03
CA CYS C 45 -1.34 -5.28 0.35
C CYS C 45 -0.31 -5.36 -0.73
N SER C 46 -0.34 -4.39 -1.68
CA SER C 46 0.63 -4.40 -2.74
C SER C 46 1.97 -4.10 -2.13
N GLY C 47 2.01 -3.16 -1.17
CA GLY C 47 3.26 -2.84 -0.55
C GLY C 47 3.00 -1.84 0.53
N VAL C 48 4.02 -1.64 1.38
CA VAL C 48 3.91 -0.70 2.46
C VAL C 48 5.09 0.20 2.31
N GLN C 49 4.86 1.53 2.26
CA GLN C 49 5.95 2.45 2.08
C GLN C 49 6.08 3.27 3.32
N VAL C 50 7.31 3.33 3.86
CA VAL C 50 7.58 4.12 5.03
C VAL C 50 7.64 5.53 4.54
N GLY C 51 7.11 6.48 5.35
CA GLY C 51 7.06 7.86 4.94
C GLY C 51 8.43 8.34 4.56
N ASP C 52 8.47 9.11 3.45
CA ASP C 52 9.70 9.67 2.98
C ASP C 52 9.29 10.79 2.07
N ASN C 53 10.25 11.65 1.67
CA ASN C 53 9.92 12.77 0.83
C ASN C 53 10.24 12.42 -0.60
N ASN C 54 9.33 11.68 -1.28
CA ASN C 54 9.57 11.36 -2.66
C ASN C 54 8.26 10.94 -3.26
N TYR C 55 8.19 11.03 -4.61
CA TYR C 55 6.99 10.69 -5.34
C TYR C 55 6.81 9.20 -5.31
N LEU C 56 5.55 8.75 -5.07
CA LEU C 56 5.27 7.34 -5.00
C LEU C 56 4.03 7.08 -5.82
N THR C 57 4.08 6.05 -6.68
CA THR C 57 2.93 5.71 -7.50
C THR C 57 2.56 4.29 -7.16
N MET C 58 1.25 3.96 -7.32
CA MET C 58 0.80 2.63 -7.03
C MET C 58 -0.31 2.33 -8.00
N GLN C 59 -0.25 1.16 -8.65
CA GLN C 59 -1.26 0.79 -9.60
C GLN C 59 -1.70 -0.60 -9.30
N GLN C 60 -3.03 -0.83 -9.20
CA GLN C 60 -3.53 -2.15 -8.92
C GLN C 60 -4.64 -2.43 -9.89
N THR C 61 -4.62 -3.62 -10.51
CA THR C 61 -5.66 -4.00 -11.44
C THR C 61 -6.32 -5.20 -10.86
N THR C 62 -7.67 -5.15 -10.72
CA THR C 62 -8.40 -6.26 -10.16
C THR C 62 -9.37 -6.74 -11.20
N ALA C 63 -9.33 -8.05 -11.51
CA ALA C 63 -10.25 -8.59 -12.48
C ALA C 63 -10.95 -9.74 -11.83
N LEU C 64 -12.31 -9.76 -11.94
CA LEU C 64 -13.07 -10.83 -11.34
C LEU C 64 -13.99 -11.38 -12.40
N PRO C 65 -13.46 -12.23 -13.25
CA PRO C 65 -14.25 -12.83 -14.31
C PRO C 65 -14.95 -14.09 -13.88
N ARG D 37 5.16 5.62 20.30
CA ARG D 37 5.93 4.52 19.66
C ARG D 37 5.01 3.51 19.03
N PRO D 38 4.50 3.84 17.86
CA PRO D 38 3.60 2.95 17.15
C PRO D 38 4.31 1.78 16.53
N LEU D 39 3.57 0.68 16.30
CA LEU D 39 4.16 -0.50 15.72
C LEU D 39 3.47 -0.74 14.40
N VAL D 40 4.25 -1.17 13.39
CA VAL D 40 3.68 -1.44 12.09
C VAL D 40 3.94 -2.88 11.78
N ASN D 41 2.87 -3.64 11.49
CA ASN D 41 3.02 -5.05 11.18
C ASN D 41 2.65 -5.24 9.74
N ILE D 42 3.58 -5.85 8.96
CA ILE D 42 3.32 -6.11 7.56
C ILE D 42 3.40 -7.59 7.41
N TYR D 43 2.31 -8.23 6.92
CA TYR D 43 2.32 -9.67 6.79
C TYR D 43 2.70 -10.04 5.38
N ASN D 44 1.80 -9.83 4.41
CA ASN D 44 2.10 -10.20 3.04
C ASN D 44 2.09 -8.96 2.21
N CYS D 45 3.13 -8.78 1.37
CA CYS D 45 3.20 -7.62 0.54
C CYS D 45 4.15 -7.92 -0.58
N SER D 46 4.13 -7.09 -1.65
CA SER D 46 5.03 -7.31 -2.75
C SER D 46 6.41 -6.96 -2.27
N GLY D 47 6.52 -5.87 -1.47
CA GLY D 47 7.80 -5.47 -0.97
C GLY D 47 7.60 -4.38 0.03
N VAL D 48 8.66 -4.05 0.77
CA VAL D 48 8.58 -3.01 1.77
C VAL D 48 9.73 -2.07 1.48
N GLN D 49 9.43 -0.76 1.39
CA GLN D 49 10.47 0.20 1.12
C GLN D 49 10.58 1.10 2.32
N VAL D 50 11.81 1.17 2.88
CA VAL D 50 12.04 2.00 4.05
C VAL D 50 13.17 2.92 3.73
N GLY D 51 12.96 4.25 3.95
CA GLY D 51 14.02 5.20 3.69
C GLY D 51 14.26 5.29 2.22
N ASP D 52 13.17 5.25 1.42
CA ASP D 52 13.31 5.33 -0.02
C ASP D 52 13.39 6.80 -0.35
N ASN D 53 14.57 7.23 -0.86
CA ASN D 53 14.75 8.63 -1.18
C ASN D 53 14.68 8.82 -2.67
N ASN D 54 14.05 7.87 -3.40
CA ASN D 54 13.96 8.02 -4.83
C ASN D 54 12.59 7.59 -5.27
N TYR D 55 12.32 7.75 -6.58
CA TYR D 55 11.05 7.41 -7.17
C TYR D 55 10.85 5.92 -7.06
N LEU D 56 9.63 5.51 -6.64
CA LEU D 56 9.32 4.11 -6.48
C LEU D 56 8.03 3.83 -7.21
N THR D 57 7.99 2.70 -7.96
CA THR D 57 6.79 2.33 -8.66
C THR D 57 6.36 1.00 -8.14
N MET D 58 5.03 0.74 -8.15
CA MET D 58 4.52 -0.51 -7.66
C MET D 58 3.35 -0.88 -8.52
N GLN D 59 3.32 -2.14 -9.01
CA GLN D 59 2.24 -2.57 -9.84
C GLN D 59 1.85 -3.94 -9.37
N GLN D 60 0.55 -4.16 -9.12
CA GLN D 60 0.09 -5.45 -8.67
C GLN D 60 -1.15 -5.78 -9.44
N THR D 61 -1.22 -7.03 -9.96
CA THR D 61 -2.39 -7.44 -10.71
C THR D 61 -3.02 -8.57 -9.95
N THR D 62 -4.33 -8.47 -9.70
CA THR D 62 -5.03 -9.51 -8.97
C THR D 62 -6.10 -10.03 -9.86
N ALA D 63 -6.12 -11.36 -10.06
CA ALA D 63 -7.13 -11.95 -10.91
C ALA D 63 -7.69 -13.14 -10.15
N LEU D 64 -9.03 -13.23 -10.09
CA LEU D 64 -9.66 -14.33 -9.39
C LEU D 64 -10.69 -14.93 -10.30
N PRO D 65 -10.24 -15.76 -11.21
CA PRO D 65 -11.14 -16.41 -12.16
C PRO D 65 -11.78 -17.65 -11.57
N ARG E 37 11.77 4.23 19.74
CA ARG E 37 11.67 4.19 18.25
C ARG E 37 10.70 3.13 17.81
N PRO E 38 10.02 3.38 16.71
CA PRO E 38 9.04 2.45 16.18
C PRO E 38 9.69 1.24 15.56
N LEU E 39 8.95 0.10 15.57
CA LEU E 39 9.49 -1.11 15.01
C LEU E 39 8.59 -1.52 13.87
N VAL E 40 9.19 -2.03 12.79
CA VAL E 40 8.41 -2.45 11.65
C VAL E 40 8.70 -3.91 11.45
N ASN E 41 7.64 -4.74 11.44
CA ASN E 41 7.82 -6.17 11.27
C ASN E 41 7.44 -6.51 9.86
N ILE E 42 8.34 -7.25 9.16
CA ILE E 42 8.10 -7.64 7.79
C ILE E 42 8.20 -9.13 7.77
N TYR E 43 7.16 -9.82 7.23
CA TYR E 43 7.19 -11.27 7.19
C TYR E 43 7.44 -11.74 5.79
N ASN E 44 6.36 -11.84 4.96
CA ASN E 44 6.52 -12.33 3.62
C ASN E 44 6.56 -11.18 2.67
N CYS E 45 7.59 -11.14 1.81
CA CYS E 45 7.71 -10.08 0.85
C CYS E 45 8.67 -10.55 -0.20
N SER E 46 8.65 -9.89 -1.39
CA SER E 46 9.58 -10.25 -2.44
C SER E 46 10.95 -9.85 -1.97
N GLY E 47 11.04 -8.70 -1.30
CA GLY E 47 12.31 -8.24 -0.81
C GLY E 47 12.05 -7.00 -0.01
N VAL E 48 13.09 -6.54 0.70
CA VAL E 48 12.97 -5.35 1.51
C VAL E 48 14.08 -4.44 1.08
N GLN E 49 13.76 -3.17 0.75
CA GLN E 49 14.79 -2.27 0.32
C GLN E 49 14.87 -1.18 1.36
N VAL E 50 16.09 -0.98 1.91
CA VAL E 50 16.28 0.03 2.92
C VAL E 50 17.39 0.92 2.46
N GLY E 51 17.16 2.26 2.48
CA GLY E 51 18.19 3.18 2.06
C GLY E 51 18.27 3.13 0.57
N ASP E 52 17.10 3.20 -0.10
CA ASP E 52 17.08 3.15 -1.54
C ASP E 52 17.32 4.53 -2.06
N ASN E 53 18.49 4.74 -2.71
CA ASN E 53 18.81 6.03 -3.25
C ASN E 53 18.75 5.93 -4.76
N ASN E 54 18.09 4.87 -5.28
CA ASN E 54 18.02 4.69 -6.71
C ASN E 54 16.61 4.29 -7.06
N TYR E 55 16.34 4.25 -8.38
CA TYR E 55 15.04 3.89 -8.88
C TYR E 55 14.86 2.41 -8.69
N LEU E 56 13.70 2.00 -8.11
CA LEU E 56 13.44 0.60 -7.88
C LEU E 56 12.04 0.32 -8.34
N THR E 57 11.85 -0.85 -9.02
CA THR E 57 10.55 -1.22 -9.50
C THR E 57 10.17 -2.51 -8.86
N MET E 58 8.86 -2.78 -8.76
CA MET E 58 8.40 -4.00 -8.16
C MET E 58 7.13 -4.37 -8.86
N GLN E 59 6.99 -5.66 -9.26
CA GLN E 59 5.81 -6.10 -9.94
C GLN E 59 5.45 -7.44 -9.37
N GLN E 60 4.15 -7.65 -9.05
CA GLN E 60 3.73 -8.91 -8.50
C GLN E 60 2.38 -9.21 -9.06
N THR E 61 2.16 -10.51 -9.42
CA THR E 61 0.89 -10.91 -9.96
C THR E 61 0.33 -11.92 -9.01
N THR E 62 -0.93 -11.72 -8.58
CA THR E 62 -1.55 -12.62 -7.64
C THR E 62 -2.74 -13.22 -8.32
N ALA E 63 -2.83 -14.56 -8.32
CA ALA E 63 -3.95 -15.21 -8.94
C ALA E 63 -4.26 -16.44 -8.13
N LEU E 64 -5.56 -16.75 -7.98
CA LEU E 64 -5.95 -17.90 -7.21
C LEU E 64 -6.98 -18.63 -8.03
N PRO E 65 -7.06 -19.93 -7.85
CA PRO E 65 -8.01 -20.74 -8.57
C PRO E 65 -9.36 -20.81 -7.91
N ARG A 37 -13.31 5.54 21.99
CA ARG A 37 -12.89 6.04 20.66
C ARG A 37 -13.42 5.14 19.57
N PRO A 38 -13.68 5.72 18.42
CA PRO A 38 -14.21 4.97 17.28
C PRO A 38 -13.18 4.09 16.64
N LEU A 39 -13.65 3.00 16.00
CA LEU A 39 -12.74 2.09 15.34
C LEU A 39 -13.01 2.19 13.86
N VAL A 40 -11.94 2.13 13.04
CA VAL A 40 -12.12 2.24 11.61
C VAL A 40 -11.64 0.94 11.01
N ASN A 41 -12.55 0.25 10.29
CA ASN A 41 -12.19 -0.99 9.65
C ASN A 41 -12.36 -0.79 8.18
N ILE A 42 -11.28 -1.04 7.41
CA ILE A 42 -11.36 -0.88 5.98
C ILE A 42 -11.03 -2.22 5.37
N TYR A 43 -11.93 -2.73 4.52
CA TYR A 43 -11.70 -4.02 3.90
C TYR A 43 -11.03 -3.77 2.58
N ASN A 44 -11.71 -4.10 1.46
CA ASN A 44 -11.11 -3.90 0.16
C ASN A 44 -11.24 -2.44 -0.16
N CYS A 45 -10.13 -1.81 -0.62
CA CYS A 45 -10.17 -0.41 -0.92
C CYS A 45 -9.06 -0.10 -1.87
N SER A 46 -9.07 1.12 -2.45
CA SER A 46 -8.05 1.52 -3.38
C SER A 46 -6.86 2.03 -2.60
N GLY A 47 -7.02 2.25 -1.29
CA GLY A 47 -5.91 2.72 -0.50
C GLY A 47 -6.46 3.30 0.77
N VAL A 48 -5.56 3.64 1.72
CA VAL A 48 -6.00 4.20 2.98
C VAL A 48 -5.14 5.42 3.21
N GLN A 49 -5.77 6.55 3.57
CA GLN A 49 -5.03 7.76 3.82
C GLN A 49 -4.76 7.86 5.30
N VAL A 50 -3.49 7.65 5.72
CA VAL A 50 -3.16 7.74 7.12
C VAL A 50 -1.96 8.63 7.27
N GLY A 51 -2.08 9.73 8.05
CA GLY A 51 -0.96 10.61 8.28
C GLY A 51 -0.56 11.27 7.00
N ASP A 52 -1.54 11.71 6.19
CA ASP A 52 -1.23 12.35 4.94
C ASP A 52 -0.80 13.77 5.23
N ASN A 53 0.48 14.09 4.92
CA ASN A 53 0.99 15.41 5.16
C ASN A 53 0.99 16.15 3.85
N ASN A 54 0.34 15.57 2.81
CA ASN A 54 0.30 16.20 1.53
C ASN A 54 -1.00 15.80 0.90
N TYR A 55 -1.33 16.42 -0.25
CA TYR A 55 -2.56 16.13 -0.93
C TYR A 55 -2.44 14.77 -1.55
N LEU A 56 -3.46 13.92 -1.35
CA LEU A 56 -3.43 12.57 -1.88
C LEU A 56 -4.62 12.39 -2.77
N THR A 57 -4.37 11.88 -4.00
CA THR A 57 -5.46 11.66 -4.93
C THR A 57 -5.36 10.24 -5.42
N MET A 58 -6.51 9.64 -5.77
CA MET A 58 -6.53 8.29 -6.26
C MET A 58 -7.49 8.26 -7.41
N GLN A 59 -7.23 7.38 -8.40
CA GLN A 59 -8.12 7.29 -9.53
C GLN A 59 -8.78 5.94 -9.46
N GLN A 60 -10.13 5.94 -9.50
CA GLN A 60 -10.87 4.71 -9.44
C GLN A 60 -11.67 4.64 -10.70
N THR A 61 -11.61 3.49 -11.42
CA THR A 61 -12.35 3.34 -12.63
C THR A 61 -13.25 2.15 -12.46
N THR A 62 -14.56 2.36 -12.72
CA THR A 62 -15.52 1.28 -12.59
C THR A 62 -16.16 1.12 -13.93
N ALA A 63 -16.20 -0.13 -14.45
CA ALA A 63 -16.79 -0.37 -15.73
C ALA A 63 -17.84 -1.44 -15.57
N LEU A 64 -18.96 -1.29 -16.30
CA LEU A 64 -20.05 -2.24 -16.21
C LEU A 64 -19.94 -3.13 -17.41
N PRO A 65 -20.49 -4.33 -17.30
CA PRO A 65 -20.45 -5.29 -18.39
C PRO A 65 -21.55 -5.09 -19.38
N ARG B 37 -6.77 4.91 22.16
CA ARG B 37 -6.71 5.61 20.85
C ARG B 37 -7.35 4.76 19.78
N PRO B 38 -7.79 5.40 18.72
CA PRO B 38 -8.43 4.70 17.60
C PRO B 38 -7.54 3.68 16.95
N LEU B 39 -8.13 2.56 16.50
CA LEU B 39 -7.37 1.52 15.85
C LEU B 39 -7.82 1.48 14.43
N VAL B 40 -6.86 1.28 13.49
CA VAL B 40 -7.20 1.22 12.09
C VAL B 40 -6.78 -0.13 11.58
N ASN B 41 -7.75 -0.88 11.00
CA ASN B 41 -7.46 -2.18 10.48
C ASN B 41 -7.61 -2.12 8.99
N ILE B 42 -6.55 -2.53 8.25
CA ILE B 42 -6.60 -2.51 6.82
C ILE B 42 -6.39 -3.92 6.36
N TYR B 43 -7.34 -4.45 5.56
CA TYR B 43 -7.23 -5.82 5.10
C TYR B 43 -6.51 -5.83 3.77
N ASN B 44 -7.26 -5.62 2.66
CA ASN B 44 -6.65 -5.64 1.35
C ASN B 44 -6.70 -4.25 0.82
N CYS B 45 -5.55 -3.74 0.33
CA CYS B 45 -5.53 -2.39 -0.19
C CYS B 45 -4.39 -2.28 -1.15
N SER B 46 -4.36 -1.17 -1.93
CA SER B 46 -3.30 -0.96 -2.88
C SER B 46 -2.03 -0.81 -2.10
N GLY B 47 -2.08 -0.07 -0.97
CA GLY B 47 -0.91 0.12 -0.17
C GLY B 47 -1.29 0.92 1.02
N VAL B 48 -0.33 1.10 1.95
CA VAL B 48 -0.59 1.87 3.13
C VAL B 48 0.53 2.85 3.25
N GLN B 49 0.20 4.14 3.49
CA GLN B 49 1.21 5.15 3.62
C GLN B 49 1.23 5.59 5.04
N VAL B 50 2.44 5.68 5.63
CA VAL B 50 2.56 6.14 6.99
C VAL B 50 3.58 7.22 6.99
N GLY B 51 3.17 8.46 7.36
CA GLY B 51 4.11 9.55 7.42
C GLY B 51 4.54 9.92 6.04
N ASP B 52 3.62 9.96 5.06
CA ASP B 52 3.98 10.32 3.71
C ASP B 52 4.17 11.80 3.67
N ASN B 53 5.36 12.26 3.22
CA ASN B 53 5.65 13.67 3.17
C ASN B 53 5.71 14.10 1.73
N ASN B 54 5.10 13.32 0.82
CA ASN B 54 5.15 13.71 -0.58
C ASN B 54 3.84 13.33 -1.22
N TYR B 55 3.73 13.61 -2.53
CA TYR B 55 2.52 13.34 -3.27
C TYR B 55 2.50 11.88 -3.62
N LEU B 56 1.29 11.27 -3.57
CA LEU B 56 1.15 9.87 -3.88
C LEU B 56 -0.03 9.73 -4.81
N THR B 57 0.11 8.85 -5.84
CA THR B 57 -1.00 8.62 -6.74
C THR B 57 -1.22 7.14 -6.81
N MET B 58 -2.50 6.73 -6.94
CA MET B 58 -2.82 5.33 -7.02
C MET B 58 -3.90 5.19 -8.05
N GLN B 59 -3.88 4.08 -8.80
CA GLN B 59 -4.88 3.87 -9.82
C GLN B 59 -5.45 2.49 -9.61
N GLN B 60 -6.80 2.38 -9.57
CA GLN B 60 -7.42 1.09 -9.39
C GLN B 60 -8.49 0.98 -10.44
N THR B 61 -8.51 -0.16 -11.16
CA THR B 61 -9.49 -0.36 -12.20
C THR B 61 -10.32 -1.55 -11.82
N THR B 62 -11.67 -1.39 -11.88
CA THR B 62 -12.56 -2.47 -11.55
C THR B 62 -12.84 -3.21 -12.83
N ALA B 63 -12.70 -4.56 -12.78
CA ALA B 63 -12.91 -5.38 -13.96
C ALA B 63 -14.38 -5.60 -14.14
N LEU B 64 -14.76 -6.03 -15.37
CA LEU B 64 -16.14 -6.29 -15.69
C LEU B 64 -16.55 -7.56 -15.01
N PRO B 65 -17.64 -7.50 -14.28
CA PRO B 65 -18.14 -8.68 -13.58
C PRO B 65 -18.99 -9.55 -14.46
N ARG C 37 -0.41 4.43 21.97
CA ARG C 37 -0.41 5.00 20.60
C ARG C 37 -1.21 4.15 19.67
N PRO C 38 -1.72 4.76 18.60
CA PRO C 38 -2.50 4.04 17.60
C PRO C 38 -1.74 2.93 16.94
N LEU C 39 -2.43 1.81 16.65
CA LEU C 39 -1.80 0.69 16.01
C LEU C 39 -2.46 0.51 14.67
N VAL C 40 -1.65 0.20 13.64
CA VAL C 40 -2.19 0.01 12.31
C VAL C 40 -1.84 -1.38 11.90
N ASN C 41 -2.87 -2.18 11.55
CA ASN C 41 -2.63 -3.54 11.14
C ASN C 41 -2.80 -3.60 9.64
N ILE C 42 -1.79 -4.16 8.95
CA ILE C 42 -1.84 -4.26 7.52
C ILE C 42 -1.70 -5.73 7.20
N TYR C 43 -2.67 -6.28 6.42
CA TYR C 43 -2.61 -7.69 6.10
C TYR C 43 -1.98 -7.86 4.74
N ASN C 44 -2.79 -7.74 3.67
CA ASN C 44 -2.27 -7.94 2.34
C ASN C 44 -2.33 -6.64 1.62
N CYS C 45 -1.22 -6.25 0.95
CA CYS C 45 -1.21 -5.01 0.23
C CYS C 45 -0.08 -5.09 -0.74
N SER C 46 -0.02 -4.15 -1.71
CA SER C 46 1.07 -4.18 -2.65
C SER C 46 2.33 -3.87 -1.90
N GLY C 47 2.26 -2.87 -0.99
CA GLY C 47 3.44 -2.54 -0.24
C GLY C 47 3.05 -1.56 0.82
N VAL C 48 4.00 -1.27 1.72
CA VAL C 48 3.76 -0.34 2.80
C VAL C 48 4.90 0.63 2.75
N GLN C 49 4.59 1.94 2.79
CA GLN C 49 5.63 2.93 2.73
C GLN C 49 5.63 3.68 4.02
N VAL C 50 6.84 3.78 4.64
CA VAL C 50 6.95 4.48 5.88
C VAL C 50 8.07 5.46 5.73
N GLY C 51 7.78 6.77 5.98
CA GLY C 51 8.80 7.78 5.89
C GLY C 51 9.17 8.00 4.45
N ASP C 52 8.17 7.92 3.53
CA ASP C 52 8.47 8.14 2.13
C ASP C 52 8.54 9.63 1.92
N ASN C 53 9.71 10.11 1.42
CA ASN C 53 9.90 11.52 1.22
C ASN C 53 9.96 11.80 -0.26
N ASN C 54 9.45 10.87 -1.10
CA ASN C 54 9.52 11.09 -2.53
C ASN C 54 8.21 10.66 -3.14
N TYR C 55 8.10 10.88 -4.46
CA TYR C 55 6.91 10.55 -5.20
C TYR C 55 6.79 9.05 -5.30
N LEU C 56 5.54 8.53 -5.26
CA LEU C 56 5.34 7.11 -5.35
C LEU C 56 4.09 6.89 -6.17
N THR C 57 4.12 5.88 -7.06
CA THR C 57 2.97 5.57 -7.87
C THR C 57 2.70 4.10 -7.73
N MET C 58 1.40 3.73 -7.68
CA MET C 58 1.04 2.33 -7.57
C MET C 58 -0.14 2.12 -8.47
N GLN C 59 -0.26 0.88 -9.03
CA GLN C 59 -1.36 0.59 -9.91
C GLN C 59 -1.90 -0.76 -9.53
N GLN C 60 -3.24 -0.85 -9.39
CA GLN C 60 -3.88 -2.09 -9.05
C GLN C 60 -4.87 -2.40 -10.12
N THR C 61 -4.95 -3.69 -10.51
CA THR C 61 -5.88 -4.09 -11.55
C THR C 61 -6.76 -5.16 -10.97
N THR C 62 -8.09 -4.98 -11.10
CA THR C 62 -9.03 -5.96 -10.60
C THR C 62 -9.23 -6.96 -11.69
N ALA C 63 -9.21 -8.25 -11.33
CA ALA C 63 -9.35 -9.30 -12.31
C ALA C 63 -10.81 -9.53 -12.60
N LEU C 64 -11.08 -10.15 -13.78
CA LEU C 64 -12.42 -10.44 -14.20
C LEU C 64 -12.89 -11.64 -13.42
N PRO C 65 -14.01 -11.52 -12.72
CA PRO C 65 -14.56 -12.61 -11.96
C PRO C 65 -15.55 -13.42 -12.74
N ARG D 37 5.85 4.17 21.06
CA ARG D 37 5.73 4.58 19.64
C ARG D 37 4.90 3.57 18.88
N PRO D 38 4.26 4.03 17.81
CA PRO D 38 3.42 3.17 16.98
C PRO D 38 4.18 2.02 16.37
N LEU D 39 3.51 0.86 16.22
CA LEU D 39 4.14 -0.30 15.65
C LEU D 39 3.44 -0.59 14.36
N VAL D 40 4.20 -1.01 13.33
CA VAL D 40 3.61 -1.32 12.05
C VAL D 40 3.91 -2.76 11.75
N ASN D 41 2.86 -3.56 11.48
CA ASN D 41 3.05 -4.96 11.17
C ASN D 41 2.71 -5.15 9.73
N ILE D 42 3.64 -5.76 8.96
CA ILE D 42 3.39 -6.01 7.56
C ILE D 42 3.49 -7.50 7.39
N TYR D 43 2.42 -8.14 6.86
CA TYR D 43 2.45 -9.57 6.70
C TYR D 43 2.87 -9.92 5.30
N ASN D 44 1.92 -9.91 4.35
CA ASN D 44 2.24 -10.26 2.98
C ASN D 44 2.18 -9.02 2.15
N CYS D 45 3.24 -8.78 1.34
CA CYS D 45 3.26 -7.63 0.50
C CYS D 45 4.25 -7.87 -0.58
N SER D 46 4.21 -7.04 -1.66
CA SER D 46 5.15 -7.21 -2.74
C SER D 46 6.49 -6.76 -2.23
N GLY D 47 6.51 -5.68 -1.44
CA GLY D 47 7.76 -5.19 -0.92
C GLY D 47 7.45 -4.13 0.08
N VAL D 48 8.49 -3.69 0.82
CA VAL D 48 8.32 -2.66 1.81
C VAL D 48 9.32 -1.60 1.52
N GLN D 49 8.87 -0.33 1.46
CA GLN D 49 9.77 0.76 1.18
C GLN D 49 9.90 1.58 2.43
N VAL D 50 11.13 1.66 2.99
CA VAL D 50 11.34 2.43 4.19
C VAL D 50 12.51 3.34 3.93
N GLY D 51 12.30 4.66 4.15
CA GLY D 51 13.38 5.61 3.97
C GLY D 51 13.69 5.74 2.51
N ASP D 52 12.65 5.64 1.64
CA ASP D 52 12.88 5.77 0.22
C ASP D 52 13.04 7.23 -0.08
N ASN D 53 14.20 7.61 -0.67
CA ASN D 53 14.46 8.99 -0.97
C ASN D 53 14.43 9.16 -2.47
N ASN D 54 13.83 8.21 -3.20
CA ASN D 54 13.78 8.33 -4.64
C ASN D 54 12.46 7.80 -5.12
N TYR D 55 12.18 8.06 -6.41
CA TYR D 55 10.94 7.63 -7.04
C TYR D 55 10.93 6.13 -7.09
N LEU D 56 9.76 5.53 -6.76
CA LEU D 56 9.64 4.09 -6.77
C LEU D 56 8.30 3.77 -7.38
N THR D 57 8.21 2.63 -8.11
CA THR D 57 6.97 2.25 -8.72
C THR D 57 6.66 0.84 -8.30
N MET D 58 5.36 0.48 -8.30
CA MET D 58 4.99 -0.86 -7.90
C MET D 58 3.70 -1.17 -8.60
N GLN D 59 3.56 -2.43 -9.09
CA GLN D 59 2.37 -2.82 -9.80
C GLN D 59 1.95 -4.18 -9.32
N GLN D 60 0.62 -4.38 -9.10
CA GLN D 60 0.13 -5.67 -8.66
C GLN D 60 -1.11 -5.96 -9.46
N THR D 61 -1.27 -7.24 -9.86
CA THR D 61 -2.43 -7.63 -10.65
C THR D 61 -3.20 -8.65 -9.85
N THR D 62 -4.53 -8.44 -9.74
CA THR D 62 -5.39 -9.34 -9.01
C THR D 62 -5.62 -10.56 -9.87
N ALA D 63 -5.62 -11.76 -9.23
CA ALA D 63 -5.79 -13.00 -9.96
C ALA D 63 -7.24 -13.17 -10.33
N LEU D 64 -7.48 -13.94 -11.41
CA LEU D 64 -8.82 -14.20 -11.87
C LEU D 64 -9.42 -15.25 -10.97
N PRO D 65 -10.52 -14.92 -10.32
CA PRO D 65 -11.19 -15.87 -9.45
C PRO D 65 -12.24 -16.68 -10.16
N ARG E 37 12.01 3.73 19.71
CA ARG E 37 11.77 4.01 18.27
C ARG E 37 10.80 3.01 17.70
N PRO E 38 10.09 3.40 16.66
CA PRO E 38 9.11 2.53 16.00
C PRO E 38 9.74 1.28 15.44
N LEU E 39 9.00 0.15 15.51
CA LEU E 39 9.51 -1.09 15.00
C LEU E 39 8.62 -1.50 13.87
N VAL E 40 9.23 -2.01 12.77
CA VAL E 40 8.46 -2.44 11.63
C VAL E 40 8.76 -3.90 11.43
N ASN E 41 7.70 -4.74 11.40
CA ASN E 41 7.90 -6.15 11.21
C ASN E 41 7.50 -6.49 9.81
N ILE E 42 8.40 -7.21 9.09
CA ILE E 42 8.13 -7.59 7.72
C ILE E 42 8.25 -9.08 7.67
N TYR E 43 7.23 -9.78 7.14
CA TYR E 43 7.27 -11.22 7.09
C TYR E 43 7.58 -11.67 5.69
N ASN E 44 6.54 -11.82 4.83
CA ASN E 44 6.75 -12.31 3.49
C ASN E 44 6.73 -11.14 2.54
N CYS E 45 7.79 -11.04 1.71
CA CYS E 45 7.85 -9.98 0.76
C CYS E 45 8.85 -10.36 -0.28
N SER E 46 8.81 -9.70 -1.47
CA SER E 46 9.76 -10.00 -2.51
C SER E 46 11.10 -9.51 -2.05
N GLY E 47 11.11 -8.33 -1.37
CA GLY E 47 12.34 -7.79 -0.89
C GLY E 47 11.99 -6.61 -0.04
N VAL E 48 13.00 -6.04 0.63
CA VAL E 48 12.78 -4.90 1.49
C VAL E 48 13.68 -3.82 0.98
N GLN E 49 13.12 -2.61 0.73
CA GLN E 49 13.91 -1.53 0.22
C GLN E 49 14.15 -0.56 1.34
N VAL E 50 15.42 -0.51 1.83
CA VAL E 50 15.76 0.39 2.91
C VAL E 50 16.95 1.17 2.45
N GLY E 51 16.86 2.52 2.53
CA GLY E 51 17.97 3.36 2.14
C GLY E 51 18.13 3.32 0.65
N ASP E 52 17.01 3.15 -0.09
CA ASP E 52 17.09 3.10 -1.52
C ASP E 52 17.12 4.51 -2.03
N ASN E 53 18.27 4.92 -2.59
CA ASN E 53 18.41 6.25 -3.12
C ASN E 53 18.43 6.14 -4.62
N ASN E 54 17.93 5.00 -5.15
CA ASN E 54 17.94 4.80 -6.58
C ASN E 54 16.57 4.31 -6.98
N TYR E 55 16.23 4.51 -8.27
CA TYR E 55 14.97 4.09 -8.81
C TYR E 55 14.92 2.59 -8.82
N LEU E 56 13.79 2.01 -8.36
CA LEU E 56 13.65 0.58 -8.34
C LEU E 56 12.22 0.27 -8.67
N THR E 57 11.98 -0.85 -9.39
CA THR E 57 10.63 -1.21 -9.77
C THR E 57 10.32 -2.53 -9.13
N MET E 58 9.02 -2.78 -8.88
CA MET E 58 8.61 -4.03 -8.30
C MET E 58 7.32 -4.42 -8.96
N GLN E 59 7.24 -5.67 -9.45
CA GLN E 59 6.04 -6.12 -10.11
C GLN E 59 5.73 -7.48 -9.57
N GLN E 60 4.47 -7.69 -9.13
CA GLN E 60 4.07 -8.97 -8.59
C GLN E 60 2.69 -9.27 -9.11
N THR E 61 2.35 -10.57 -9.14
CA THR E 61 1.05 -10.98 -9.61
C THR E 61 0.47 -11.88 -8.55
N THR E 62 -0.86 -12.07 -8.60
CA THR E 62 -1.51 -12.91 -7.62
C THR E 62 -1.85 -14.20 -8.32
N ALA E 63 -1.52 -15.33 -7.68
CA ALA E 63 -1.78 -16.63 -8.26
C ALA E 63 -3.27 -16.88 -8.28
N LEU E 64 -3.71 -17.69 -9.26
CA LEU E 64 -5.12 -18.01 -9.40
C LEU E 64 -5.51 -18.89 -8.25
N PRO E 65 -6.75 -18.76 -7.80
CA PRO E 65 -7.25 -19.56 -6.71
C PRO E 65 -7.87 -20.84 -7.18
N ARG A 37 -12.96 5.98 20.96
CA ARG A 37 -12.96 4.69 20.21
C ARG A 37 -13.75 4.83 18.94
N PRO A 38 -13.12 5.38 17.92
CA PRO A 38 -13.77 5.57 16.63
C PRO A 38 -14.06 4.30 15.89
N LEU A 39 -13.14 3.29 16.01
CA LEU A 39 -13.33 2.01 15.37
C LEU A 39 -13.50 2.19 13.88
N VAL A 40 -12.36 2.29 13.15
CA VAL A 40 -12.44 2.49 11.72
C VAL A 40 -11.89 1.25 11.07
N ASN A 41 -12.74 0.57 10.25
CA ASN A 41 -12.30 -0.63 9.57
C ASN A 41 -12.41 -0.39 8.10
N ILE A 42 -11.30 -0.65 7.36
CA ILE A 42 -11.32 -0.45 5.93
C ILE A 42 -10.97 -1.78 5.31
N TYR A 43 -11.83 -2.26 4.38
CA TYR A 43 -11.60 -3.54 3.76
C TYR A 43 -10.97 -3.30 2.40
N ASN A 44 -11.53 -3.93 1.34
CA ASN A 44 -11.00 -3.76 0.01
C ASN A 44 -11.19 -2.34 -0.40
N CYS A 45 -10.10 -1.69 -0.86
CA CYS A 45 -10.21 -0.32 -1.25
C CYS A 45 -9.01 0.02 -2.08
N SER A 46 -9.02 1.23 -2.69
CA SER A 46 -7.91 1.67 -3.50
C SER A 46 -6.70 1.79 -2.62
N GLY A 47 -6.89 2.31 -1.39
CA GLY A 47 -5.78 2.46 -0.49
C GLY A 47 -6.27 3.18 0.71
N VAL A 48 -5.38 3.38 1.70
CA VAL A 48 -5.76 4.06 2.92
C VAL A 48 -4.74 5.12 3.17
N GLN A 49 -5.19 6.35 3.50
CA GLN A 49 -4.27 7.43 3.78
C GLN A 49 -4.27 7.65 5.27
N VAL A 50 -3.07 7.52 5.89
CA VAL A 50 -2.96 7.72 7.32
C VAL A 50 -1.83 8.69 7.55
N GLY A 51 -2.09 9.76 8.33
CA GLY A 51 -1.04 10.71 8.62
C GLY A 51 -1.20 11.87 7.69
N ASP A 52 -0.40 12.94 7.95
CA ASP A 52 -0.47 14.13 7.14
C ASP A 52 0.10 13.81 5.79
N ASN A 53 -0.40 14.50 4.75
CA ASN A 53 0.07 14.27 3.43
C ASN A 53 -0.15 15.55 2.68
N ASN A 54 0.79 15.92 1.79
CA ASN A 54 0.63 17.14 1.03
C ASN A 54 -0.56 17.01 0.13
N TYR A 55 -0.73 15.84 -0.53
CA TYR A 55 -1.86 15.69 -1.42
C TYR A 55 -1.94 14.24 -1.81
N LEU A 56 -3.17 13.71 -1.92
CA LEU A 56 -3.36 12.32 -2.28
C LEU A 56 -4.33 12.28 -3.42
N THR A 57 -3.98 11.57 -4.51
CA THR A 57 -4.87 11.46 -5.63
C THR A 57 -5.14 9.99 -5.85
N MET A 58 -6.39 9.65 -6.19
CA MET A 58 -6.74 8.27 -6.42
C MET A 58 -7.60 8.23 -7.64
N GLN A 59 -7.39 7.22 -8.50
CA GLN A 59 -8.19 7.09 -9.69
C GLN A 59 -8.87 5.76 -9.59
N GLN A 60 -10.22 5.76 -9.72
CA GLN A 60 -10.96 4.53 -9.62
C GLN A 60 -11.72 4.36 -10.90
N THR A 61 -11.62 3.16 -11.50
CA THR A 61 -12.32 2.89 -12.73
C THR A 61 -13.02 1.58 -12.56
N THR A 62 -14.34 1.55 -12.86
CA THR A 62 -15.09 0.32 -12.72
C THR A 62 -15.64 -0.02 -14.08
N ALA A 63 -15.36 -1.25 -14.55
CA ALA A 63 -15.83 -1.66 -15.85
C ALA A 63 -17.03 -2.54 -15.63
N LEU A 64 -18.16 -2.19 -16.29
CA LEU A 64 -19.37 -2.95 -16.16
C LEU A 64 -19.49 -3.81 -17.39
N PRO A 65 -20.16 -4.93 -17.26
CA PRO A 65 -20.33 -5.84 -18.38
C PRO A 65 -21.34 -5.35 -19.37
N ARG B 37 -6.10 6.36 21.14
CA ARG B 37 -7.30 5.50 20.96
C ARG B 37 -7.77 5.54 19.52
N PRO B 38 -7.00 4.94 18.64
CA PRO B 38 -7.30 4.89 17.23
C PRO B 38 -8.05 3.66 16.80
N LEU B 39 -7.33 2.52 16.66
CA LEU B 39 -7.94 1.26 16.25
C LEU B 39 -8.33 1.37 14.81
N VAL B 40 -7.32 1.29 13.90
CA VAL B 40 -7.59 1.37 12.48
C VAL B 40 -7.10 0.08 11.87
N ASN B 41 -8.01 -0.66 11.19
CA ASN B 41 -7.63 -1.91 10.58
C ASN B 41 -7.72 -1.76 9.09
N ILE B 42 -6.65 -2.19 8.38
CA ILE B 42 -6.62 -2.08 6.94
C ILE B 42 -6.36 -3.46 6.41
N TYR B 43 -7.23 -3.96 5.49
CA TYR B 43 -7.04 -5.30 4.97
C TYR B 43 -6.41 -5.21 3.60
N ASN B 44 -7.02 -5.87 2.60
CA ASN B 44 -6.46 -5.88 1.26
C ASN B 44 -6.65 -4.53 0.65
N CYS B 45 -5.57 -3.99 0.06
CA CYS B 45 -5.65 -2.69 -0.56
C CYS B 45 -4.41 -2.53 -1.38
N SER B 46 -4.33 -1.43 -2.19
CA SER B 46 -3.16 -1.21 -3.00
C SER B 46 -2.01 -1.00 -2.07
N GLY B 47 -2.25 -0.25 -0.99
CA GLY B 47 -1.18 -0.01 -0.06
C GLY B 47 -1.70 0.93 0.97
N VAL B 48 -0.84 1.28 1.94
CA VAL B 48 -1.24 2.17 2.99
C VAL B 48 -0.22 3.26 3.05
N GLN B 49 -0.70 4.52 3.07
CA GLN B 49 0.20 5.65 3.14
C GLN B 49 0.41 5.94 4.59
N VAL B 50 1.65 5.75 5.07
CA VAL B 50 1.97 6.03 6.45
C VAL B 50 3.17 6.93 6.45
N GLY B 51 3.08 8.07 7.15
CA GLY B 51 4.20 8.98 7.20
C GLY B 51 3.97 10.06 6.21
N ASP B 52 4.74 11.17 6.33
CA ASP B 52 4.60 12.28 5.43
C ASP B 52 5.12 11.88 4.09
N ASN B 53 4.54 12.45 3.02
CA ASN B 53 4.96 12.13 1.70
C ASN B 53 4.71 13.35 0.87
N ASN B 54 5.62 13.65 -0.08
CA ASN B 54 5.44 14.81 -0.91
C ASN B 54 4.26 14.59 -1.81
N TYR B 55 4.08 13.37 -2.35
CA TYR B 55 2.96 13.14 -3.23
C TYR B 55 2.76 11.65 -3.35
N LEU B 56 1.47 11.23 -3.42
CA LEU B 56 1.17 9.82 -3.53
C LEU B 56 0.05 9.68 -4.52
N THR B 57 0.22 8.77 -5.52
CA THR B 57 -0.82 8.56 -6.49
C THR B 57 -1.16 7.09 -6.48
N MET B 58 -2.45 6.77 -6.68
CA MET B 58 -2.86 5.40 -6.70
C MET B 58 -3.86 5.24 -7.80
N GLN B 59 -3.79 4.10 -8.51
CA GLN B 59 -4.71 3.85 -9.60
C GLN B 59 -5.29 2.49 -9.36
N GLN B 60 -6.64 2.38 -9.38
CA GLN B 60 -7.28 1.10 -9.16
C GLN B 60 -8.31 0.91 -10.23
N THR B 61 -8.25 -0.24 -10.92
CA THR B 61 -9.22 -0.53 -11.96
C THR B 61 -9.85 -1.84 -11.63
N THR B 62 -11.20 -1.89 -11.63
CA THR B 62 -11.90 -3.11 -11.31
C THR B 62 -12.69 -3.49 -12.52
N ALA B 63 -12.52 -4.75 -12.99
CA ALA B 63 -13.24 -5.22 -14.15
C ALA B 63 -14.20 -6.27 -13.69
N LEU B 64 -15.50 -6.08 -14.04
CA LEU B 64 -16.51 -7.02 -13.64
C LEU B 64 -16.75 -7.94 -14.81
N PRO B 65 -17.24 -9.12 -14.54
CA PRO B 65 -17.50 -10.10 -15.58
C PRO B 65 -18.79 -9.85 -16.31
N ARG C 37 -0.18 5.15 20.92
CA ARG C 37 -0.31 3.76 20.39
C ARG C 37 -1.14 3.75 19.14
N PRO C 38 -0.50 4.02 18.02
CA PRO C 38 -1.16 4.05 16.71
C PRO C 38 -1.89 2.79 16.35
N LEU C 39 -1.29 1.61 16.64
CA LEU C 39 -1.93 0.34 16.36
C LEU C 39 -2.32 0.28 14.89
N VAL C 40 -1.31 0.13 13.99
CA VAL C 40 -1.62 0.07 12.58
C VAL C 40 -1.23 -1.29 12.09
N ASN C 41 -2.22 -2.05 11.55
CA ASN C 41 -1.95 -3.37 11.04
C ASN C 41 -2.28 -3.36 9.58
N ILE C 42 -1.33 -3.85 8.74
CA ILE C 42 -1.57 -3.87 7.32
C ILE C 42 -1.38 -5.30 6.87
N TYR C 43 -2.40 -5.86 6.18
CA TYR C 43 -2.31 -7.23 5.75
C TYR C 43 -1.73 -7.26 4.35
N ASN C 44 -2.24 -8.17 3.49
CA ASN C 44 -1.73 -8.30 2.15
C ASN C 44 -2.07 -7.05 1.39
N CYS C 45 -1.09 -6.55 0.61
CA CYS C 45 -1.30 -5.35 -0.15
C CYS C 45 -0.23 -5.30 -1.20
N SER C 46 -0.23 -4.22 -2.02
CA SER C 46 0.77 -4.11 -3.07
C SER C 46 2.01 -3.50 -2.48
N GLY C 47 2.01 -3.26 -1.16
CA GLY C 47 3.19 -2.71 -0.53
C GLY C 47 2.78 -1.72 0.50
N VAL C 48 3.72 -1.37 1.39
CA VAL C 48 3.47 -0.42 2.43
C VAL C 48 4.58 0.60 2.36
N GLN C 49 4.23 1.90 2.41
CA GLN C 49 5.24 2.90 2.35
C GLN C 49 5.37 3.50 3.72
N VAL C 50 6.63 3.55 4.24
CA VAL C 50 6.87 4.09 5.55
C VAL C 50 8.06 4.99 5.44
N GLY C 51 7.96 6.22 5.99
CA GLY C 51 9.08 7.14 5.94
C GLY C 51 8.80 8.18 4.91
N ASP C 52 9.63 9.25 4.91
CA ASP C 52 9.46 10.32 3.97
C ASP C 52 9.84 9.81 2.61
N ASN C 53 9.20 10.37 1.57
CA ASN C 53 9.50 9.93 0.24
C ASN C 53 9.22 11.09 -0.65
N ASN C 54 9.78 11.08 -1.88
CA ASN C 54 9.55 12.17 -2.78
C ASN C 54 8.37 11.85 -3.66
N TYR C 55 8.22 10.58 -4.10
CA TYR C 55 7.12 10.26 -4.95
C TYR C 55 6.90 8.77 -4.90
N LEU C 56 5.62 8.35 -4.78
CA LEU C 56 5.33 6.94 -4.73
C LEU C 56 4.10 6.73 -5.57
N THR C 57 4.15 5.73 -6.48
CA THR C 57 3.01 5.46 -7.32
C THR C 57 2.64 4.02 -7.12
N MET C 58 1.32 3.72 -7.16
CA MET C 58 0.87 2.36 -7.00
C MET C 58 -0.20 2.13 -8.03
N GLN C 59 -0.16 0.94 -8.68
CA GLN C 59 -1.15 0.62 -9.66
C GLN C 59 -1.67 -0.74 -9.33
N GLN C 60 -3.02 -0.86 -9.23
CA GLN C 60 -3.60 -2.15 -8.91
C GLN C 60 -4.71 -2.40 -9.88
N THR C 61 -4.74 -3.62 -10.45
CA THR C 61 -5.78 -3.96 -11.38
C THR C 61 -6.48 -5.16 -10.82
N THR C 62 -7.82 -5.09 -10.71
CA THR C 62 -8.58 -6.19 -10.17
C THR C 62 -9.42 -6.74 -11.28
N ALA C 63 -9.26 -8.04 -11.58
CA ALA C 63 -10.04 -8.65 -12.63
C ALA C 63 -10.84 -9.73 -11.99
N LEU C 64 -12.15 -9.77 -12.30
CA LEU C 64 -13.00 -10.79 -11.73
C LEU C 64 -13.75 -11.44 -12.86
N PRO C 65 -13.08 -12.26 -13.64
CA PRO C 65 -13.71 -12.93 -14.75
C PRO C 65 -14.51 -14.13 -14.32
N ARG D 37 5.92 5.54 19.97
CA ARG D 37 4.68 5.23 19.22
C ARG D 37 4.96 4.27 18.10
N PRO D 38 5.11 3.01 18.44
CA PRO D 38 5.37 1.96 17.50
C PRO D 38 4.12 1.23 17.07
N LEU D 39 4.23 -0.11 16.90
CA LEU D 39 3.09 -0.94 16.55
C LEU D 39 2.80 -0.83 15.08
N VAL D 40 3.78 -1.24 14.23
CA VAL D 40 3.57 -1.22 12.80
C VAL D 40 3.83 -2.63 12.32
N ASN D 41 2.80 -3.29 11.75
CA ASN D 41 2.96 -4.65 11.30
C ASN D 41 2.62 -4.72 9.85
N ILE D 42 3.52 -5.33 9.03
CA ILE D 42 3.27 -5.47 7.63
C ILE D 42 3.37 -6.93 7.31
N TYR D 43 2.29 -7.51 6.74
CA TYR D 43 2.29 -8.93 6.43
C TYR D 43 2.87 -9.12 5.05
N ASN D 44 2.60 -10.30 4.43
CA ASN D 44 3.12 -10.60 3.12
C ASN D 44 2.56 -9.60 2.17
N CYS D 45 3.44 -9.03 1.32
CA CYS D 45 3.00 -8.04 0.38
C CYS D 45 4.04 -7.98 -0.70
N SER D 46 3.86 -7.07 -1.69
CA SER D 46 4.82 -6.96 -2.76
C SER D 46 6.13 -6.55 -2.18
N GLY D 47 6.14 -5.61 -1.21
CA GLY D 47 7.38 -5.21 -0.62
C GLY D 47 7.12 -4.09 0.33
N VAL D 48 8.18 -3.70 1.05
CA VAL D 48 8.08 -2.63 2.01
C VAL D 48 9.21 -1.70 1.71
N GLN D 49 8.95 -0.37 1.68
CA GLN D 49 10.01 0.57 1.40
C GLN D 49 10.20 1.41 2.63
N VAL D 50 11.44 1.40 3.15
CA VAL D 50 11.76 2.19 4.32
C VAL D 50 12.98 2.97 3.98
N GLY D 51 12.89 4.32 4.05
CA GLY D 51 14.02 5.16 3.74
C GLY D 51 13.54 6.19 2.78
N ASP D 52 14.47 7.07 2.33
CA ASP D 52 14.08 8.12 1.42
C ASP D 52 14.45 7.67 0.04
N ASN D 53 13.44 7.52 -0.84
CA ASN D 53 13.71 7.10 -2.19
C ASN D 53 13.31 8.23 -3.08
N ASN D 54 14.06 8.42 -4.20
CA ASN D 54 13.72 9.48 -5.10
C ASN D 54 12.44 9.13 -5.80
N TYR D 55 12.24 7.84 -6.15
CA TYR D 55 11.04 7.46 -6.84
C TYR D 55 10.86 5.97 -6.65
N LEU D 56 9.60 5.53 -6.43
CA LEU D 56 9.35 4.12 -6.24
C LEU D 56 8.03 3.82 -6.89
N THR D 57 7.97 2.69 -7.66
CA THR D 57 6.74 2.34 -8.32
C THR D 57 6.38 0.95 -7.88
N MET D 58 5.05 0.69 -7.80
CA MET D 58 4.58 -0.62 -7.40
C MET D 58 3.46 -0.98 -8.33
N GLN D 59 3.41 -2.24 -8.78
CA GLN D 59 2.36 -2.67 -9.67
C GLN D 59 1.91 -4.02 -9.20
N GLN D 60 0.58 -4.20 -9.07
CA GLN D 60 0.07 -5.47 -8.64
C GLN D 60 -1.18 -5.76 -9.41
N THR D 61 -1.36 -7.03 -9.82
CA THR D 61 -2.53 -7.41 -10.57
C THR D 61 -3.18 -8.51 -9.81
N THR D 62 -4.51 -8.38 -9.57
CA THR D 62 -5.23 -9.41 -8.84
C THR D 62 -6.22 -10.01 -9.79
N ALA D 63 -6.16 -11.36 -9.95
CA ALA D 63 -7.07 -12.03 -10.84
C ALA D 63 -7.78 -13.08 -10.03
N LEU D 64 -9.13 -13.08 -10.10
CA LEU D 64 -9.90 -14.05 -9.37
C LEU D 64 -10.88 -14.66 -10.33
N PRO D 65 -10.50 -15.75 -10.95
CA PRO D 65 -11.35 -16.43 -11.90
C PRO D 65 -12.20 -17.48 -11.27
N ARG E 37 12.04 4.38 19.71
CA ARG E 37 11.98 4.26 18.23
C ARG E 37 10.97 3.23 17.82
N PRO E 38 10.33 3.46 16.69
CA PRO E 38 9.32 2.55 16.18
C PRO E 38 9.92 1.29 15.61
N LEU E 39 9.15 0.17 15.69
CA LEU E 39 9.64 -1.08 15.18
C LEU E 39 8.71 -1.47 14.06
N VAL E 40 9.28 -1.98 12.95
CA VAL E 40 8.47 -2.38 11.83
C VAL E 40 8.77 -3.83 11.56
N ASN E 41 7.72 -4.67 11.54
CA ASN E 41 7.91 -6.08 11.29
C ASN E 41 7.54 -6.33 9.86
N ILE E 42 8.44 -7.00 9.11
CA ILE E 42 8.18 -7.29 7.72
C ILE E 42 8.31 -8.77 7.55
N TYR E 43 7.27 -9.41 6.95
CA TYR E 43 7.30 -10.83 6.74
C TYR E 43 7.83 -11.08 5.35
N ASN E 44 7.64 -12.33 4.84
CA ASN E 44 8.13 -12.68 3.52
C ASN E 44 7.45 -11.80 2.51
N CYS E 45 8.24 -11.34 1.52
CA CYS E 45 7.73 -10.47 0.50
C CYS E 45 8.69 -10.56 -0.65
N SER E 46 8.38 -9.89 -1.78
CA SER E 46 9.27 -9.94 -2.92
C SER E 46 10.59 -9.34 -2.54
N GLY E 47 10.57 -8.24 -1.76
CA GLY E 47 11.82 -7.64 -1.35
C GLY E 47 11.51 -6.49 -0.44
N VAL E 48 12.57 -5.97 0.22
CA VAL E 48 12.41 -4.86 1.12
C VAL E 48 13.42 -3.84 0.70
N GLN E 49 12.97 -2.56 0.53
CA GLN E 49 13.88 -1.52 0.15
C GLN E 49 14.30 -0.80 1.39
N VAL E 50 15.61 -0.91 1.72
CA VAL E 50 16.14 -0.26 2.88
C VAL E 50 17.32 0.54 2.41
N GLY E 51 17.37 1.84 2.76
CA GLY E 51 18.48 2.66 2.34
C GLY E 51 17.99 3.51 1.22
N ASP E 52 18.75 4.59 0.93
CA ASP E 52 18.36 5.50 -0.12
C ASP E 52 18.55 4.82 -1.44
N ASN E 53 17.68 5.15 -2.41
CA ASN E 53 17.78 4.56 -3.71
C ASN E 53 17.30 5.59 -4.68
N ASN E 54 17.65 5.43 -5.96
CA ASN E 54 17.23 6.39 -6.95
C ASN E 54 15.99 5.89 -7.61
N TYR E 55 15.92 4.58 -7.94
CA TYR E 55 14.74 4.09 -8.61
C TYR E 55 14.63 2.62 -8.35
N LEU E 56 13.42 2.15 -8.01
CA LEU E 56 13.21 0.75 -7.76
C LEU E 56 11.80 0.44 -8.20
N THR E 57 11.59 -0.73 -8.82
CA THR E 57 10.27 -1.10 -9.27
C THR E 57 9.91 -2.39 -8.61
N MET E 58 8.60 -2.57 -8.32
CA MET E 58 8.14 -3.79 -7.71
C MET E 58 6.97 -4.25 -8.54
N GLN E 59 6.90 -5.57 -8.82
CA GLN E 59 5.81 -6.08 -9.61
C GLN E 59 5.43 -7.41 -9.01
N GLN E 60 4.11 -7.62 -8.82
CA GLN E 60 3.64 -8.86 -8.26
C GLN E 60 2.33 -9.19 -8.89
N THR E 61 2.10 -10.49 -9.19
CA THR E 61 0.86 -10.89 -9.80
C THR E 61 0.21 -11.85 -8.84
N THR E 62 -1.07 -11.61 -8.50
CA THR E 62 -1.75 -12.48 -7.58
C THR E 62 -2.87 -13.15 -8.34
N ALA E 63 -2.90 -14.49 -8.32
CA ALA E 63 -3.94 -15.21 -9.01
C ALA E 63 -4.37 -16.30 -8.09
N LEU E 64 -5.71 -16.47 -7.94
CA LEU E 64 -6.22 -17.50 -7.08
C LEU E 64 -7.26 -18.25 -7.85
N PRO E 65 -6.85 -19.31 -8.51
CA PRO E 65 -7.77 -20.11 -9.29
C PRO E 65 -8.45 -21.18 -8.49
N ARG A 37 -11.99 6.37 20.61
CA ARG A 37 -13.29 5.68 20.86
C ARG A 37 -13.77 4.93 19.64
N PRO A 38 -13.97 5.63 18.52
CA PRO A 38 -14.45 4.98 17.31
C PRO A 38 -13.41 4.15 16.63
N LEU A 39 -13.85 3.07 15.94
CA LEU A 39 -12.93 2.20 15.26
C LEU A 39 -13.28 2.28 13.79
N VAL A 40 -12.24 2.25 12.92
CA VAL A 40 -12.48 2.32 11.51
C VAL A 40 -11.88 1.09 10.89
N ASN A 41 -12.71 0.32 10.14
CA ASN A 41 -12.22 -0.87 9.50
C ASN A 41 -12.34 -0.65 8.02
N ILE A 42 -11.23 -0.89 7.28
CA ILE A 42 -11.26 -0.70 5.85
C ILE A 42 -10.89 -2.01 5.23
N TYR A 43 -11.76 -2.53 4.32
CA TYR A 43 -11.49 -3.79 3.68
C TYR A 43 -10.90 -3.52 2.33
N ASN A 44 -11.49 -4.13 1.27
CA ASN A 44 -11.00 -3.94 -0.07
C ASN A 44 -11.18 -2.50 -0.42
N CYS A 45 -10.11 -1.85 -0.92
CA CYS A 45 -10.22 -0.46 -1.27
C CYS A 45 -9.05 -0.10 -2.13
N SER A 46 -9.11 1.12 -2.73
CA SER A 46 -8.03 1.58 -3.57
C SER A 46 -6.81 1.72 -2.72
N GLY A 47 -6.97 2.27 -1.50
CA GLY A 47 -5.84 2.43 -0.62
C GLY A 47 -6.35 3.04 0.63
N VAL A 48 -5.44 3.22 1.62
CA VAL A 48 -5.82 3.80 2.88
C VAL A 48 -4.88 4.93 3.16
N GLN A 49 -5.43 6.11 3.53
CA GLN A 49 -4.60 7.24 3.80
C GLN A 49 -4.47 7.39 5.29
N VAL A 50 -3.21 7.30 5.79
CA VAL A 50 -2.96 7.44 7.20
C VAL A 50 -1.91 8.51 7.34
N GLY A 51 -2.19 9.56 8.11
CA GLY A 51 -1.23 10.62 8.30
C GLY A 51 -1.50 11.64 7.24
N ASP A 52 -1.10 12.91 7.51
CA ASP A 52 -1.33 13.96 6.55
C ASP A 52 -0.15 14.02 5.62
N ASN A 53 -0.31 14.73 4.50
CA ASN A 53 0.75 14.86 3.54
C ASN A 53 0.43 16.06 2.71
N ASN A 54 1.30 16.39 1.73
CA ASN A 54 1.06 17.54 0.90
C ASN A 54 -0.19 17.32 0.08
N TYR A 55 -0.38 16.11 -0.51
CA TYR A 55 -1.56 15.90 -1.31
C TYR A 55 -1.65 14.43 -1.63
N LEU A 56 -2.89 13.93 -1.78
CA LEU A 56 -3.10 12.54 -2.09
C LEU A 56 -4.06 12.47 -3.25
N THR A 57 -3.70 11.69 -4.30
CA THR A 57 -4.59 11.57 -5.44
C THR A 57 -4.91 10.13 -5.62
N MET A 58 -6.20 9.83 -5.90
CA MET A 58 -6.61 8.46 -6.10
C MET A 58 -7.63 8.48 -7.19
N GLN A 59 -7.70 7.39 -7.98
CA GLN A 59 -8.68 7.32 -9.03
C GLN A 59 -9.12 5.88 -9.09
N GLN A 60 -10.40 5.66 -9.43
CA GLN A 60 -10.92 4.32 -9.49
C GLN A 60 -11.76 4.22 -10.72
N THR A 61 -11.56 3.13 -11.50
CA THR A 61 -12.33 2.94 -12.71
C THR A 61 -13.08 1.66 -12.53
N THR A 62 -14.42 1.72 -12.68
CA THR A 62 -15.24 0.54 -12.54
C THR A 62 -15.94 0.36 -13.84
N ALA A 63 -15.86 -0.85 -14.43
CA ALA A 63 -16.51 -1.10 -15.69
C ALA A 63 -17.56 -2.15 -15.46
N LEU A 64 -18.73 -1.97 -16.11
CA LEU A 64 -19.81 -2.90 -15.98
C LEU A 64 -19.89 -3.66 -17.27
N PRO A 65 -20.49 -4.84 -17.23
CA PRO A 65 -20.61 -5.68 -18.39
C PRO A 65 -21.86 -5.41 -19.18
N ARG B 37 -5.72 6.07 20.72
CA ARG B 37 -7.03 5.52 21.15
C ARG B 37 -7.69 4.70 20.05
N PRO B 38 -7.94 5.30 18.90
CA PRO B 38 -8.58 4.58 17.80
C PRO B 38 -7.65 3.61 17.12
N LEU B 39 -8.22 2.52 16.58
CA LEU B 39 -7.43 1.52 15.89
C LEU B 39 -7.92 1.48 14.48
N VAL B 40 -6.99 1.31 13.52
CA VAL B 40 -7.36 1.26 12.13
C VAL B 40 -6.89 -0.07 11.59
N ASN B 41 -7.84 -0.86 11.03
CA ASN B 41 -7.49 -2.14 10.49
C ASN B 41 -7.58 -2.03 8.99
N ILE B 42 -6.49 -2.43 8.30
CA ILE B 42 -6.47 -2.35 6.86
C ILE B 42 -6.22 -3.73 6.34
N TYR B 43 -7.11 -4.23 5.44
CA TYR B 43 -6.95 -5.57 4.92
C TYR B 43 -6.34 -5.48 3.55
N ASN B 44 -7.02 -6.09 2.55
CA ASN B 44 -6.50 -6.09 1.20
C ASN B 44 -6.68 -4.73 0.61
N CYS B 45 -5.60 -4.17 0.03
CA CYS B 45 -5.68 -2.86 -0.56
C CYS B 45 -4.50 -2.71 -1.46
N SER B 46 -4.48 -1.65 -2.30
CA SER B 46 -3.36 -1.43 -3.19
C SER B 46 -2.16 -1.16 -2.32
N GLY B 47 -2.33 -0.31 -1.29
CA GLY B 47 -1.22 -0.02 -0.43
C GLY B 47 -1.69 0.88 0.65
N VAL B 48 -0.80 1.15 1.62
CA VAL B 48 -1.14 2.01 2.72
C VAL B 48 -0.04 3.00 2.85
N GLN B 49 -0.40 4.31 2.98
CA GLN B 49 0.63 5.31 3.13
C GLN B 49 0.77 5.59 4.59
N VAL B 50 2.00 5.44 5.11
CA VAL B 50 2.25 5.69 6.50
C VAL B 50 3.32 6.74 6.55
N GLY B 51 3.03 7.87 7.25
CA GLY B 51 4.00 8.93 7.33
C GLY B 51 3.66 9.91 6.26
N ASP B 52 4.20 11.14 6.37
CA ASP B 52 3.92 12.16 5.38
C ASP B 52 4.81 11.93 4.19
N ASN B 53 4.48 12.61 3.07
CA ASN B 53 5.27 12.47 1.89
C ASN B 53 4.96 13.67 1.04
N ASN B 54 5.63 13.78 -0.12
CA ASN B 54 5.40 14.91 -0.97
C ASN B 54 4.22 14.62 -1.88
N TYR B 55 4.08 13.37 -2.37
CA TYR B 55 2.97 13.09 -3.25
C TYR B 55 2.80 11.60 -3.32
N LEU B 56 1.52 11.15 -3.42
CA LEU B 56 1.23 9.75 -3.52
C LEU B 56 0.13 9.61 -4.52
N THR B 57 0.33 8.72 -5.53
CA THR B 57 -0.70 8.52 -6.53
C THR B 57 -1.05 7.06 -6.51
N MET B 58 -2.36 6.75 -6.54
CA MET B 58 -2.80 5.39 -6.55
C MET B 58 -3.93 5.30 -7.53
N GLN B 59 -4.09 4.12 -8.16
CA GLN B 59 -5.16 3.96 -9.11
C GLN B 59 -5.62 2.54 -9.01
N GLN B 60 -6.94 2.31 -9.24
CA GLN B 60 -7.47 0.98 -9.16
C GLN B 60 -8.41 0.81 -10.31
N THR B 61 -8.33 -0.34 -11.01
CA THR B 61 -9.21 -0.61 -12.12
C THR B 61 -9.90 -1.90 -11.86
N THR B 62 -11.24 -1.92 -12.01
CA THR B 62 -12.00 -3.13 -11.78
C THR B 62 -12.47 -3.60 -13.13
N ALA B 63 -12.18 -4.89 -13.46
CA ALA B 63 -12.55 -5.45 -14.73
C ALA B 63 -14.05 -5.69 -14.75
N LEU B 64 -14.59 -5.84 -15.98
CA LEU B 64 -16.01 -6.05 -16.15
C LEU B 64 -16.36 -7.43 -15.67
N PRO B 65 -17.29 -7.53 -14.75
CA PRO B 65 -17.74 -8.82 -14.23
C PRO B 65 -18.15 -9.78 -15.30
N ARG C 37 0.81 5.49 20.04
CA ARG C 37 -0.49 5.15 20.67
C ARG C 37 -1.34 4.26 19.79
N PRO C 38 -1.65 4.70 18.57
CA PRO C 38 -2.47 3.90 17.67
C PRO C 38 -1.71 2.73 17.08
N LEU C 39 -2.46 1.66 16.73
CA LEU C 39 -1.85 0.49 16.15
C LEU C 39 -2.44 0.32 14.78
N VAL C 40 -1.57 0.21 13.75
CA VAL C 40 -2.05 0.04 12.40
C VAL C 40 -1.54 -1.28 11.90
N ASN C 41 -2.46 -2.16 11.47
CA ASN C 41 -2.07 -3.45 10.96
C ASN C 41 -2.38 -3.47 9.50
N ILE C 42 -1.41 -3.92 8.68
CA ILE C 42 -1.61 -3.97 7.25
C ILE C 42 -1.37 -5.39 6.84
N TYR C 43 -2.35 -6.00 6.13
CA TYR C 43 -2.19 -7.38 5.72
C TYR C 43 -1.66 -7.42 4.31
N ASN C 44 -2.37 -8.14 3.41
CA ASN C 44 -1.92 -8.28 2.04
C ASN C 44 -2.14 -6.98 1.33
N CYS C 45 -1.11 -6.52 0.60
CA CYS C 45 -1.22 -5.29 -0.13
C CYS C 45 -0.08 -5.27 -1.10
N SER C 46 -0.10 -4.30 -2.05
CA SER C 46 0.98 -4.22 -3.01
C SER C 46 2.22 -3.86 -2.23
N GLY C 47 2.10 -2.89 -1.30
CA GLY C 47 3.26 -2.53 -0.54
C GLY C 47 2.84 -1.52 0.47
N VAL C 48 3.76 -1.19 1.38
CA VAL C 48 3.50 -0.22 2.42
C VAL C 48 4.65 0.73 2.40
N GLN C 49 4.37 2.05 2.44
CA GLN C 49 5.46 2.99 2.43
C GLN C 49 5.59 3.52 3.83
N VAL C 50 6.84 3.47 4.36
CA VAL C 50 7.09 3.97 5.68
C VAL C 50 8.18 4.98 5.54
N GLY C 51 7.95 6.20 6.05
CA GLY C 51 8.93 7.24 5.93
C GLY C 51 8.51 8.10 4.78
N ASP C 52 9.10 9.32 4.68
CA ASP C 52 8.72 10.19 3.61
C ASP C 52 9.45 9.81 2.37
N ASN C 53 9.04 10.40 1.24
CA ASN C 53 9.65 10.10 -0.03
C ASN C 53 9.31 11.25 -0.93
N ASN C 54 9.89 11.27 -2.14
CA ASN C 54 9.61 12.35 -3.05
C ASN C 54 8.40 11.99 -3.87
N TYR C 55 8.25 10.70 -4.26
CA TYR C 55 7.10 10.35 -5.06
C TYR C 55 6.93 8.85 -4.99
N LEU C 56 5.67 8.41 -4.85
CA LEU C 56 5.39 6.98 -4.79
C LEU C 56 4.18 6.75 -5.65
N THR C 57 4.27 5.78 -6.58
CA THR C 57 3.14 5.48 -7.43
C THR C 57 2.81 4.03 -7.24
N MET C 58 1.49 3.73 -7.21
CA MET C 58 1.05 2.37 -7.07
C MET C 58 -0.15 2.19 -7.94
N GLN C 59 -0.35 0.97 -8.45
CA GLN C 59 -1.51 0.72 -9.28
C GLN C 59 -1.96 -0.68 -8.99
N GLN C 60 -3.29 -0.90 -9.05
CA GLN C 60 -3.82 -2.21 -8.78
C GLN C 60 -4.90 -2.49 -9.78
N THR C 61 -4.91 -3.72 -10.32
CA THR C 61 -5.92 -4.09 -11.29
C THR C 61 -6.65 -5.27 -10.72
N THR C 62 -7.99 -5.19 -10.68
CA THR C 62 -8.78 -6.28 -10.13
C THR C 62 -9.45 -6.95 -11.28
N ALA C 63 -9.23 -8.28 -11.42
CA ALA C 63 -9.81 -9.02 -12.50
C ALA C 63 -11.24 -9.36 -12.16
N LEU C 64 -12.01 -9.71 -13.20
CA LEU C 64 -13.41 -10.05 -13.04
C LEU C 64 -13.50 -11.39 -12.37
N PRO C 65 -14.64 -11.69 -11.79
CA PRO C 65 -14.87 -12.94 -11.13
C PRO C 65 -15.46 -13.97 -12.05
N ARG D 37 6.65 4.95 19.50
CA ARG D 37 5.45 4.45 20.21
C ARG D 37 4.62 3.52 19.36
N PRO D 38 4.20 3.96 18.16
CA PRO D 38 3.39 3.12 17.30
C PRO D 38 4.17 2.01 16.67
N LEU D 39 3.49 0.88 16.38
CA LEU D 39 4.13 -0.25 15.76
C LEU D 39 3.46 -0.46 14.44
N VAL D 40 4.23 -0.89 13.41
CA VAL D 40 3.67 -1.12 12.10
C VAL D 40 3.95 -2.55 11.76
N ASN D 41 2.87 -3.31 11.46
CA ASN D 41 3.02 -4.71 11.11
C ASN D 41 2.66 -4.85 9.66
N ILE D 42 3.60 -5.39 8.85
CA ILE D 42 3.35 -5.57 7.45
C ILE D 42 3.53 -7.04 7.18
N TYR D 43 2.49 -7.70 6.62
CA TYR D 43 2.58 -9.12 6.36
C TYR D 43 3.04 -9.32 4.94
N ASN D 44 2.35 -10.21 4.18
CA ASN D 44 2.75 -10.50 2.83
C ASN D 44 2.44 -9.31 1.98
N CYS D 45 3.40 -8.91 1.12
CA CYS D 45 3.22 -7.78 0.27
C CYS D 45 4.28 -7.87 -0.79
N SER D 46 4.19 -7.02 -1.84
CA SER D 46 5.20 -7.05 -2.88
C SER D 46 6.48 -6.61 -2.24
N GLY D 47 6.45 -5.55 -1.42
CA GLY D 47 7.65 -5.11 -0.79
C GLY D 47 7.33 -3.97 0.13
N VAL D 48 8.35 -3.53 0.89
CA VAL D 48 8.18 -2.45 1.82
C VAL D 48 9.31 -1.50 1.56
N GLN D 49 9.01 -0.18 1.48
CA GLN D 49 10.06 0.79 1.24
C GLN D 49 10.26 1.57 2.50
N VAL D 50 11.49 1.52 3.03
CA VAL D 50 11.81 2.24 4.24
C VAL D 50 13.16 2.84 4.03
N GLY D 51 13.34 4.15 4.37
CA GLY D 51 14.64 4.76 4.23
C GLY D 51 14.58 5.87 3.22
N ASP D 52 13.38 6.20 2.72
CA ASP D 52 13.24 7.30 1.76
C ASP D 52 13.72 6.81 0.41
N ASN D 53 13.37 7.58 -0.64
CA ASN D 53 13.77 7.25 -1.97
C ASN D 53 13.42 8.41 -2.83
N ASN D 54 13.82 8.38 -4.11
CA ASN D 54 13.48 9.48 -4.99
C ASN D 54 12.29 9.09 -5.80
N TYR D 55 12.15 7.80 -6.16
CA TYR D 55 11.02 7.39 -6.95
C TYR D 55 10.83 5.92 -6.75
N LEU D 56 9.57 5.48 -6.55
CA LEU D 56 9.30 4.09 -6.35
C LEU D 56 7.99 3.77 -7.03
N THR D 57 7.98 2.69 -7.84
CA THR D 57 6.76 2.32 -8.52
C THR D 57 6.47 0.88 -8.16
N MET D 58 5.19 0.58 -7.88
CA MET D 58 4.81 -0.76 -7.55
C MET D 58 3.51 -1.04 -8.25
N GLN D 59 3.27 -2.31 -8.61
CA GLN D 59 2.03 -2.63 -9.29
C GLN D 59 1.61 -3.99 -8.81
N GLN D 60 0.28 -4.22 -8.75
CA GLN D 60 -0.23 -5.48 -8.31
C GLN D 60 -1.43 -5.80 -9.17
N THR D 61 -1.54 -7.07 -9.60
CA THR D 61 -2.65 -7.47 -10.42
C THR D 61 -3.31 -8.63 -9.74
N THR D 62 -4.65 -8.54 -9.56
CA THR D 62 -5.38 -9.61 -8.93
C THR D 62 -5.98 -10.43 -10.03
N ALA D 63 -5.66 -11.74 -10.06
CA ALA D 63 -6.16 -12.61 -11.10
C ALA D 63 -7.54 -13.07 -10.78
N LEU D 64 -8.29 -13.47 -11.84
CA LEU D 64 -9.65 -13.92 -11.71
C LEU D 64 -9.63 -15.35 -11.22
N PRO D 65 -10.76 -15.79 -10.67
CA PRO D 65 -10.90 -17.13 -10.20
C PRO D 65 -11.49 -18.05 -11.23
N ARG E 37 12.80 4.14 17.99
CA ARG E 37 11.58 3.92 18.83
C ARG E 37 10.61 2.97 18.17
N PRO E 38 10.13 3.30 16.97
CA PRO E 38 9.18 2.43 16.29
C PRO E 38 9.82 1.19 15.74
N LEU E 39 9.02 0.10 15.65
CA LEU E 39 9.52 -1.15 15.14
C LEU E 39 8.64 -1.54 14.00
N VAL E 40 9.26 -1.88 12.84
CA VAL E 40 8.49 -2.27 11.68
C VAL E 40 8.81 -3.72 11.42
N ASN E 41 7.75 -4.56 11.37
CA ASN E 41 7.96 -5.97 11.14
C ASN E 41 7.56 -6.25 9.72
N ILE E 42 8.46 -6.95 8.97
CA ILE E 42 8.18 -7.28 7.59
C ILE E 42 8.31 -8.76 7.46
N TYR E 43 7.27 -9.42 6.91
CA TYR E 43 7.29 -10.86 6.75
C TYR E 43 7.73 -11.17 5.34
N ASN E 44 7.24 -12.30 4.78
CA ASN E 44 7.63 -12.71 3.45
C ASN E 44 7.15 -11.68 2.47
N CYS E 45 8.02 -11.37 1.49
CA CYS E 45 7.69 -10.38 0.50
C CYS E 45 8.68 -10.57 -0.61
N SER E 46 8.49 -9.86 -1.76
CA SER E 46 9.43 -10.00 -2.86
C SER E 46 10.76 -9.48 -2.38
N GLY E 47 10.75 -8.40 -1.60
CA GLY E 47 11.99 -7.87 -1.10
C GLY E 47 11.69 -6.64 -0.32
N VAL E 48 12.73 -6.11 0.35
CA VAL E 48 12.58 -4.91 1.14
C VAL E 48 13.63 -3.98 0.62
N GLN E 49 13.26 -2.72 0.31
CA GLN E 49 14.23 -1.79 -0.22
C GLN E 49 14.57 -0.79 0.83
N VAL E 50 15.83 -0.87 1.32
CA VAL E 50 16.32 0.06 2.30
C VAL E 50 17.66 0.48 1.82
N GLY E 51 17.94 1.81 1.76
CA GLY E 51 19.23 2.23 1.28
C GLY E 51 19.11 3.60 0.68
N ASP E 52 17.87 4.03 0.35
CA ASP E 52 17.67 5.35 -0.21
C ASP E 52 18.35 5.43 -1.55
N ASN E 53 18.05 4.47 -2.45
CA ASN E 53 18.64 4.48 -3.76
C ASN E 53 17.84 5.41 -4.62
N ASN E 54 18.22 5.55 -5.90
CA ASN E 54 17.51 6.46 -6.77
C ASN E 54 16.11 5.93 -7.01
N TYR E 55 15.97 4.67 -7.45
CA TYR E 55 14.64 4.16 -7.71
C TYR E 55 14.71 2.66 -7.77
N LEU E 56 13.54 2.02 -7.63
CA LEU E 56 13.46 0.58 -7.69
C LEU E 56 12.07 0.28 -8.12
N THR E 57 11.89 -0.82 -8.90
CA THR E 57 10.57 -1.17 -9.35
C THR E 57 10.25 -2.54 -8.85
N MET E 58 8.96 -2.80 -8.54
CA MET E 58 8.55 -4.10 -8.06
C MET E 58 7.21 -4.39 -8.66
N GLN E 59 6.89 -5.68 -8.84
CA GLN E 59 5.62 -6.05 -9.40
C GLN E 59 5.20 -7.33 -8.76
N GLN E 60 3.88 -7.56 -8.66
CA GLN E 60 3.39 -8.76 -8.03
C GLN E 60 2.11 -9.13 -8.72
N THR E 61 1.91 -10.44 -8.95
CA THR E 61 0.70 -10.91 -9.60
C THR E 61 0.08 -11.93 -8.68
N THR E 62 -1.23 -11.77 -8.38
CA THR E 62 -1.90 -12.70 -7.52
C THR E 62 -2.25 -13.90 -8.35
N ALA E 63 -1.97 -15.12 -7.81
CA ALA E 63 -2.25 -16.34 -8.53
C ALA E 63 -3.73 -16.55 -8.62
N LEU E 64 -4.14 -17.44 -9.55
CA LEU E 64 -5.54 -17.72 -9.76
C LEU E 64 -6.04 -18.51 -8.58
N PRO E 65 -7.04 -17.99 -7.89
CA PRO E 65 -7.60 -18.67 -6.75
C PRO E 65 -8.75 -19.57 -7.14
N ARG A 37 -11.65 6.07 20.88
CA ARG A 37 -12.98 5.46 21.18
C ARG A 37 -13.57 4.78 19.97
N PRO A 38 -13.78 5.51 18.89
CA PRO A 38 -14.34 4.91 17.68
C PRO A 38 -13.37 4.04 16.95
N LEU A 39 -13.88 2.98 16.30
CA LEU A 39 -13.03 2.08 15.56
C LEU A 39 -13.41 2.21 14.12
N VAL A 40 -12.40 2.26 13.23
CA VAL A 40 -12.69 2.40 11.82
C VAL A 40 -12.00 1.29 11.10
N ASN A 41 -12.78 0.48 10.35
CA ASN A 41 -12.22 -0.61 9.60
C ASN A 41 -12.56 -0.33 8.16
N ILE A 42 -11.53 -0.33 7.29
CA ILE A 42 -11.78 -0.04 5.90
C ILE A 42 -11.44 -1.27 5.11
N TYR A 43 -12.42 -1.79 4.35
CA TYR A 43 -12.21 -2.95 3.52
C TYR A 43 -12.47 -2.50 2.12
N ASN A 44 -11.42 -2.49 1.28
CA ASN A 44 -11.59 -2.05 -0.09
C ASN A 44 -10.30 -2.32 -0.80
N CYS A 45 -10.19 -1.82 -2.05
CA CYS A 45 -8.98 -2.01 -2.81
C CYS A 45 -8.45 -0.66 -3.19
N SER A 46 -9.18 0.42 -2.84
CA SER A 46 -8.74 1.76 -3.17
C SER A 46 -7.47 2.09 -2.43
N GLY A 47 -7.43 1.78 -1.11
CA GLY A 47 -6.25 2.08 -0.33
C GLY A 47 -6.69 2.93 0.82
N VAL A 48 -5.76 3.22 1.77
CA VAL A 48 -6.10 4.03 2.92
C VAL A 48 -4.99 5.03 3.13
N GLN A 49 -5.36 6.29 3.44
CA GLN A 49 -4.37 7.32 3.68
C GLN A 49 -4.40 7.67 5.15
N VAL A 50 -3.24 7.55 5.83
CA VAL A 50 -3.18 7.87 7.24
C VAL A 50 -1.99 8.76 7.46
N GLY A 51 -2.20 9.93 8.09
CA GLY A 51 -1.10 10.83 8.36
C GLY A 51 -0.61 11.42 7.08
N ASP A 52 -1.54 11.92 6.24
CA ASP A 52 -1.15 12.51 4.98
C ASP A 52 -0.68 13.92 5.24
N ASN A 53 0.59 14.21 4.87
CA ASN A 53 1.13 15.53 5.08
C ASN A 53 1.09 16.26 3.77
N ASN A 54 0.42 15.67 2.76
CA ASN A 54 0.34 16.29 1.47
C ASN A 54 -0.93 15.82 0.83
N TYR A 55 -1.23 16.33 -0.39
CA TYR A 55 -2.45 15.95 -1.07
C TYR A 55 -2.22 14.61 -1.72
N LEU A 56 -3.33 13.90 -1.99
CA LEU A 56 -3.25 12.60 -2.62
C LEU A 56 -4.46 12.47 -3.49
N THR A 57 -4.27 12.00 -4.73
CA THR A 57 -5.38 11.81 -5.62
C THR A 57 -5.36 10.38 -6.05
N MET A 58 -6.55 9.78 -6.26
CA MET A 58 -6.62 8.41 -6.67
C MET A 58 -7.62 8.35 -7.78
N GLN A 59 -7.39 7.42 -8.74
CA GLN A 59 -8.30 7.26 -9.84
C GLN A 59 -8.92 5.91 -9.70
N GLN A 60 -10.26 5.84 -9.78
CA GLN A 60 -10.94 4.58 -9.64
C GLN A 60 -11.70 4.35 -10.91
N THR A 61 -11.52 3.16 -11.52
CA THR A 61 -12.22 2.83 -12.73
C THR A 61 -12.97 1.56 -12.48
N THR A 62 -14.29 1.57 -12.72
CA THR A 62 -15.09 0.39 -12.51
C THR A 62 -15.88 0.16 -13.77
N ALA A 63 -15.84 -1.06 -14.30
CA ALA A 63 -16.57 -1.35 -15.52
C ALA A 63 -17.20 -2.70 -15.36
N LEU A 64 -18.46 -2.82 -15.83
CA LEU A 64 -19.17 -4.08 -15.74
C LEU A 64 -19.71 -4.39 -17.10
N PRO A 65 -18.86 -4.91 -17.97
CA PRO A 65 -19.28 -5.25 -19.32
C PRO A 65 -19.94 -6.59 -19.41
N ARG B 37 -5.86 6.21 20.84
CA ARG B 37 -7.27 5.87 21.16
C ARG B 37 -7.89 5.00 20.09
N PRO B 38 -7.97 5.49 18.86
CA PRO B 38 -8.57 4.72 17.77
C PRO B 38 -7.68 3.61 17.29
N LEU B 39 -8.31 2.56 16.71
CA LEU B 39 -7.55 1.44 16.21
C LEU B 39 -8.03 1.22 14.80
N VAL B 40 -7.09 1.15 13.83
CA VAL B 40 -7.47 0.96 12.45
C VAL B 40 -6.73 -0.24 11.92
N ASN B 41 -7.49 -1.21 11.36
CA ASN B 41 -6.88 -2.38 10.78
C ASN B 41 -7.10 -2.29 9.31
N ILE B 42 -6.06 -2.55 8.49
CA ILE B 42 -6.21 -2.44 7.06
C ILE B 42 -5.92 -3.77 6.44
N TYR B 43 -6.90 -4.29 5.68
CA TYR B 43 -6.76 -5.54 4.96
C TYR B 43 -7.19 -5.20 3.57
N ASN B 44 -6.36 -4.41 2.84
CA ASN B 44 -6.77 -3.96 1.54
C ASN B 44 -5.67 -4.21 0.54
N CYS B 45 -5.80 -3.54 -0.62
CA CYS B 45 -4.83 -3.63 -1.67
C CYS B 45 -4.48 -2.21 -2.00
N SER B 46 -3.62 -2.01 -3.03
CA SER B 46 -3.22 -0.67 -3.44
C SER B 46 -2.07 -0.26 -2.57
N GLY B 47 -2.30 -0.17 -1.25
CA GLY B 47 -1.24 0.19 -0.35
C GLY B 47 -1.75 1.16 0.65
N VAL B 48 -0.98 1.35 1.73
CA VAL B 48 -1.33 2.28 2.77
C VAL B 48 -0.11 3.11 3.01
N GLN B 49 -0.27 4.45 3.09
CA GLN B 49 0.87 5.29 3.33
C GLN B 49 0.77 5.79 4.73
N VAL B 50 1.91 5.77 5.45
CA VAL B 50 1.93 6.26 6.80
C VAL B 50 3.08 7.22 6.91
N GLY B 51 2.79 8.49 7.27
CA GLY B 51 3.84 9.47 7.41
C GLY B 51 4.40 9.82 6.07
N ASP B 52 3.51 10.01 5.06
CA ASP B 52 3.99 10.37 3.74
C ASP B 52 4.31 11.84 3.76
N ASN B 53 5.55 12.20 3.32
CA ASN B 53 5.96 13.58 3.33
C ASN B 53 5.83 14.12 1.93
N ASN B 54 5.20 13.37 1.01
CA ASN B 54 5.06 13.85 -0.33
C ASN B 54 3.77 13.30 -0.87
N TYR B 55 3.40 13.72 -2.10
CA TYR B 55 2.16 13.28 -2.69
C TYR B 55 2.41 11.94 -3.33
N LEU B 56 1.31 11.17 -3.51
CA LEU B 56 1.41 9.87 -4.11
C LEU B 56 0.08 9.63 -4.75
N THR B 57 0.07 9.00 -5.95
CA THR B 57 -1.17 8.73 -6.63
C THR B 57 -1.27 7.25 -6.83
N MET B 58 -2.52 6.74 -6.86
CA MET B 58 -2.73 5.33 -7.06
C MET B 58 -3.86 5.19 -8.04
N GLN B 59 -3.78 4.15 -8.89
CA GLN B 59 -4.82 3.91 -9.85
C GLN B 59 -5.40 2.57 -9.52
N GLN B 60 -6.75 2.50 -9.43
CA GLN B 60 -7.39 1.25 -9.10
C GLN B 60 -8.37 0.97 -10.20
N THR B 61 -8.25 -0.23 -10.82
CA THR B 61 -9.15 -0.59 -11.89
C THR B 61 -9.83 -1.86 -11.51
N THR B 62 -11.19 -1.86 -11.56
CA THR B 62 -11.94 -3.05 -11.21
C THR B 62 -12.73 -3.43 -12.42
N ALA B 63 -12.59 -4.70 -12.86
CA ALA B 63 -13.32 -5.16 -14.02
C ALA B 63 -14.14 -6.33 -13.58
N LEU B 64 -15.46 -6.30 -13.92
CA LEU B 64 -16.34 -7.38 -13.56
C LEU B 64 -17.06 -7.82 -14.80
N PRO B 65 -16.42 -8.64 -15.60
CA PRO B 65 -17.00 -9.13 -16.82
C PRO B 65 -17.77 -10.40 -16.63
N ARG C 37 0.53 5.06 20.96
CA ARG C 37 0.34 3.64 20.55
C ARG C 37 -0.87 3.52 19.65
N PRO C 38 -0.69 3.87 18.40
CA PRO C 38 -1.77 3.83 17.43
C PRO C 38 -2.20 2.44 17.05
N LEU C 39 -1.25 1.46 17.12
CA LEU C 39 -1.56 0.08 16.79
C LEU C 39 -2.04 0.02 15.37
N VAL C 40 -1.11 0.09 14.41
CA VAL C 40 -1.48 0.05 13.02
C VAL C 40 -1.10 -1.29 12.47
N ASN C 41 -2.11 -2.05 11.99
CA ASN C 41 -1.86 -3.35 11.42
C ASN C 41 -2.19 -3.26 9.96
N ILE C 42 -1.19 -3.52 9.08
CA ILE C 42 -1.43 -3.42 7.67
C ILE C 42 -1.18 -4.76 7.05
N TYR C 43 -2.23 -5.33 6.41
CA TYR C 43 -2.08 -6.59 5.73
C TYR C 43 -2.47 -6.30 4.30
N ASN C 44 -1.47 -6.05 3.44
CA ASN C 44 -1.76 -5.72 2.06
C ASN C 44 -0.93 -6.59 1.19
N CYS C 45 -1.13 -6.49 -0.13
CA CYS C 45 -0.35 -7.26 -1.06
C CYS C 45 0.46 -6.30 -1.89
N SER C 46 -0.12 -5.11 -2.18
CA SER C 46 0.55 -4.11 -3.00
C SER C 46 1.76 -3.57 -2.29
N GLY C 47 1.69 -3.33 -0.97
CA GLY C 47 2.83 -2.82 -0.26
C GLY C 47 2.41 -1.76 0.71
N VAL C 48 3.39 -1.23 1.47
CA VAL C 48 3.12 -0.20 2.46
C VAL C 48 4.24 0.80 2.35
N GLN C 49 3.90 2.11 2.38
CA GLN C 49 4.91 3.13 2.28
C GLN C 49 5.04 3.79 3.61
N VAL C 50 6.27 3.77 4.19
CA VAL C 50 6.49 4.38 5.47
C VAL C 50 7.72 5.23 5.37
N GLY C 51 7.59 6.54 5.72
CA GLY C 51 8.74 7.43 5.71
C GLY C 51 9.16 7.70 4.29
N ASP C 52 8.20 7.90 3.37
CA ASP C 52 8.56 8.18 2.00
C ASP C 52 8.89 9.65 1.92
N ASN C 53 10.11 9.97 1.41
CA ASN C 53 10.52 11.35 1.31
C ASN C 53 10.39 11.78 -0.13
N ASN C 54 9.72 10.97 -0.97
CA ASN C 54 9.57 11.32 -2.35
C ASN C 54 8.22 10.85 -2.79
N TYR C 55 7.83 11.19 -4.04
CA TYR C 55 6.54 10.80 -4.53
C TYR C 55 6.63 9.39 -5.03
N LEU C 56 5.48 8.67 -4.99
CA LEU C 56 5.47 7.30 -5.44
C LEU C 56 4.15 7.08 -6.12
N THR C 57 4.10 6.09 -7.04
CA THR C 57 2.85 5.80 -7.71
C THR C 57 2.69 4.32 -7.71
N MET C 58 1.44 3.83 -7.61
CA MET C 58 1.20 2.41 -7.62
C MET C 58 -0.03 2.16 -8.42
N GLN C 59 -0.10 0.99 -9.08
CA GLN C 59 -1.25 0.65 -9.88
C GLN C 59 -1.80 -0.64 -9.34
N GLN C 60 -3.14 -0.74 -9.25
CA GLN C 60 -3.75 -1.94 -8.75
C GLN C 60 -4.84 -2.31 -9.72
N THR C 61 -4.82 -3.57 -10.21
CA THR C 61 -5.83 -4.01 -11.13
C THR C 61 -6.50 -5.22 -10.55
N THR C 62 -7.84 -5.20 -10.47
CA THR C 62 -8.57 -6.32 -9.92
C THR C 62 -9.55 -6.77 -10.97
N ALA C 63 -9.55 -8.08 -11.29
CA ALA C 63 -10.46 -8.57 -12.30
C ALA C 63 -11.07 -9.85 -11.78
N LEU C 64 -12.39 -10.01 -11.97
CA LEU C 64 -13.07 -11.20 -11.50
C LEU C 64 -13.86 -11.75 -12.66
N PRO C 65 -13.19 -12.45 -13.55
CA PRO C 65 -13.84 -13.03 -14.70
C PRO C 65 -14.47 -14.36 -14.41
N ARG D 37 5.38 6.35 19.22
CA ARG D 37 4.23 5.65 18.57
C ARG D 37 4.71 4.44 17.82
N PRO D 38 5.08 3.42 18.55
CA PRO D 38 5.57 2.19 17.97
C PRO D 38 4.49 1.17 17.71
N LEU D 39 4.92 -0.04 17.30
CA LEU D 39 4.03 -1.16 17.06
C LEU D 39 3.40 -1.00 15.70
N VAL D 40 4.20 -1.28 14.64
CA VAL D 40 3.70 -1.21 13.30
C VAL D 40 3.90 -2.57 12.71
N ASN D 41 2.81 -3.25 12.32
CA ASN D 41 2.92 -4.58 11.75
C ASN D 41 2.64 -4.47 10.29
N ILE D 42 3.63 -4.89 9.46
CA ILE D 42 3.47 -4.80 8.03
C ILE D 42 3.69 -6.17 7.46
N TYR D 43 2.66 -6.69 6.74
CA TYR D 43 2.78 -7.98 6.11
C TYR D 43 2.38 -7.78 4.68
N ASN D 44 3.33 -7.87 3.73
CA ASN D 44 3.02 -7.66 2.34
C ASN D 44 3.69 -8.72 1.52
N CYS D 45 3.31 -8.79 0.23
CA CYS D 45 3.90 -9.75 -0.66
C CYS D 45 4.80 -8.99 -1.61
N SER D 46 4.39 -7.75 -2.00
CA SER D 46 5.20 -6.96 -2.90
C SER D 46 6.45 -6.50 -2.21
N GLY D 47 6.34 -6.09 -0.91
CA GLY D 47 7.50 -5.64 -0.19
C GLY D 47 7.14 -4.42 0.58
N VAL D 48 8.16 -3.79 1.22
CA VAL D 48 7.94 -2.60 2.01
C VAL D 48 9.05 -1.64 1.65
N GLN D 49 8.71 -0.34 1.51
CA GLN D 49 9.71 0.65 1.19
C GLN D 49 9.88 1.50 2.43
N VAL D 50 11.13 1.57 2.96
CA VAL D 50 11.36 2.36 4.14
C VAL D 50 12.57 3.23 3.89
N GLY D 51 12.43 4.55 4.14
CA GLY D 51 13.55 5.46 3.97
C GLY D 51 13.85 5.62 2.50
N ASP D 52 12.82 5.59 1.65
CA ASP D 52 13.04 5.75 0.24
C ASP D 52 13.18 7.22 -0.04
N ASN D 53 14.34 7.62 -0.61
CA ASN D 53 14.59 9.01 -0.91
C ASN D 53 14.40 9.20 -2.39
N ASN D 54 13.86 8.17 -3.08
CA ASN D 54 13.65 8.25 -4.50
C ASN D 54 12.29 7.69 -4.76
N TYR D 55 11.81 7.82 -6.01
CA TYR D 55 10.50 7.33 -6.35
C TYR D 55 10.61 5.86 -6.66
N LEU D 56 9.48 5.15 -6.50
CA LEU D 56 9.45 3.74 -6.78
C LEU D 56 8.04 3.45 -7.20
N THR D 57 7.85 2.56 -8.20
CA THR D 57 6.53 2.25 -8.66
C THR D 57 6.32 0.78 -8.49
N MET D 58 5.08 0.38 -8.17
CA MET D 58 4.77 -1.01 -8.00
C MET D 58 3.47 -1.27 -8.69
N GLN D 59 3.35 -2.45 -9.31
CA GLN D 59 2.13 -2.80 -10.00
C GLN D 59 1.64 -4.06 -9.36
N GLN D 60 0.33 -4.10 -9.04
CA GLN D 60 -0.23 -5.27 -8.41
C GLN D 60 -1.43 -5.66 -9.20
N THR D 61 -1.48 -6.93 -9.65
CA THR D 61 -2.61 -7.40 -10.42
C THR D 61 -3.21 -8.56 -9.68
N THR D 62 -4.53 -8.51 -9.45
CA THR D 62 -5.20 -9.58 -8.76
C THR D 62 -6.21 -10.16 -9.70
N ALA D 63 -6.15 -11.48 -9.93
CA ALA D 63 -7.08 -12.13 -10.82
C ALA D 63 -7.79 -13.17 -10.02
N LEU D 64 -9.15 -13.19 -10.10
CA LEU D 64 -9.92 -14.15 -9.36
C LEU D 64 -10.86 -14.82 -10.34
N PRO D 65 -10.35 -15.79 -11.07
CA PRO D 65 -11.15 -16.51 -12.03
C PRO D 65 -11.87 -17.68 -11.44
N ARG E 37 12.73 3.76 18.56
CA ARG E 37 12.32 3.37 17.18
C ARG E 37 10.93 2.80 17.18
N PRO E 38 10.25 2.92 16.05
CA PRO E 38 8.89 2.43 15.90
C PRO E 38 8.77 0.93 15.96
N LEU E 39 9.87 0.20 15.64
CA LEU E 39 9.85 -1.25 15.67
C LEU E 39 8.92 -1.75 14.59
N VAL E 40 9.46 -1.93 13.37
CA VAL E 40 8.66 -2.41 12.27
C VAL E 40 9.07 -3.82 12.02
N ASN E 41 8.09 -4.76 12.09
CA ASN E 41 8.39 -6.15 11.87
C ASN E 41 8.47 -6.38 10.40
N ILE E 42 9.43 -7.22 9.96
CA ILE E 42 9.60 -7.49 8.56
C ILE E 42 9.29 -8.94 8.32
N TYR E 43 8.22 -9.19 7.54
CA TYR E 43 7.82 -10.53 7.20
C TYR E 43 7.15 -10.40 5.87
N ASN E 44 7.95 -10.19 4.81
CA ASN E 44 7.39 -9.99 3.51
C ASN E 44 8.11 -10.87 2.53
N CYS E 45 7.70 -10.75 1.25
CA CYS E 45 8.30 -11.51 0.20
C CYS E 45 8.75 -10.51 -0.82
N SER E 46 9.64 -10.95 -1.76
CA SER E 46 10.14 -10.08 -2.81
C SER E 46 11.21 -9.18 -2.25
N GLY E 47 11.57 -9.36 -0.96
CA GLY E 47 12.61 -8.55 -0.36
C GLY E 47 12.03 -7.29 0.19
N VAL E 48 12.90 -6.52 0.88
CA VAL E 48 12.51 -5.26 1.47
C VAL E 48 13.56 -4.27 1.09
N GLN E 49 13.15 -3.07 0.64
CA GLN E 49 14.13 -2.07 0.24
C GLN E 49 14.21 -1.04 1.33
N VAL E 50 15.45 -0.82 1.86
CA VAL E 50 15.63 0.15 2.90
C VAL E 50 16.80 1.01 2.53
N GLY E 51 16.63 2.35 2.58
CA GLY E 51 17.72 3.25 2.28
C GLY E 51 18.00 3.23 0.79
N ASP E 52 16.96 3.06 -0.03
CA ASP E 52 17.15 3.04 -1.46
C ASP E 52 17.17 4.46 -1.94
N ASN E 53 18.34 4.91 -2.46
CA ASN E 53 18.44 6.26 -2.97
C ASN E 53 18.27 6.20 -4.46
N ASN E 54 18.08 4.97 -4.98
CA ASN E 54 17.89 4.80 -6.41
C ASN E 54 16.49 4.32 -6.59
N TYR E 55 15.91 4.59 -7.79
CA TYR E 55 14.56 4.17 -8.05
C TYR E 55 14.60 2.71 -8.43
N LEU E 56 13.52 1.99 -8.11
CA LEU E 56 13.45 0.58 -8.43
C LEU E 56 11.99 0.26 -8.61
N THR E 57 11.67 -0.75 -9.43
CA THR E 57 10.29 -1.10 -9.66
C THR E 57 10.11 -2.55 -9.34
N MET E 58 8.89 -2.91 -8.89
CA MET E 58 8.60 -4.29 -8.56
C MET E 58 7.21 -4.58 -9.06
N GLN E 59 6.95 -5.84 -9.44
CA GLN E 59 5.66 -6.21 -9.95
C GLN E 59 5.22 -7.40 -9.16
N GLN E 60 3.90 -7.51 -8.89
CA GLN E 60 3.38 -8.62 -8.15
C GLN E 60 2.09 -9.01 -8.78
N THR E 61 1.92 -10.32 -9.05
CA THR E 61 0.70 -10.80 -9.66
C THR E 61 0.15 -11.87 -8.76
N THR E 62 -1.15 -11.75 -8.41
CA THR E 62 -1.77 -12.73 -7.55
C THR E 62 -2.90 -13.34 -8.33
N ALA E 63 -2.91 -14.69 -8.40
CA ALA E 63 -3.96 -15.37 -9.11
C ALA E 63 -4.46 -16.44 -8.20
N LEU E 64 -5.79 -16.49 -8.00
CA LEU E 64 -6.37 -17.48 -7.13
C LEU E 64 -7.45 -18.19 -7.90
N PRO E 65 -7.07 -19.21 -8.62
CA PRO E 65 -8.02 -19.98 -9.41
C PRO E 65 -8.66 -21.08 -8.63
N ARG A 37 -14.15 6.93 21.22
CA ARG A 37 -13.21 5.93 20.63
C ARG A 37 -13.88 5.15 19.54
N PRO A 38 -14.09 5.79 18.41
CA PRO A 38 -14.74 5.16 17.27
C PRO A 38 -13.86 4.15 16.57
N LEU A 39 -14.48 3.12 15.97
CA LEU A 39 -13.72 2.11 15.29
C LEU A 39 -14.02 2.23 13.82
N VAL A 40 -12.96 2.19 12.99
CA VAL A 40 -13.14 2.29 11.57
C VAL A 40 -12.40 1.13 10.96
N ASN A 41 -13.08 0.38 10.06
CA ASN A 41 -12.44 -0.75 9.43
C ASN A 41 -12.51 -0.53 7.95
N ILE A 42 -11.40 -0.80 7.24
CA ILE A 42 -11.37 -0.63 5.81
C ILE A 42 -11.02 -1.97 5.22
N TYR A 43 -11.87 -2.44 4.28
CA TYR A 43 -11.64 -3.74 3.67
C TYR A 43 -10.96 -3.51 2.34
N ASN A 44 -11.50 -4.13 1.26
CA ASN A 44 -10.91 -3.98 -0.05
C ASN A 44 -11.07 -2.54 -0.45
N CYS A 45 -9.98 -1.90 -0.91
CA CYS A 45 -10.07 -0.52 -1.28
C CYS A 45 -8.86 -0.20 -2.12
N SER A 46 -8.85 1.03 -2.69
CA SER A 46 -7.73 1.45 -3.50
C SER A 46 -6.68 2.01 -2.59
N GLY A 47 -6.51 1.40 -1.41
CA GLY A 47 -5.53 1.87 -0.47
C GLY A 47 -6.13 2.98 0.31
N VAL A 48 -5.33 3.55 1.22
CA VAL A 48 -5.78 4.64 2.04
C VAL A 48 -4.53 5.25 2.59
N GLN A 49 -4.59 6.51 3.06
CA GLN A 49 -3.40 7.12 3.61
C GLN A 49 -3.72 7.66 4.96
N VAL A 50 -2.76 7.49 5.88
CA VAL A 50 -2.91 8.00 7.22
C VAL A 50 -1.61 8.66 7.51
N GLY A 51 -1.62 9.97 7.81
CA GLY A 51 -0.38 10.64 8.08
C GLY A 51 -0.58 12.10 7.98
N ASP A 52 0.49 12.83 7.59
CA ASP A 52 0.42 14.26 7.47
C ASP A 52 -0.30 14.64 6.21
N ASN A 53 -0.59 15.96 6.07
CA ASN A 53 -1.31 16.43 4.91
C ASN A 53 -0.42 16.32 3.72
N ASN A 54 -0.97 15.69 2.66
CA ASN A 54 -0.24 15.51 1.43
C ASN A 54 -1.25 15.56 0.34
N TYR A 55 -0.79 15.73 -0.91
CA TYR A 55 -1.69 15.75 -2.02
C TYR A 55 -1.90 14.31 -2.38
N LEU A 56 -3.13 13.81 -2.18
CA LEU A 56 -3.42 12.42 -2.46
C LEU A 56 -4.34 12.37 -3.63
N THR A 57 -3.95 11.57 -4.66
CA THR A 57 -4.78 11.43 -5.83
C THR A 57 -5.07 9.97 -5.98
N MET A 58 -6.34 9.64 -6.25
CA MET A 58 -6.72 8.27 -6.44
C MET A 58 -7.62 8.23 -7.62
N GLN A 59 -7.41 7.24 -8.52
CA GLN A 59 -8.24 7.12 -9.68
C GLN A 59 -8.85 5.75 -9.61
N GLN A 60 -10.19 5.67 -9.63
CA GLN A 60 -10.85 4.39 -9.56
C GLN A 60 -11.73 4.29 -10.77
N THR A 61 -11.57 3.19 -11.53
CA THR A 61 -12.38 2.99 -12.71
C THR A 61 -13.08 1.68 -12.56
N THR A 62 -14.43 1.70 -12.68
CA THR A 62 -15.21 0.50 -12.56
C THR A 62 -16.06 0.43 -13.79
N ALA A 63 -16.06 -0.72 -14.48
CA ALA A 63 -16.85 -0.85 -15.68
C ALA A 63 -17.80 -1.99 -15.48
N LEU A 64 -19.04 -1.81 -15.97
CA LEU A 64 -20.05 -2.82 -15.86
C LEU A 64 -20.00 -3.65 -17.11
N PRO A 65 -20.51 -4.87 -17.03
CA PRO A 65 -20.51 -5.77 -18.15
C PRO A 65 -21.69 -5.59 -19.05
N ARG B 37 -6.96 5.35 22.30
CA ARG B 37 -7.48 5.82 20.99
C ARG B 37 -7.22 4.79 19.93
N PRO B 38 -8.28 4.17 19.44
CA PRO B 38 -8.17 3.14 18.42
C PRO B 38 -7.88 3.70 17.06
N LEU B 39 -7.42 2.84 16.12
CA LEU B 39 -7.12 3.32 14.80
C LEU B 39 -7.90 2.51 13.80
N VAL B 40 -7.37 2.42 12.55
CA VAL B 40 -8.07 1.73 11.49
C VAL B 40 -7.30 0.51 11.10
N ASN B 41 -8.01 -0.62 10.91
CA ASN B 41 -7.37 -1.85 10.48
C ASN B 41 -7.55 -1.90 8.99
N ILE B 42 -6.49 -2.27 8.25
CA ILE B 42 -6.59 -2.32 6.80
C ILE B 42 -6.26 -3.71 6.35
N TYR B 43 -7.14 -4.30 5.52
CA TYR B 43 -6.92 -5.65 5.03
C TYR B 43 -6.32 -5.56 3.65
N ASN B 44 -6.96 -6.23 2.65
CA ASN B 44 -6.44 -6.21 1.31
C ASN B 44 -6.63 -4.82 0.78
N CYS B 45 -5.57 -4.26 0.15
CA CYS B 45 -5.68 -2.92 -0.36
C CYS B 45 -4.58 -2.70 -1.34
N SER B 46 -4.63 -1.53 -2.04
CA SER B 46 -3.62 -1.20 -3.01
C SER B 46 -2.47 -0.54 -2.29
N GLY B 47 -2.11 -1.08 -1.11
CA GLY B 47 -1.00 -0.53 -0.37
C GLY B 47 -1.52 0.51 0.58
N VAL B 48 -0.67 0.88 1.55
CA VAL B 48 -1.03 1.88 2.54
C VAL B 48 0.13 2.83 2.61
N GLN B 49 -0.14 4.15 2.61
CA GLN B 49 0.93 5.10 2.68
C GLN B 49 0.89 5.78 4.02
N VAL B 50 2.02 5.67 4.76
CA VAL B 50 2.14 6.32 6.04
C VAL B 50 3.44 7.04 5.99
N GLY B 51 3.45 8.37 6.18
CA GLY B 51 4.71 9.07 6.12
C GLY B 51 4.44 10.53 6.29
N ASP B 52 5.47 11.37 6.02
CA ASP B 52 5.32 12.79 6.18
C ASP B 52 5.03 13.40 4.82
N ASN B 53 6.03 14.05 4.19
CA ASN B 53 5.79 14.71 2.92
C ASN B 53 6.03 13.71 1.82
N ASN B 54 4.93 13.28 1.17
CA ASN B 54 5.04 12.32 0.09
C ASN B 54 3.92 12.61 -0.87
N TYR B 55 4.15 12.27 -2.17
CA TYR B 55 3.13 12.48 -3.17
C TYR B 55 2.52 11.12 -3.38
N LEU B 56 1.17 11.01 -3.23
CA LEU B 56 0.54 9.72 -3.37
C LEU B 56 -0.28 9.68 -4.63
N THR B 57 0.02 8.68 -5.49
CA THR B 57 -0.74 8.50 -6.71
C THR B 57 -1.09 7.04 -6.75
N MET B 58 -2.41 6.73 -6.80
CA MET B 58 -2.83 5.35 -6.85
C MET B 58 -3.88 5.22 -7.90
N GLN B 59 -3.87 4.09 -8.64
CA GLN B 59 -4.83 3.87 -9.67
C GLN B 59 -5.41 2.50 -9.47
N GLN B 60 -6.76 2.39 -9.47
CA GLN B 60 -7.38 1.10 -9.27
C GLN B 60 -8.34 0.91 -10.41
N THR B 61 -8.28 -0.28 -11.06
CA THR B 61 -9.17 -0.57 -12.16
C THR B 61 -9.90 -1.85 -11.83
N THR B 62 -11.25 -1.82 -11.96
CA THR B 62 -12.04 -3.00 -11.69
C THR B 62 -12.52 -3.49 -13.02
N ALA B 63 -12.25 -4.78 -13.34
CA ALA B 63 -12.64 -5.33 -14.60
C ALA B 63 -14.14 -5.61 -14.60
N LEU B 64 -14.69 -5.74 -15.83
CA LEU B 64 -16.11 -5.96 -16.01
C LEU B 64 -16.44 -7.40 -15.70
N PRO B 65 -17.32 -7.62 -14.75
CA PRO B 65 -17.72 -8.97 -14.38
C PRO B 65 -18.79 -9.53 -15.27
N ARG C 37 -0.19 5.18 21.70
CA ARG C 37 -1.46 4.82 21.01
C ARG C 37 -1.20 3.77 19.96
N PRO C 38 -2.18 2.93 19.73
CA PRO C 38 -2.06 1.87 18.74
C PRO C 38 -2.06 2.39 17.33
N LEU C 39 -1.55 1.56 16.38
CA LEU C 39 -1.49 2.00 15.01
C LEU C 39 -2.19 1.02 14.12
N VAL C 40 -2.10 1.28 12.81
CA VAL C 40 -2.75 0.48 11.79
C VAL C 40 -1.97 -0.79 11.55
N ASN C 41 -2.72 -1.90 11.35
CA ASN C 41 -2.12 -3.18 11.04
C ASN C 41 -2.38 -3.37 9.57
N ILE C 42 -1.37 -3.85 8.80
CA ILE C 42 -1.56 -4.01 7.37
C ILE C 42 -1.27 -5.44 7.03
N TYR C 43 -2.20 -6.11 6.31
CA TYR C 43 -2.02 -7.49 5.93
C TYR C 43 -1.56 -7.51 4.49
N ASN C 44 -2.25 -8.30 3.63
CA ASN C 44 -1.88 -8.40 2.24
C ASN C 44 -2.13 -7.08 1.59
N CYS C 45 -1.18 -6.57 0.81
CA CYS C 45 -1.36 -5.30 0.19
C CYS C 45 -0.34 -5.15 -0.89
N SER C 46 -0.44 -4.05 -1.68
CA SER C 46 0.51 -3.81 -2.74
C SER C 46 1.71 -3.14 -2.15
N GLY C 47 2.15 -3.61 -0.98
CA GLY C 47 3.33 -3.05 -0.34
C GLY C 47 2.90 -1.97 0.60
N VAL C 48 3.83 -1.58 1.48
CA VAL C 48 3.57 -0.53 2.45
C VAL C 48 4.70 0.44 2.30
N GLN C 49 4.38 1.75 2.20
CA GLN C 49 5.44 2.72 2.06
C GLN C 49 5.53 3.52 3.33
N VAL C 50 6.71 3.47 3.96
CA VAL C 50 6.95 4.22 5.17
C VAL C 50 8.23 4.96 4.92
N GLY C 51 8.14 6.29 4.73
CA GLY C 51 9.34 7.05 4.48
C GLY C 51 8.92 8.45 4.21
N ASP C 52 9.89 9.32 3.83
CA ASP C 52 9.57 10.70 3.57
C ASP C 52 10.24 11.11 2.29
N ASN C 53 9.68 12.18 1.66
CA ASN C 53 10.23 12.73 0.43
C ASN C 53 10.28 11.66 -0.63
N ASN C 54 9.23 10.82 -0.70
CA ASN C 54 9.20 9.77 -1.68
C ASN C 54 8.00 9.98 -2.54
N TYR C 55 8.11 9.58 -3.83
CA TYR C 55 7.01 9.68 -4.74
C TYR C 55 6.43 8.30 -4.80
N LEU C 56 5.13 8.15 -4.45
CA LEU C 56 4.53 6.83 -4.43
C LEU C 56 3.62 6.67 -5.60
N THR C 57 3.90 5.64 -6.44
CA THR C 57 3.05 5.36 -7.57
C THR C 57 2.67 3.91 -7.46
N MET C 58 1.36 3.62 -7.38
CA MET C 58 0.93 2.24 -7.27
C MET C 58 -0.23 2.05 -8.22
N GLN C 59 -0.30 0.86 -8.84
CA GLN C 59 -1.36 0.57 -9.77
C GLN C 59 -1.92 -0.77 -9.38
N GLN C 60 -3.26 -0.86 -9.25
CA GLN C 60 -3.87 -2.11 -8.88
C GLN C 60 -4.94 -2.42 -9.89
N THR C 61 -4.93 -3.66 -10.42
CA THR C 61 -5.92 -4.06 -11.39
C THR C 61 -6.58 -5.31 -10.87
N THR C 62 -7.93 -5.34 -10.85
CA THR C 62 -8.64 -6.51 -10.37
C THR C 62 -9.27 -7.18 -11.56
N ALA C 63 -8.96 -8.47 -11.76
CA ALA C 63 -9.50 -9.21 -12.89
C ALA C 63 -10.92 -9.59 -12.59
N LEU C 64 -11.71 -9.73 -13.68
CA LEU C 64 -13.12 -10.06 -13.56
C LEU C 64 -13.28 -11.55 -13.48
N PRO C 65 -14.33 -11.99 -12.82
CA PRO C 65 -14.63 -13.40 -12.70
C PRO C 65 -15.30 -13.96 -13.92
N ARG D 37 6.68 4.39 21.09
CA ARG D 37 5.51 4.33 20.17
C ARG D 37 5.61 3.14 19.27
N PRO D 38 4.48 2.54 18.96
CA PRO D 38 4.44 1.37 18.09
C PRO D 38 4.51 1.73 16.63
N LEU D 39 4.63 0.71 15.76
CA LEU D 39 4.68 0.99 14.34
C LEU D 39 3.59 0.17 13.70
N VAL D 40 3.78 -0.15 12.40
CA VAL D 40 2.80 -0.90 11.66
C VAL D 40 3.39 -2.24 11.33
N ASN D 41 2.62 -3.31 11.63
CA ASN D 41 3.07 -4.64 11.34
C ASN D 41 2.76 -4.89 9.89
N ILE D 42 3.75 -5.39 9.12
CA ILE D 42 3.54 -5.63 7.72
C ILE D 42 3.69 -7.11 7.50
N TYR D 43 2.64 -7.74 6.90
CA TYR D 43 2.70 -9.17 6.66
C TYR D 43 3.09 -9.37 5.21
N ASN D 44 2.52 -10.42 4.57
CA ASN D 44 2.85 -10.70 3.18
C ASN D 44 2.42 -9.52 2.36
N CYS D 45 3.28 -9.09 1.42
CA CYS D 45 2.93 -7.95 0.61
C CYS D 45 3.89 -7.90 -0.55
N SER D 46 3.67 -6.93 -1.46
CA SER D 46 4.53 -6.79 -2.62
C SER D 46 5.92 -6.49 -2.11
N GLY D 47 6.03 -5.60 -1.11
CA GLY D 47 7.32 -5.27 -0.59
C GLY D 47 7.14 -4.19 0.42
N VAL D 48 8.25 -3.75 1.03
CA VAL D 48 8.17 -2.71 2.02
C VAL D 48 9.11 -1.64 1.56
N GLN D 49 8.63 -0.37 1.54
CA GLN D 49 9.47 0.71 1.11
C GLN D 49 9.92 1.48 2.31
N VAL D 50 11.23 1.40 2.62
CA VAL D 50 11.77 2.12 3.74
C VAL D 50 12.95 2.88 3.21
N GLY D 51 12.95 4.21 3.37
CA GLY D 51 14.05 4.99 2.87
C GLY D 51 13.50 6.33 2.50
N ASP D 52 14.38 7.22 1.99
CA ASP D 52 13.94 8.53 1.62
C ASP D 52 14.54 8.88 0.27
N ASN D 53 13.93 9.88 -0.40
CA ASN D 53 14.41 10.35 -1.69
C ASN D 53 14.42 9.21 -2.67
N ASN D 54 13.37 8.36 -2.63
CA ASN D 54 13.31 7.24 -3.53
C ASN D 54 12.03 7.33 -4.31
N TYR D 55 12.06 6.80 -5.54
CA TYR D 55 10.88 6.80 -6.38
C TYR D 55 10.36 5.40 -6.29
N LEU D 56 9.11 5.23 -5.83
CA LEU D 56 8.56 3.90 -5.66
C LEU D 56 7.55 3.64 -6.73
N THR D 57 7.75 2.53 -7.49
CA THR D 57 6.81 2.15 -8.52
C THR D 57 6.43 0.73 -8.24
N MET D 58 5.13 0.47 -8.00
CA MET D 58 4.70 -0.89 -7.73
C MET D 58 3.46 -1.14 -8.53
N GLN D 59 3.34 -2.37 -9.06
CA GLN D 59 2.18 -2.73 -9.84
C GLN D 59 1.66 -4.00 -9.27
N GLN D 60 0.34 -4.06 -8.97
CA GLN D 60 -0.24 -5.25 -8.42
C GLN D 60 -1.40 -5.66 -9.27
N THR D 61 -1.46 -6.95 -9.65
CA THR D 61 -2.55 -7.43 -10.46
C THR D 61 -3.20 -8.55 -9.68
N THR D 62 -4.53 -8.47 -9.52
CA THR D 62 -5.24 -9.50 -8.79
C THR D 62 -5.97 -10.33 -9.80
N ALA D 63 -5.70 -11.66 -9.80
CA ALA D 63 -6.33 -12.54 -10.74
C ALA D 63 -7.74 -12.80 -10.31
N LEU D 64 -8.57 -13.25 -11.27
CA LEU D 64 -9.95 -13.52 -11.03
C LEU D 64 -10.07 -14.78 -10.22
N PRO D 65 -11.19 -14.95 -9.56
CA PRO D 65 -11.44 -16.13 -8.77
C PRO D 65 -12.12 -17.21 -9.57
N ARG E 37 11.37 4.76 19.60
CA ARG E 37 12.11 3.80 18.72
C ARG E 37 11.21 2.66 18.30
N PRO E 38 10.37 2.93 17.33
CA PRO E 38 9.45 1.93 16.82
C PRO E 38 10.13 0.89 15.99
N LEU E 39 9.55 -0.33 15.93
CA LEU E 39 10.15 -1.41 15.18
C LEU E 39 9.24 -1.75 14.04
N VAL E 40 9.85 -2.19 12.90
CA VAL E 40 9.08 -2.54 11.74
C VAL E 40 9.30 -4.00 11.50
N ASN E 41 8.18 -4.77 11.35
CA ASN E 41 8.31 -6.19 11.12
C ASN E 41 8.20 -6.43 9.64
N ILE E 42 9.07 -7.31 9.12
CA ILE E 42 9.08 -7.62 7.71
C ILE E 42 8.79 -9.09 7.57
N TYR E 43 7.78 -9.44 6.74
CA TYR E 43 7.44 -10.81 6.53
C TYR E 43 7.83 -11.16 5.12
N ASN E 44 7.39 -12.35 4.63
CA ASN E 44 7.72 -12.76 3.29
C ASN E 44 7.14 -11.76 2.33
N CYS E 45 7.94 -11.36 1.32
CA CYS E 45 7.50 -10.39 0.37
C CYS E 45 8.45 -10.44 -0.77
N SER E 46 8.29 -9.55 -1.78
CA SER E 46 9.17 -9.56 -2.92
C SER E 46 10.42 -8.79 -2.56
N GLY E 47 10.88 -8.90 -1.30
CA GLY E 47 12.07 -8.23 -0.88
C GLY E 47 11.72 -6.90 -0.30
N VAL E 48 12.67 -6.33 0.46
CA VAL E 48 12.50 -5.04 1.08
C VAL E 48 13.73 -4.27 0.71
N GLN E 49 13.57 -3.03 0.20
CA GLN E 49 14.73 -2.26 -0.16
C GLN E 49 14.92 -1.21 0.89
N VAL E 50 16.17 -1.07 1.36
CA VAL E 50 16.49 -0.08 2.35
C VAL E 50 17.66 0.67 1.79
N GLY E 51 17.51 1.98 1.57
CA GLY E 51 18.58 2.75 1.02
C GLY E 51 17.99 4.04 0.55
N ASP E 52 18.80 4.88 -0.11
CA ASP E 52 18.31 6.14 -0.59
C ASP E 52 18.81 6.34 -1.99
N ASN E 53 18.15 7.27 -2.74
CA ASN E 53 18.53 7.60 -4.09
C ASN E 53 18.44 6.37 -4.95
N ASN E 54 17.43 5.52 -4.70
CA ASN E 54 17.27 4.32 -5.48
C ASN E 54 15.93 4.36 -6.14
N TYR E 55 15.84 3.71 -7.33
CA TYR E 55 14.60 3.65 -8.05
C TYR E 55 14.09 2.26 -7.78
N LEU E 56 12.91 2.13 -7.15
CA LEU E 56 12.40 0.80 -6.82
C LEU E 56 11.30 0.45 -7.77
N THR E 57 11.45 -0.73 -8.43
CA THR E 57 10.44 -1.21 -9.34
C THR E 57 10.09 -2.60 -8.90
N MET E 58 8.78 -2.84 -8.60
CA MET E 58 8.38 -4.16 -8.17
C MET E 58 7.06 -4.45 -8.84
N GLN E 59 6.84 -5.75 -9.15
CA GLN E 59 5.61 -6.15 -9.80
C GLN E 59 5.13 -7.37 -9.06
N GLN E 60 3.83 -7.39 -8.69
CA GLN E 60 3.29 -8.52 -7.98
C GLN E 60 2.03 -8.94 -8.66
N THR E 61 1.88 -10.26 -8.90
CA THR E 61 0.70 -10.76 -9.54
C THR E 61 0.13 -11.80 -8.63
N THR E 62 -1.19 -11.71 -8.33
CA THR E 62 -1.81 -12.68 -7.46
C THR E 62 -2.41 -13.74 -8.34
N ALA E 63 -2.03 -15.01 -8.13
CA ALA E 63 -2.52 -16.09 -8.93
C ALA E 63 -3.94 -16.41 -8.55
N LEU E 64 -4.72 -16.91 -9.52
CA LEU E 64 -6.10 -17.26 -9.29
C LEU E 64 -6.13 -18.60 -8.61
N PRO E 65 -7.21 -18.88 -7.93
CA PRO E 65 -7.38 -20.14 -7.23
C PRO E 65 -8.06 -21.17 -8.07
N ARG A 37 -12.78 6.10 20.95
CA ARG A 37 -12.47 4.94 20.07
C ARG A 37 -13.49 4.83 18.96
N PRO A 38 -13.20 5.48 17.85
CA PRO A 38 -14.11 5.45 16.70
C PRO A 38 -14.22 4.11 16.04
N LEU A 39 -13.12 3.32 16.02
CA LEU A 39 -13.14 2.00 15.42
C LEU A 39 -13.45 2.12 13.95
N VAL A 40 -12.41 2.31 13.11
CA VAL A 40 -12.62 2.43 11.68
C VAL A 40 -11.94 1.27 11.02
N ASN A 41 -12.70 0.47 10.24
CA ASN A 41 -12.13 -0.67 9.56
C ASN A 41 -12.36 -0.46 8.09
N ILE A 42 -11.30 -0.71 7.28
CA ILE A 42 -11.41 -0.55 5.85
C ILE A 42 -11.00 -1.85 5.23
N TYR A 43 -11.86 -2.39 4.33
CA TYR A 43 -11.57 -3.65 3.70
C TYR A 43 -10.95 -3.38 2.35
N ASN A 44 -11.52 -3.99 1.28
CA ASN A 44 -10.99 -3.80 -0.06
C ASN A 44 -11.13 -2.35 -0.41
N CYS A 45 -10.03 -1.74 -0.89
CA CYS A 45 -10.08 -0.35 -1.23
C CYS A 45 -8.87 -0.03 -2.07
N SER A 46 -8.83 1.20 -2.62
CA SER A 46 -7.72 1.60 -3.44
C SER A 46 -6.66 2.18 -2.53
N GLY A 47 -6.40 1.50 -1.40
CA GLY A 47 -5.38 1.97 -0.48
C GLY A 47 -6.06 2.82 0.55
N VAL A 48 -5.30 3.11 1.64
CA VAL A 48 -5.83 3.92 2.72
C VAL A 48 -4.81 4.98 2.99
N GLN A 49 -5.29 6.25 3.11
CA GLN A 49 -4.39 7.34 3.39
C GLN A 49 -4.36 7.54 4.87
N VAL A 50 -3.16 7.44 5.49
CA VAL A 50 -3.04 7.62 6.91
C VAL A 50 -1.89 8.56 7.15
N GLY A 51 -2.12 9.62 7.97
CA GLY A 51 -1.06 10.55 8.26
C GLY A 51 -1.22 11.75 7.39
N ASP A 52 -0.52 12.84 7.76
CA ASP A 52 -0.61 14.07 7.01
C ASP A 52 0.09 13.88 5.70
N ASN A 53 -0.37 14.60 4.67
CA ASN A 53 0.23 14.49 3.38
C ASN A 53 -0.05 15.79 2.69
N ASN A 54 0.86 16.23 1.80
CA ASN A 54 0.64 17.47 1.10
C ASN A 54 -0.56 17.30 0.20
N TYR A 55 -0.68 16.15 -0.48
CA TYR A 55 -1.80 15.95 -1.36
C TYR A 55 -1.83 14.49 -1.73
N LEU A 56 -3.03 13.97 -2.01
CA LEU A 56 -3.17 12.58 -2.36
C LEU A 56 -4.27 12.48 -3.38
N THR A 57 -4.02 11.75 -4.48
CA THR A 57 -5.04 11.59 -5.50
C THR A 57 -5.21 10.13 -5.75
N MET A 58 -6.44 9.70 -6.02
CA MET A 58 -6.70 8.30 -6.29
C MET A 58 -7.63 8.25 -7.45
N GLN A 59 -7.43 7.26 -8.35
CA GLN A 59 -8.31 7.13 -9.49
C GLN A 59 -8.87 5.74 -9.44
N GLN A 60 -10.20 5.63 -9.61
CA GLN A 60 -10.83 4.33 -9.57
C GLN A 60 -11.72 4.24 -10.77
N THR A 61 -11.59 3.13 -11.53
CA THR A 61 -12.41 2.95 -12.70
C THR A 61 -13.12 1.63 -12.55
N THR A 62 -14.45 1.63 -12.73
CA THR A 62 -15.22 0.42 -12.60
C THR A 62 -15.88 0.20 -13.93
N ALA A 63 -15.71 -1.01 -14.50
CA ALA A 63 -16.29 -1.30 -15.78
C ALA A 63 -17.48 -2.21 -15.57
N LEU A 64 -18.61 -1.85 -16.19
CA LEU A 64 -19.82 -2.63 -16.07
C LEU A 64 -19.82 -3.63 -17.20
N PRO A 65 -20.54 -4.71 -17.02
CA PRO A 65 -20.62 -5.76 -18.03
C PRO A 65 -21.35 -5.30 -19.28
N ARG B 37 -6.81 5.13 21.70
CA ARG B 37 -6.28 4.76 20.36
C ARG B 37 -7.40 4.60 19.37
N PRO B 38 -7.15 5.02 18.14
CA PRO B 38 -8.16 4.95 17.08
C PRO B 38 -8.44 3.55 16.59
N LEU B 39 -7.39 2.68 16.54
CA LEU B 39 -7.57 1.32 16.09
C LEU B 39 -8.01 1.32 14.65
N VAL B 40 -7.04 1.33 13.71
CA VAL B 40 -7.39 1.33 12.30
C VAL B 40 -6.84 0.05 11.71
N ASN B 41 -7.74 -0.74 11.08
CA ASN B 41 -7.31 -2.00 10.49
C ASN B 41 -7.49 -1.88 9.01
N ILE B 42 -6.45 -2.28 8.24
CA ILE B 42 -6.51 -2.22 6.80
C ILE B 42 -6.23 -3.60 6.29
N TYR B 43 -7.13 -4.13 5.43
CA TYR B 43 -6.96 -5.46 4.90
C TYR B 43 -6.40 -5.36 3.50
N ASN B 44 -6.97 -6.14 2.55
CA ASN B 44 -6.49 -6.13 1.18
C ASN B 44 -6.70 -4.75 0.64
N CYS B 45 -5.66 -4.18 -0.01
CA CYS B 45 -5.78 -2.85 -0.52
C CYS B 45 -4.66 -2.60 -1.48
N SER B 46 -4.70 -1.44 -2.16
CA SER B 46 -3.66 -1.10 -3.11
C SER B 46 -2.50 -0.48 -2.35
N GLY B 47 -2.14 -1.09 -1.21
CA GLY B 47 -1.03 -0.58 -0.44
C GLY B 47 -1.54 0.35 0.61
N VAL B 48 -0.67 0.64 1.60
CA VAL B 48 -1.03 1.53 2.68
C VAL B 48 0.06 2.55 2.77
N GLN B 49 -0.31 3.85 2.90
CA GLN B 49 0.68 4.87 2.99
C GLN B 49 0.58 5.49 4.35
N VAL B 50 1.70 5.43 5.11
CA VAL B 50 1.72 6.00 6.44
C VAL B 50 2.95 6.83 6.55
N GLY B 51 2.81 8.10 6.96
CA GLY B 51 3.96 8.95 7.10
C GLY B 51 3.80 10.12 6.19
N ASP B 52 4.58 11.19 6.45
CA ASP B 52 4.50 12.39 5.66
C ASP B 52 5.11 12.10 4.31
N ASN B 53 4.62 12.79 3.27
CA ASN B 53 5.12 12.59 1.95
C ASN B 53 4.82 13.86 1.21
N ASN B 54 5.33 13.95 -0.04
CA ASN B 54 5.07 15.14 -0.82
C ASN B 54 3.93 14.86 -1.74
N TYR B 55 3.80 13.62 -2.25
CA TYR B 55 2.72 13.34 -3.15
C TYR B 55 2.59 11.85 -3.24
N LEU B 56 1.36 11.35 -3.47
CA LEU B 56 1.15 9.94 -3.58
C LEU B 56 -0.05 9.73 -4.45
N THR B 57 0.07 8.83 -5.46
CA THR B 57 -1.04 8.58 -6.33
C THR B 57 -1.25 7.09 -6.39
N MET B 58 -2.52 6.68 -6.55
CA MET B 58 -2.83 5.27 -6.64
C MET B 58 -3.90 5.13 -7.68
N GLN B 59 -3.83 4.03 -8.46
CA GLN B 59 -4.83 3.81 -9.50
C GLN B 59 -5.39 2.45 -9.28
N GLN B 60 -6.74 2.31 -9.40
CA GLN B 60 -7.37 1.04 -9.22
C GLN B 60 -8.34 0.85 -10.34
N THR B 61 -8.31 -0.33 -10.99
CA THR B 61 -9.22 -0.60 -12.08
C THR B 61 -9.93 -1.88 -11.79
N THR B 62 -11.29 -1.88 -11.91
CA THR B 62 -12.07 -3.06 -11.67
C THR B 62 -12.55 -3.55 -13.01
N ALA B 63 -12.27 -4.83 -13.33
CA ALA B 63 -12.66 -5.37 -14.60
C ALA B 63 -14.12 -5.75 -14.58
N LEU B 64 -14.65 -6.04 -15.79
CA LEU B 64 -16.05 -6.39 -15.96
C LEU B 64 -16.28 -7.78 -15.41
N PRO B 65 -17.48 -8.03 -14.95
CA PRO B 65 -17.84 -9.33 -14.44
C PRO B 65 -18.41 -10.22 -15.50
N ARG C 37 -0.12 5.52 20.80
CA ARG C 37 -0.02 4.20 20.12
C ARG C 37 -1.21 3.96 19.22
N PRO C 38 -1.13 4.46 18.00
CA PRO C 38 -2.19 4.32 17.01
C PRO C 38 -2.56 2.89 16.71
N LEU C 39 -1.55 2.00 16.59
CA LEU C 39 -1.79 0.59 16.31
C LEU C 39 -2.40 0.46 14.93
N VAL C 40 -1.54 0.33 13.90
CA VAL C 40 -2.03 0.19 12.54
C VAL C 40 -1.62 -1.17 12.06
N ASN C 41 -2.61 -1.98 11.61
CA ASN C 41 -2.31 -3.32 11.14
C ASN C 41 -2.52 -3.32 9.65
N ILE C 42 -1.52 -3.84 8.90
CA ILE C 42 -1.62 -3.90 7.46
C ILE C 42 -1.41 -5.34 7.07
N TYR C 43 -2.37 -5.93 6.32
CA TYR C 43 -2.24 -7.32 5.92
C TYR C 43 -1.73 -7.35 4.50
N ASN C 44 -2.31 -8.24 3.65
CA ASN C 44 -1.86 -8.36 2.28
C ASN C 44 -2.19 -7.07 1.58
N CYS C 45 -1.25 -6.55 0.78
CA CYS C 45 -1.49 -5.31 0.11
C CYS C 45 -0.45 -5.16 -0.96
N SER C 46 -0.57 -4.06 -1.76
CA SER C 46 0.38 -3.81 -2.81
C SER C 46 1.59 -3.14 -2.23
N GLY C 47 2.06 -3.64 -1.07
CA GLY C 47 3.23 -3.08 -0.45
C GLY C 47 2.81 -2.05 0.56
N VAL C 48 3.77 -1.69 1.43
CA VAL C 48 3.51 -0.71 2.46
C VAL C 48 4.63 0.29 2.37
N GLN C 49 4.29 1.59 2.47
CA GLN C 49 5.31 2.61 2.40
C GLN C 49 5.26 3.40 3.66
N VAL C 50 6.40 3.39 4.41
CA VAL C 50 6.49 4.12 5.65
C VAL C 50 7.76 4.90 5.59
N GLY C 51 7.68 6.22 5.83
CA GLY C 51 8.87 7.05 5.81
C GLY C 51 8.62 8.16 4.85
N ASP C 52 9.57 9.12 4.77
CA ASP C 52 9.41 10.23 3.88
C ASP C 52 9.82 9.80 2.51
N ASN C 53 9.49 10.62 1.51
CA ASN C 53 9.84 10.30 0.16
C ASN C 53 9.45 11.48 -0.66
N ASN C 54 9.75 11.44 -1.98
CA ASN C 54 9.38 12.54 -2.83
C ASN C 54 8.18 12.15 -3.61
N TYR C 55 8.05 10.87 -4.02
CA TYR C 55 6.92 10.48 -4.81
C TYR C 55 6.82 8.98 -4.77
N LEU C 56 5.59 8.44 -4.76
CA LEU C 56 5.41 7.02 -4.75
C LEU C 56 4.11 6.74 -5.42
N THR C 57 4.09 5.77 -6.37
CA THR C 57 2.86 5.47 -7.06
C THR C 57 2.64 3.99 -7.00
N MET C 58 1.35 3.58 -6.99
CA MET C 58 1.03 2.19 -6.95
C MET C 58 -0.14 1.98 -7.86
N GLN C 59 -0.17 0.83 -8.56
CA GLN C 59 -1.27 0.56 -9.46
C GLN C 59 -1.82 -0.79 -9.09
N GLN C 60 -3.16 -0.91 -9.07
CA GLN C 60 -3.78 -2.17 -8.73
C GLN C 60 -4.84 -2.45 -9.76
N THR C 61 -4.88 -3.68 -10.29
CA THR C 61 -5.86 -4.04 -11.28
C THR C 61 -6.58 -5.26 -10.78
N THR C 62 -7.93 -5.22 -10.79
CA THR C 62 -8.71 -6.34 -10.35
C THR C 62 -9.24 -7.01 -11.59
N ALA C 63 -8.98 -8.32 -11.73
CA ALA C 63 -9.41 -9.05 -12.91
C ALA C 63 -10.89 -9.30 -12.85
N LEU C 64 -11.40 -9.88 -13.95
CA LEU C 64 -12.82 -10.15 -14.08
C LEU C 64 -13.21 -11.25 -13.12
N PRO C 65 -14.19 -10.99 -12.29
CA PRO C 65 -14.69 -11.98 -11.36
C PRO C 65 -15.59 -12.98 -12.02
N ARG D 37 5.67 4.35 20.73
CA ARG D 37 5.98 3.76 19.40
C ARG D 37 4.71 3.48 18.64
N PRO D 38 4.76 3.64 17.32
CA PRO D 38 3.61 3.42 16.47
C PRO D 38 3.22 1.97 16.33
N LEU D 39 4.22 1.06 16.30
CA LEU D 39 3.95 -0.37 16.16
C LEU D 39 3.26 -0.62 14.84
N VAL D 40 4.06 -0.83 13.77
CA VAL D 40 3.49 -1.08 12.46
C VAL D 40 3.88 -2.47 12.05
N ASN D 41 2.86 -3.32 11.75
CA ASN D 41 3.14 -4.68 11.35
C ASN D 41 2.78 -4.81 9.90
N ILE D 42 3.71 -5.37 9.09
CA ILE D 42 3.46 -5.54 7.68
C ILE D 42 3.59 -7.01 7.39
N TYR D 43 2.53 -7.63 6.84
CA TYR D 43 2.58 -9.04 6.54
C TYR D 43 3.03 -9.22 5.11
N ASN D 44 2.59 -10.33 4.46
CA ASN D 44 2.99 -10.59 3.09
C ASN D 44 2.45 -9.48 2.24
N CYS D 45 3.29 -9.00 1.30
CA CYS D 45 2.86 -7.91 0.46
C CYS D 45 3.81 -7.84 -0.70
N SER D 46 3.58 -6.86 -1.61
CA SER D 46 4.43 -6.70 -2.76
C SER D 46 5.82 -6.40 -2.27
N GLY D 47 5.95 -5.50 -1.28
CA GLY D 47 7.24 -5.18 -0.76
C GLY D 47 7.07 -4.12 0.27
N VAL D 48 8.18 -3.77 0.95
CA VAL D 48 8.11 -2.75 1.97
C VAL D 48 9.21 -1.79 1.67
N GLN D 49 8.89 -0.47 1.67
CA GLN D 49 9.90 0.52 1.40
C GLN D 49 10.02 1.37 2.63
N VAL D 50 11.24 1.39 3.22
CA VAL D 50 11.47 2.17 4.41
C VAL D 50 12.70 2.98 4.15
N GLY D 51 12.61 4.31 4.37
CA GLY D 51 13.75 5.16 4.14
C GLY D 51 13.38 6.13 3.07
N ASP D 52 14.25 7.12 2.82
CA ASP D 52 13.97 8.11 1.82
C ASP D 52 14.32 7.53 0.48
N ASN D 53 13.89 8.22 -0.59
CA ASN D 53 14.18 7.76 -1.92
C ASN D 53 13.72 8.85 -2.83
N ASN D 54 13.84 8.63 -4.16
CA ASN D 54 13.41 9.64 -5.08
C ASN D 54 12.08 9.24 -5.66
N TYR D 55 11.97 7.99 -6.16
CA TYR D 55 10.72 7.58 -6.76
C TYR D 55 10.65 6.09 -6.68
N LEU D 56 9.54 5.54 -6.14
CA LEU D 56 9.38 4.11 -6.06
C LEU D 56 8.03 3.78 -6.64
N THR D 57 7.94 2.69 -7.43
CA THR D 57 6.68 2.33 -8.02
C THR D 57 6.43 0.86 -7.78
N MET D 58 5.15 0.48 -7.66
CA MET D 58 4.81 -0.90 -7.45
C MET D 58 3.55 -1.17 -8.22
N GLN D 59 3.43 -2.40 -8.78
CA GLN D 59 2.25 -2.73 -9.53
C GLN D 59 1.73 -4.03 -8.98
N GLN D 60 0.39 -4.15 -8.85
CA GLN D 60 -0.18 -5.37 -8.33
C GLN D 60 -1.36 -5.72 -9.20
N THR D 61 -1.46 -7.01 -9.59
CA THR D 61 -2.56 -7.43 -10.43
C THR D 61 -3.23 -8.58 -9.73
N THR D 62 -4.57 -8.50 -9.60
CA THR D 62 -5.31 -9.57 -8.96
C THR D 62 -5.93 -10.36 -10.07
N ALA D 63 -5.68 -11.69 -10.08
CA ALA D 63 -6.20 -12.53 -11.14
C ALA D 63 -7.64 -12.87 -10.89
N LEU D 64 -8.25 -13.56 -11.88
CA LEU D 64 -9.63 -13.95 -11.83
C LEU D 64 -9.80 -15.04 -10.80
N PRO D 65 -10.97 -15.14 -10.23
CA PRO D 65 -11.28 -16.15 -9.25
C PRO D 65 -11.80 -17.41 -9.88
N ARG E 37 12.25 3.77 19.22
CA ARG E 37 12.29 2.92 18.00
C ARG E 37 10.90 2.68 17.48
N PRO E 38 10.74 2.79 16.17
CA PRO E 38 9.44 2.59 15.53
C PRO E 38 8.95 1.16 15.59
N LEU E 39 9.89 0.19 15.55
CA LEU E 39 9.52 -1.22 15.59
C LEU E 39 8.67 -1.56 14.40
N VAL E 40 9.33 -1.90 13.26
CA VAL E 40 8.60 -2.25 12.05
C VAL E 40 8.92 -3.69 11.76
N ASN E 41 7.86 -4.53 11.67
CA ASN E 41 8.06 -5.93 11.39
C ASN E 41 7.66 -6.18 9.96
N ILE E 42 8.53 -6.89 9.21
CA ILE E 42 8.24 -7.16 7.82
C ILE E 42 8.34 -8.66 7.63
N TYR E 43 7.28 -9.27 7.05
CA TYR E 43 7.27 -10.69 6.82
C TYR E 43 7.77 -10.94 5.43
N ASN E 44 7.64 -12.20 4.95
CA ASN E 44 8.12 -12.55 3.61
C ASN E 44 7.35 -11.74 2.61
N CYS E 45 8.09 -11.22 1.60
CA CYS E 45 7.48 -10.40 0.59
C CYS E 45 8.43 -10.43 -0.58
N SER E 46 8.19 -9.61 -1.62
CA SER E 46 9.07 -9.61 -2.77
C SER E 46 10.27 -8.76 -2.48
N GLY E 47 10.91 -8.98 -1.31
CA GLY E 47 12.08 -8.24 -0.95
C GLY E 47 11.70 -7.02 -0.19
N VAL E 48 12.69 -6.42 0.50
CA VAL E 48 12.47 -5.24 1.28
C VAL E 48 13.52 -4.27 0.84
N GLN E 49 13.11 -3.01 0.55
CA GLN E 49 14.06 -2.02 0.09
C GLN E 49 14.24 -1.02 1.20
N VAL E 50 15.45 -1.02 1.80
CA VAL E 50 15.75 -0.10 2.86
C VAL E 50 17.03 0.60 2.48
N GLY E 51 17.02 1.95 2.54
CA GLY E 51 18.19 2.70 2.20
C GLY E 51 17.82 3.61 1.07
N ASP E 52 18.70 4.56 0.74
CA ASP E 52 18.41 5.48 -0.33
C ASP E 52 18.72 4.80 -1.62
N ASN E 53 18.24 5.39 -2.73
CA ASN E 53 18.48 4.81 -4.02
C ASN E 53 17.95 5.81 -5.00
N ASN E 54 17.92 5.44 -6.29
CA ASN E 54 17.42 6.34 -7.29
C ASN E 54 16.06 5.89 -7.72
N TYR E 55 15.92 4.61 -8.15
CA TYR E 55 14.63 4.16 -8.61
C TYR E 55 14.58 2.67 -8.42
N LEU E 56 13.52 2.18 -7.75
CA LEU E 56 13.36 0.75 -7.54
C LEU E 56 11.94 0.42 -7.86
N THR E 57 11.72 -0.74 -8.54
CA THR E 57 10.37 -1.12 -8.90
C THR E 57 10.15 -2.54 -8.49
N MET E 58 8.89 -2.89 -8.19
CA MET E 58 8.55 -4.24 -7.82
C MET E 58 7.20 -4.53 -8.41
N GLN E 59 6.99 -5.79 -8.85
CA GLN E 59 5.72 -6.15 -9.44
C GLN E 59 5.24 -7.39 -8.74
N GLN E 60 3.92 -7.50 -8.55
CA GLN E 60 3.37 -8.65 -7.89
C GLN E 60 2.11 -9.04 -8.60
N THR E 61 1.91 -10.35 -8.82
CA THR E 61 0.72 -10.82 -9.48
C THR E 61 0.11 -11.87 -8.60
N THR E 62 -1.21 -11.76 -8.33
CA THR E 62 -1.87 -12.73 -7.50
C THR E 62 -2.39 -13.80 -8.42
N ALA E 63 -2.05 -15.07 -8.11
CA ALA E 63 -2.47 -16.18 -8.95
C ALA E 63 -3.93 -16.47 -8.71
N LEU E 64 -4.54 -17.17 -9.68
CA LEU E 64 -5.94 -17.52 -9.59
C LEU E 64 -6.06 -18.62 -8.57
N PRO E 65 -7.19 -18.66 -7.89
CA PRO E 65 -7.44 -19.69 -6.90
C PRO E 65 -8.10 -20.90 -7.49
N ARG A 37 -10.63 3.66 21.63
CA ARG A 37 -11.80 2.85 22.09
C ARG A 37 -12.50 2.17 20.95
N PRO A 38 -12.97 2.92 19.97
CA PRO A 38 -13.66 2.33 18.82
C PRO A 38 -12.73 1.62 17.89
N LEU A 39 -13.26 0.64 17.13
CA LEU A 39 -12.46 -0.10 16.20
C LEU A 39 -12.86 0.34 14.82
N VAL A 40 -11.86 0.58 13.94
CA VAL A 40 -12.17 1.01 12.60
C VAL A 40 -11.61 -0.01 11.66
N ASN A 41 -12.48 -0.57 10.79
CA ASN A 41 -12.06 -1.56 9.83
C ASN A 41 -12.34 -0.98 8.48
N ILE A 42 -11.32 -0.96 7.60
CA ILE A 42 -11.52 -0.42 6.27
C ILE A 42 -11.25 -1.52 5.28
N TYR A 43 -12.26 -1.83 4.44
CA TYR A 43 -12.10 -2.86 3.44
C TYR A 43 -12.27 -2.23 2.08
N ASN A 44 -12.29 -0.88 2.03
CA ASN A 44 -12.47 -0.20 0.77
C ASN A 44 -11.18 -0.28 0.00
N CYS A 45 -11.28 -0.44 -1.34
CA CYS A 45 -10.09 -0.53 -2.16
C CYS A 45 -9.72 0.86 -2.59
N SER A 46 -10.51 1.87 -2.15
CA SER A 46 -10.22 3.24 -2.50
C SER A 46 -8.90 3.64 -1.91
N GLY A 47 -8.63 3.19 -0.66
CA GLY A 47 -7.38 3.52 -0.02
C GLY A 47 -7.69 4.37 1.17
N VAL A 48 -6.67 4.63 2.01
CA VAL A 48 -6.88 5.46 3.17
C VAL A 48 -5.63 6.27 3.37
N GLN A 49 -5.79 7.53 3.84
CA GLN A 49 -4.66 8.37 4.06
C GLN A 49 -4.91 9.11 5.33
N VAL A 50 -3.84 9.29 6.15
CA VAL A 50 -3.96 10.01 7.39
C VAL A 50 -4.15 11.45 7.03
N GLY A 51 -5.12 12.14 7.68
CA GLY A 51 -5.38 13.53 7.38
C GLY A 51 -4.13 14.32 7.60
N ASP A 52 -3.85 15.25 6.66
CA ASP A 52 -2.67 16.05 6.76
C ASP A 52 -2.88 17.23 5.84
N ASN A 53 -1.92 18.18 5.84
CA ASN A 53 -2.04 19.35 5.00
C ASN A 53 -2.01 18.90 3.56
N ASN A 54 -1.16 17.90 3.24
CA ASN A 54 -1.07 17.42 1.88
C ASN A 54 -1.95 16.22 1.76
N TYR A 55 -2.58 16.05 0.57
CA TYR A 55 -3.46 14.94 0.34
C TYR A 55 -2.98 14.24 -0.89
N LEU A 56 -3.28 12.92 -0.99
CA LEU A 56 -2.85 12.17 -2.14
C LEU A 56 -3.89 12.29 -3.21
N THR A 57 -3.51 11.95 -4.46
CA THR A 57 -4.43 12.02 -5.56
C THR A 57 -4.77 10.61 -5.92
N MET A 58 -6.07 10.26 -5.88
CA MET A 58 -6.48 8.92 -6.18
C MET A 58 -7.57 9.02 -7.20
N GLN A 59 -7.44 8.23 -8.29
CA GLN A 59 -8.45 8.24 -9.33
C GLN A 59 -8.94 6.83 -9.46
N GLN A 60 -10.27 6.67 -9.63
CA GLN A 60 -10.84 5.36 -9.77
C GLN A 60 -11.73 5.40 -10.97
N THR A 61 -11.61 4.37 -11.85
CA THR A 61 -12.42 4.32 -13.03
C THR A 61 -13.19 3.03 -13.00
N THR A 62 -14.35 3.01 -13.69
CA THR A 62 -15.17 1.83 -13.72
C THR A 62 -15.94 1.87 -15.01
N ALA A 63 -16.69 0.79 -15.28
CA ALA A 63 -17.46 0.73 -16.49
C ALA A 63 -18.72 -0.03 -16.18
N LEU A 64 -19.79 0.22 -16.96
CA LEU A 64 -21.04 -0.45 -16.74
C LEU A 64 -21.47 -1.01 -18.06
N PRO A 65 -22.20 -2.11 -18.02
CA PRO A 65 -22.69 -2.74 -19.23
C PRO A 65 -23.96 -2.14 -19.72
N ARG B 37 -5.99 5.55 22.51
CA ARG B 37 -6.09 5.75 21.04
C ARG B 37 -6.86 4.62 20.40
N PRO B 38 -7.57 4.93 19.34
CA PRO B 38 -8.35 3.94 18.62
C PRO B 38 -7.51 3.01 17.81
N LEU B 39 -8.03 1.80 17.51
CA LEU B 39 -7.28 0.86 16.72
C LEU B 39 -7.88 0.87 15.35
N VAL B 40 -7.02 0.93 14.32
CA VAL B 40 -7.49 0.95 12.96
C VAL B 40 -6.89 -0.22 12.25
N ASN B 41 -7.76 -1.06 11.65
CA ASN B 41 -7.28 -2.21 10.91
C ASN B 41 -7.44 -1.88 9.46
N ILE B 42 -6.35 -2.00 8.69
CA ILE B 42 -6.41 -1.68 7.29
C ILE B 42 -6.25 -2.95 6.52
N TYR B 43 -7.28 -3.29 5.71
CA TYR B 43 -7.24 -4.48 4.91
C TYR B 43 -7.23 -4.05 3.47
N ASN B 44 -6.76 -2.81 3.23
CA ASN B 44 -6.73 -2.27 1.89
C ASN B 44 -5.66 -3.00 1.13
N CYS B 45 -5.86 -3.14 -0.20
CA CYS B 45 -4.89 -3.84 -1.01
C CYS B 45 -3.94 -2.82 -1.55
N SER B 46 -2.82 -2.58 -0.83
CA SER B 46 -1.82 -1.63 -1.26
C SER B 46 -2.44 -0.27 -1.38
N GLY B 47 -3.17 0.15 -0.32
CA GLY B 47 -3.81 1.45 -0.36
C GLY B 47 -3.71 2.04 1.01
N VAL B 48 -2.47 2.34 1.45
CA VAL B 48 -2.28 2.91 2.76
C VAL B 48 -1.17 3.91 2.64
N GLN B 49 -1.33 5.09 3.27
CA GLN B 49 -0.30 6.09 3.19
C GLN B 49 -0.21 6.79 4.51
N VAL B 50 1.04 6.98 4.98
CA VAL B 50 1.28 7.66 6.22
C VAL B 50 1.41 9.10 5.85
N GLY B 51 0.81 10.01 6.66
CA GLY B 51 0.87 11.43 6.36
C GLY B 51 2.29 11.85 6.24
N ASP B 52 2.58 12.61 5.16
CA ASP B 52 3.94 13.06 4.93
C ASP B 52 3.83 14.18 3.93
N ASN B 53 4.98 14.79 3.58
CA ASN B 53 4.98 15.89 2.65
C ASN B 53 5.04 15.32 1.24
N ASN B 54 5.16 16.22 0.24
CA ASN B 54 5.22 15.84 -1.16
C ASN B 54 3.85 15.37 -1.59
N TYR B 55 3.78 14.29 -2.40
CA TYR B 55 2.49 13.83 -2.87
C TYR B 55 2.62 12.37 -3.22
N LEU B 56 1.46 11.71 -3.38
CA LEU B 56 1.42 10.31 -3.73
C LEU B 56 0.28 10.15 -4.69
N THR B 57 0.45 9.27 -5.71
CA THR B 57 -0.60 9.07 -6.69
C THR B 57 -1.00 7.63 -6.63
N MET B 58 -2.31 7.37 -6.87
CA MET B 58 -2.80 6.01 -6.84
C MET B 58 -3.84 5.87 -7.91
N GLN B 59 -3.78 4.78 -8.69
CA GLN B 59 -4.74 4.55 -9.73
C GLN B 59 -5.40 3.24 -9.44
N GLN B 60 -6.72 3.14 -9.69
CA GLN B 60 -7.41 1.91 -9.44
C GLN B 60 -8.42 1.75 -10.54
N THR B 61 -8.45 0.56 -11.17
CA THR B 61 -9.37 0.33 -12.25
C THR B 61 -10.29 -0.78 -11.81
N THR B 62 -11.61 -0.52 -11.88
CA THR B 62 -12.57 -1.53 -11.50
C THR B 62 -13.14 -2.10 -12.76
N ALA B 63 -13.06 -3.44 -12.91
CA ALA B 63 -13.57 -4.07 -14.09
C ALA B 63 -15.02 -4.40 -13.85
N LEU B 64 -15.84 -4.31 -14.91
CA LEU B 64 -17.24 -4.60 -14.77
C LEU B 64 -17.39 -6.10 -14.72
N PRO B 65 -18.47 -6.57 -14.15
CA PRO B 65 -18.74 -7.98 -14.04
C PRO B 65 -19.52 -8.52 -15.19
N ARG C 37 2.90 3.58 21.14
CA ARG C 37 1.66 3.37 21.94
C ARG C 37 0.55 2.75 21.10
N PRO C 38 0.14 3.41 20.03
CA PRO C 38 -0.92 2.88 19.18
C PRO C 38 -0.48 1.71 18.36
N LEU C 39 -1.43 0.78 18.09
CA LEU C 39 -1.13 -0.39 17.30
C LEU C 39 -1.90 -0.28 16.03
N VAL C 40 -1.18 -0.33 14.88
CA VAL C 40 -1.86 -0.24 13.61
C VAL C 40 -1.60 -1.52 12.87
N ASN C 41 -2.68 -2.19 12.43
CA ASN C 41 -2.53 -3.43 11.73
C ASN C 41 -2.80 -3.17 10.27
N ILE C 42 -1.81 -3.46 9.41
CA ILE C 42 -1.98 -3.23 8.00
C ILE C 42 -1.82 -4.57 7.32
N TYR C 43 -2.85 -4.99 6.56
CA TYR C 43 -2.77 -6.25 5.86
C TYR C 43 -2.88 -5.94 4.40
N ASN C 44 -1.89 -6.40 3.61
CA ASN C 44 -1.92 -6.16 2.19
C ASN C 44 -1.82 -7.50 1.52
N CYS C 45 -2.27 -7.56 0.25
CA CYS C 45 -2.21 -8.80 -0.47
C CYS C 45 -0.87 -8.89 -1.14
N SER C 46 0.18 -9.21 -0.34
CA SER C 46 1.53 -9.33 -0.86
C SER C 46 1.95 -8.02 -1.45
N GLY C 47 1.73 -6.91 -0.72
CA GLY C 47 2.11 -5.61 -1.21
C GLY C 47 2.67 -4.85 -0.06
N VAL C 48 3.65 -3.97 -0.34
CA VAL C 48 4.24 -3.18 0.71
C VAL C 48 4.20 -1.76 0.29
N GLN C 49 3.66 -0.88 1.16
CA GLN C 49 3.59 0.51 0.84
C GLN C 49 3.97 1.25 2.09
N VAL C 50 5.06 2.04 2.01
CA VAL C 50 5.52 2.78 3.16
C VAL C 50 5.58 4.22 2.75
N GLY C 51 4.99 5.12 3.58
CA GLY C 51 5.01 6.52 3.26
C GLY C 51 6.42 7.00 3.38
N ASP C 52 6.83 7.89 2.46
CA ASP C 52 8.18 8.39 2.49
C ASP C 52 8.17 9.65 1.67
N ASN C 53 9.36 10.28 1.51
CA ASN C 53 9.45 11.49 0.75
C ASN C 53 9.48 11.13 -0.72
N ASN C 54 9.54 12.16 -1.59
CA ASN C 54 9.57 11.94 -3.02
C ASN C 54 8.16 11.60 -3.45
N TYR C 55 7.99 10.57 -4.31
CA TYR C 55 6.65 10.22 -4.74
C TYR C 55 6.62 8.73 -4.97
N LEU C 56 5.41 8.16 -4.96
CA LEU C 56 5.24 6.75 -5.17
C LEU C 56 4.04 6.58 -6.05
N THR C 57 4.15 5.66 -7.05
CA THR C 57 3.04 5.45 -7.95
C THR C 57 2.54 4.05 -7.71
N MET C 58 1.21 3.93 -7.47
CA MET C 58 0.62 2.63 -7.23
C MET C 58 -0.51 2.48 -8.20
N GLN C 59 -0.70 1.25 -8.72
CA GLN C 59 -1.76 1.01 -9.65
C GLN C 59 -2.21 -0.41 -9.48
N GLN C 60 -3.47 -0.71 -9.87
CA GLN C 60 -3.97 -2.05 -9.72
C GLN C 60 -4.73 -2.38 -10.97
N THR C 61 -4.51 -3.61 -11.49
CA THR C 61 -5.21 -4.06 -12.67
C THR C 61 -6.18 -5.12 -12.24
N THR C 62 -7.46 -4.95 -12.62
CA THR C 62 -8.47 -5.91 -12.23
C THR C 62 -8.87 -6.65 -13.48
N ALA C 63 -8.82 -8.01 -13.40
CA ALA C 63 -9.19 -8.82 -14.54
C ALA C 63 -10.69 -8.76 -14.68
N LEU C 64 -11.17 -8.77 -15.94
CA LEU C 64 -12.60 -8.71 -16.18
C LEU C 64 -13.28 -9.96 -15.63
N PRO C 65 -12.78 -11.16 -15.94
CA PRO C 65 -13.40 -12.36 -15.43
C PRO C 65 -12.84 -12.78 -14.10
N ARG D 37 7.24 5.81 16.01
CA ARG D 37 6.34 6.02 17.18
C ARG D 37 5.27 4.96 17.26
N PRO D 38 4.44 4.82 16.23
CA PRO D 38 3.40 3.81 16.23
C PRO D 38 3.93 2.43 16.02
N LEU D 39 3.18 1.41 16.51
CA LEU D 39 3.63 0.05 16.35
C LEU D 39 2.91 -0.50 15.15
N VAL D 40 3.70 -0.94 14.15
CA VAL D 40 3.11 -1.50 12.95
C VAL D 40 3.79 -2.82 12.71
N ASN D 41 2.98 -3.88 12.50
CA ASN D 41 3.54 -5.19 12.25
C ASN D 41 3.40 -5.43 10.78
N ILE D 42 4.52 -5.81 10.13
CA ILE D 42 4.48 -6.05 8.69
C ILE D 42 4.75 -7.51 8.48
N TYR D 43 3.75 -8.23 7.92
CA TYR D 43 3.91 -9.65 7.65
C TYR D 43 3.89 -9.83 6.17
N ASN D 44 4.02 -8.72 5.41
CA ASN D 44 4.00 -8.79 3.97
C ASN D 44 5.33 -9.33 3.52
N CYS D 45 5.33 -10.00 2.34
CA CYS D 45 6.56 -10.56 1.82
C CYS D 45 6.70 -10.14 0.40
N SER D 46 7.94 -10.25 -0.14
CA SER D 46 8.22 -9.90 -1.53
C SER D 46 8.02 -8.42 -1.71
N GLY D 47 8.56 -7.60 -0.79
CA GLY D 47 8.42 -6.18 -0.93
C GLY D 47 9.08 -5.52 0.24
N VAL D 48 10.09 -4.67 -0.03
CA VAL D 48 10.78 -3.98 1.03
C VAL D 48 10.92 -2.56 0.60
N GLN D 49 10.53 -1.60 1.48
CA GLN D 49 10.65 -0.21 1.12
C GLN D 49 11.10 0.51 2.36
N VAL D 50 12.43 0.55 2.60
CA VAL D 50 12.95 1.22 3.76
C VAL D 50 14.06 2.12 3.31
N GLY D 51 14.02 3.42 3.71
CA GLY D 51 15.06 4.34 3.32
C GLY D 51 14.92 4.62 1.85
N ASP D 52 13.68 4.64 1.35
CA ASP D 52 13.45 4.89 -0.05
C ASP D 52 13.35 6.38 -0.25
N ASN D 53 14.46 7.00 -0.71
CA ASN D 53 14.45 8.43 -0.94
C ASN D 53 14.28 8.64 -2.43
N ASN D 54 14.01 7.55 -3.15
CA ASN D 54 13.83 7.62 -4.58
C ASN D 54 12.38 7.33 -4.85
N TYR D 55 12.05 6.82 -6.06
CA TYR D 55 10.69 6.52 -6.37
C TYR D 55 10.65 5.12 -6.88
N LEU D 56 9.49 4.44 -6.70
CA LEU D 56 9.35 3.08 -7.15
C LEU D 56 8.07 2.99 -7.90
N THR D 57 8.02 2.06 -8.87
CA THR D 57 6.82 1.85 -9.64
C THR D 57 6.37 0.47 -9.29
N MET D 58 5.12 0.35 -8.80
CA MET D 58 4.62 -0.95 -8.41
C MET D 58 3.27 -1.11 -9.03
N GLN D 59 2.89 -2.38 -9.30
CA GLN D 59 1.60 -2.64 -9.87
C GLN D 59 1.14 -3.96 -9.32
N GLN D 60 -0.18 -4.13 -9.18
CA GLN D 60 -0.71 -5.36 -8.64
C GLN D 60 -1.72 -5.87 -9.62
N THR D 61 -1.56 -7.16 -10.01
CA THR D 61 -2.48 -7.75 -10.96
C THR D 61 -3.07 -8.97 -10.31
N THR D 62 -4.42 -9.08 -10.35
CA THR D 62 -5.07 -10.22 -9.74
C THR D 62 -5.60 -11.07 -10.87
N ALA D 63 -5.22 -12.36 -10.86
CA ALA D 63 -5.67 -13.26 -11.90
C ALA D 63 -7.06 -13.70 -11.56
N LEU D 64 -7.80 -14.18 -12.59
CA LEU D 64 -9.14 -14.62 -12.38
C LEU D 64 -9.10 -15.94 -11.64
N PRO D 65 -10.17 -16.26 -10.95
CA PRO D 65 -10.26 -17.48 -10.19
C PRO D 65 -10.82 -18.62 -10.99
N ARG E 37 12.50 1.62 22.20
CA ARG E 37 11.12 2.18 22.09
C ARG E 37 10.59 2.09 20.68
N PRO E 38 11.30 2.65 19.70
CA PRO E 38 10.85 2.60 18.33
C PRO E 38 11.23 1.32 17.64
N LEU E 39 10.56 0.21 18.01
CA LEU E 39 10.85 -1.07 17.42
C LEU E 39 9.73 -1.37 16.46
N VAL E 40 10.10 -1.88 15.27
CA VAL E 40 9.12 -2.20 14.27
C VAL E 40 9.33 -3.64 13.92
N ASN E 41 8.24 -4.45 13.95
CA ASN E 41 8.37 -5.85 13.63
C ASN E 41 8.19 -5.99 12.15
N ILE E 42 9.29 -6.34 11.45
CA ILE E 42 9.25 -6.50 10.03
C ILE E 42 9.60 -7.93 9.72
N TYR E 43 8.69 -8.63 9.02
CA TYR E 43 8.93 -10.02 8.68
C TYR E 43 8.98 -10.10 7.17
N ASN E 44 9.55 -9.07 6.52
CA ASN E 44 9.63 -9.08 5.08
C ASN E 44 10.58 -10.17 4.67
N CYS E 45 10.15 -11.01 3.73
CA CYS E 45 10.98 -12.10 3.28
C CYS E 45 10.97 -12.09 1.77
N SER E 46 12.01 -12.71 1.17
CA SER E 46 12.12 -12.81 -0.28
C SER E 46 12.22 -11.42 -0.86
N GLY E 47 13.03 -10.54 -0.25
CA GLY E 47 13.17 -9.22 -0.78
C GLY E 47 14.13 -8.47 0.10
N VAL E 48 15.15 -7.85 -0.52
CA VAL E 48 16.11 -7.08 0.23
C VAL E 48 16.24 -5.77 -0.49
N GLN E 49 15.96 -4.65 0.21
CA GLN E 49 16.09 -3.36 -0.42
C GLN E 49 15.98 -2.33 0.66
N VAL E 50 17.09 -2.07 1.37
CA VAL E 50 17.08 -1.10 2.43
C VAL E 50 18.20 -0.13 2.17
N GLY E 51 17.86 1.17 2.08
CA GLY E 51 18.89 2.17 1.85
C GLY E 51 19.41 2.04 0.45
N ASP E 52 18.58 1.53 -0.48
CA ASP E 52 19.02 1.35 -1.84
C ASP E 52 18.70 2.62 -2.58
N ASN E 53 19.76 3.39 -2.94
CA ASN E 53 19.57 4.62 -3.68
C ASN E 53 19.02 4.27 -5.03
N ASN E 54 19.53 3.15 -5.61
CA ASN E 54 19.07 2.73 -6.92
C ASN E 54 17.67 2.21 -6.76
N TYR E 55 16.94 2.09 -7.89
CA TYR E 55 15.58 1.62 -7.80
C TYR E 55 15.36 0.64 -8.92
N LEU E 56 14.36 -0.25 -8.74
CA LEU E 56 14.05 -1.24 -9.74
C LEU E 56 12.57 -1.41 -9.71
N THR E 57 11.93 -1.47 -10.90
CA THR E 57 10.49 -1.63 -10.94
C THR E 57 10.18 -3.07 -10.62
N MET E 58 9.07 -3.31 -9.90
CA MET E 58 8.69 -4.64 -9.54
C MET E 58 7.21 -4.75 -9.74
N GLN E 59 6.71 -5.99 -9.83
CA GLN E 59 5.30 -6.20 -10.02
C GLN E 59 4.91 -7.40 -9.22
N GLN E 60 3.62 -7.50 -8.86
CA GLN E 60 3.16 -8.62 -8.07
C GLN E 60 1.93 -9.14 -8.74
N THR E 61 1.86 -10.48 -8.95
CA THR E 61 0.71 -11.08 -9.58
C THR E 61 0.17 -12.08 -8.62
N THR E 62 -1.15 -12.01 -8.35
CA THR E 62 -1.77 -12.93 -7.44
C THR E 62 -2.61 -13.86 -8.24
N ALA E 63 -2.42 -15.19 -8.05
CA ALA E 63 -3.18 -16.16 -8.77
C ALA E 63 -3.34 -17.34 -7.86
N LEU E 64 -4.46 -18.07 -8.02
CA LEU E 64 -4.70 -19.22 -7.20
C LEU E 64 -3.88 -20.36 -7.74
N PRO E 65 -3.60 -21.34 -6.92
CA PRO E 65 -2.83 -22.48 -7.32
C PRO E 65 -3.68 -23.61 -7.83
N ARG A 37 -12.01 6.58 20.76
CA ARG A 37 -13.21 5.77 21.12
C ARG A 37 -13.72 4.98 19.94
N PRO A 38 -14.02 5.62 18.82
CA PRO A 38 -14.52 4.91 17.65
C PRO A 38 -13.46 4.11 16.96
N LEU A 39 -13.88 2.98 16.34
CA LEU A 39 -12.93 2.13 15.64
C LEU A 39 -13.28 2.23 14.19
N VAL A 40 -12.25 2.25 13.32
CA VAL A 40 -12.49 2.35 11.91
C VAL A 40 -11.96 1.10 11.27
N ASN A 41 -12.84 0.35 10.59
CA ASN A 41 -12.43 -0.87 9.94
C ASN A 41 -12.38 -0.53 8.48
N ILE A 42 -11.21 -0.72 7.83
CA ILE A 42 -11.10 -0.38 6.44
C ILE A 42 -10.94 -1.65 5.65
N TYR A 43 -12.04 -2.05 4.98
CA TYR A 43 -12.02 -3.22 4.14
C TYR A 43 -12.39 -2.70 2.79
N ASN A 44 -11.45 -2.71 1.84
CA ASN A 44 -11.76 -2.18 0.54
C ASN A 44 -10.57 -2.45 -0.32
N CYS A 45 -10.62 -1.96 -1.57
CA CYS A 45 -9.52 -2.16 -2.48
C CYS A 45 -8.87 -0.83 -2.74
N SER A 46 -9.53 0.28 -2.31
CA SER A 46 -9.00 1.61 -2.53
C SER A 46 -7.70 1.77 -1.78
N GLY A 47 -7.62 1.27 -0.53
CA GLY A 47 -6.41 1.42 0.23
C GLY A 47 -6.71 2.30 1.39
N VAL A 48 -5.66 2.90 2.00
CA VAL A 48 -5.84 3.76 3.13
C VAL A 48 -4.84 4.86 3.02
N GLN A 49 -5.19 6.08 3.50
CA GLN A 49 -4.29 7.20 3.44
C GLN A 49 -4.50 8.03 4.67
N VAL A 50 -3.60 7.87 5.68
CA VAL A 50 -3.74 8.63 6.90
C VAL A 50 -2.35 9.00 7.36
N GLY A 51 -2.18 10.26 7.83
CA GLY A 51 -0.88 10.68 8.34
C GLY A 51 -0.07 11.35 7.27
N ASP A 52 -0.70 11.72 6.14
CA ASP A 52 0.04 12.38 5.08
C ASP A 52 -0.50 13.78 4.97
N ASN A 53 0.39 14.76 4.73
CA ASN A 53 -0.05 16.14 4.63
C ASN A 53 0.32 16.67 3.26
N ASN A 54 -0.56 16.46 2.27
CA ASN A 54 -0.31 16.94 0.93
C ASN A 54 -1.55 16.67 0.13
N TYR A 55 -1.48 16.84 -1.21
CA TYR A 55 -2.64 16.64 -2.05
C TYR A 55 -2.70 15.18 -2.44
N LEU A 56 -3.88 14.54 -2.23
CA LEU A 56 -4.06 13.14 -2.56
C LEU A 56 -4.62 13.02 -3.94
N THR A 57 -3.96 12.18 -4.78
CA THR A 57 -4.45 11.96 -6.12
C THR A 57 -4.86 10.52 -6.17
N MET A 58 -6.14 10.25 -6.46
CA MET A 58 -6.61 8.89 -6.50
C MET A 58 -7.71 8.82 -7.51
N GLN A 59 -7.71 7.74 -8.33
CA GLN A 59 -8.74 7.59 -9.33
C GLN A 59 -9.08 6.13 -9.37
N GLN A 60 -10.36 5.82 -9.70
CA GLN A 60 -10.79 4.46 -9.76
C GLN A 60 -11.76 4.34 -10.89
N THR A 61 -11.60 3.29 -11.73
CA THR A 61 -12.49 3.09 -12.84
C THR A 61 -13.06 1.70 -12.72
N THR A 62 -14.40 1.58 -12.80
CA THR A 62 -15.03 0.28 -12.70
C THR A 62 -15.80 0.05 -13.96
N ALA A 63 -15.56 -1.11 -14.61
CA ALA A 63 -16.27 -1.42 -15.83
C ALA A 63 -17.25 -2.50 -15.50
N LEU A 64 -18.56 -2.20 -15.65
CA LEU A 64 -19.59 -3.17 -15.34
C LEU A 64 -19.57 -4.29 -16.36
N PRO A 65 -19.58 -3.98 -17.65
CA PRO A 65 -19.58 -5.01 -18.67
C PRO A 65 -18.20 -5.36 -19.15
N ARG B 37 -5.51 6.21 20.69
CA ARG B 37 -6.74 5.62 21.27
C ARG B 37 -7.48 4.75 20.25
N PRO B 38 -7.87 5.32 19.12
CA PRO B 38 -8.58 4.55 18.11
C PRO B 38 -7.69 3.58 17.38
N LEU B 39 -8.27 2.46 16.93
CA LEU B 39 -7.51 1.46 16.22
C LEU B 39 -8.02 1.42 14.81
N VAL B 40 -7.10 1.28 13.84
CA VAL B 40 -7.51 1.22 12.46
C VAL B 40 -7.00 -0.07 11.90
N ASN B 41 -7.91 -0.90 11.34
CA ASN B 41 -7.51 -2.16 10.78
C ASN B 41 -7.42 -1.94 9.31
N ILE B 42 -6.29 -2.35 8.69
CA ILE B 42 -6.11 -2.13 7.28
C ILE B 42 -6.07 -3.47 6.60
N TYR B 43 -7.07 -3.72 5.73
CA TYR B 43 -7.12 -4.95 4.98
C TYR B 43 -7.52 -4.53 3.60
N ASN B 44 -6.53 -4.22 2.74
CA ASN B 44 -6.84 -3.78 1.41
C ASN B 44 -5.98 -4.53 0.45
N CYS B 45 -5.63 -3.89 -0.67
CA CYS B 45 -4.80 -4.52 -1.64
C CYS B 45 -3.97 -3.46 -2.35
N SER B 46 -4.45 -2.19 -2.36
CA SER B 46 -3.70 -1.13 -3.01
C SER B 46 -2.42 -0.87 -2.26
N GLY B 47 -2.46 -0.89 -0.91
CA GLY B 47 -1.27 -0.66 -0.16
C GLY B 47 -1.59 0.24 1.00
N VAL B 48 -0.55 0.65 1.75
CA VAL B 48 -0.74 1.52 2.89
C VAL B 48 0.27 2.62 2.78
N GLN B 49 -0.18 3.87 3.02
CA GLN B 49 0.71 5.01 2.94
C GLN B 49 0.53 5.80 4.21
N VAL B 50 1.58 5.83 5.07
CA VAL B 50 1.47 6.57 6.32
C VAL B 50 2.78 7.27 6.60
N GLY B 51 2.72 8.59 6.89
CA GLY B 51 3.92 9.33 7.26
C GLY B 51 4.76 9.60 6.05
N ASP B 52 4.34 10.58 5.21
CA ASP B 52 5.12 10.91 4.04
C ASP B 52 4.94 12.39 3.78
N ASN B 53 6.00 13.03 3.23
CA ASN B 53 5.95 14.46 2.96
C ASN B 53 5.03 14.77 1.82
N ASN B 54 5.03 13.94 0.74
CA ASN B 54 4.16 14.21 -0.40
C ASN B 54 2.96 13.32 -0.29
N TYR B 55 2.33 12.93 -1.43
CA TYR B 55 1.19 12.06 -1.36
C TYR B 55 1.30 11.05 -2.46
N LEU B 56 0.52 9.96 -2.32
CA LEU B 56 0.54 8.86 -3.27
C LEU B 56 -0.41 9.13 -4.38
N THR B 57 -0.02 8.66 -5.60
CA THR B 57 -0.89 8.75 -6.74
C THR B 57 -1.33 7.34 -6.97
N MET B 58 -2.65 7.07 -6.86
CA MET B 58 -3.12 5.71 -6.99
C MET B 58 -4.12 5.65 -8.09
N GLN B 59 -3.99 4.61 -8.94
CA GLN B 59 -4.92 4.41 -10.03
C GLN B 59 -5.34 2.97 -9.92
N GLN B 60 -6.65 2.70 -10.10
CA GLN B 60 -7.10 1.34 -9.97
C GLN B 60 -8.19 1.11 -10.98
N THR B 61 -8.15 -0.07 -11.63
CA THR B 61 -9.15 -0.41 -12.61
C THR B 61 -9.79 -1.69 -12.15
N THR B 62 -11.14 -1.71 -12.09
CA THR B 62 -11.86 -2.88 -11.66
C THR B 62 -12.67 -3.36 -12.83
N ALA B 63 -12.50 -4.65 -13.20
CA ALA B 63 -13.23 -5.20 -14.31
C ALA B 63 -14.24 -6.17 -13.77
N LEU B 64 -15.50 -6.02 -14.19
CA LEU B 64 -16.56 -6.89 -13.74
C LEU B 64 -17.06 -7.62 -14.95
N PRO B 65 -17.72 -8.74 -14.74
CA PRO B 65 -18.22 -9.54 -15.85
C PRO B 65 -19.59 -9.10 -16.30
N ARG C 37 0.62 5.63 20.28
CA ARG C 37 -0.64 5.18 20.93
C ARG C 37 -1.41 4.21 20.06
N PRO C 38 -1.80 4.63 18.86
CA PRO C 38 -2.54 3.74 17.97
C PRO C 38 -1.70 2.66 17.37
N LEU C 39 -2.34 1.51 17.07
CA LEU C 39 -1.62 0.40 16.50
C LEU C 39 -2.10 0.27 15.08
N VAL C 40 -1.16 -0.04 14.16
CA VAL C 40 -1.54 -0.18 12.77
C VAL C 40 -1.17 -1.57 12.34
N ASN C 41 -2.19 -2.35 11.91
CA ASN C 41 -1.95 -3.70 11.44
C ASN C 41 -2.18 -3.67 9.96
N ILE C 42 -1.19 -4.15 9.18
CA ILE C 42 -1.34 -4.11 7.74
C ILE C 42 -1.19 -5.49 7.17
N TYR C 43 -2.27 -5.98 6.53
CA TYR C 43 -2.26 -7.27 5.89
C TYR C 43 -2.84 -7.02 4.54
N ASN C 44 -2.08 -7.29 3.45
CA ASN C 44 -2.61 -7.03 2.14
C ASN C 44 -1.60 -7.45 1.10
N CYS C 45 -1.40 -6.57 0.10
CA CYS C 45 -0.47 -6.83 -0.96
C CYS C 45 -0.10 -5.49 -1.51
N SER C 46 0.84 -5.46 -2.48
CA SER C 46 1.28 -4.22 -3.10
C SER C 46 2.44 -3.69 -2.30
N GLY C 47 2.22 -3.36 -1.01
CA GLY C 47 3.33 -2.89 -0.22
C GLY C 47 2.87 -1.85 0.74
N VAL C 48 3.82 -1.38 1.57
CA VAL C 48 3.55 -0.37 2.56
C VAL C 48 4.71 0.58 2.48
N GLN C 49 4.44 1.90 2.58
CA GLN C 49 5.53 2.85 2.53
C GLN C 49 5.39 3.78 3.70
N VAL C 50 6.52 4.01 4.41
CA VAL C 50 6.51 4.89 5.56
C VAL C 50 7.83 5.64 5.59
N GLY C 51 7.77 6.98 5.75
CA GLY C 51 8.98 7.77 5.88
C GLY C 51 9.68 7.90 4.56
N ASP C 52 9.03 8.54 3.56
CA ASP C 52 9.66 8.72 2.28
C ASP C 52 9.40 10.13 1.83
N ASN C 53 10.47 10.84 1.39
CA ASN C 53 10.32 12.21 0.95
C ASN C 53 9.58 12.21 -0.36
N ASN C 54 9.98 11.33 -1.30
CA ASN C 54 9.31 11.25 -2.57
C ASN C 54 8.21 10.24 -2.42
N TYR C 55 7.39 10.03 -3.47
CA TYR C 55 6.33 9.08 -3.35
C TYR C 55 6.41 8.07 -4.44
N LEU C 56 5.74 6.93 -4.20
CA LEU C 56 5.71 5.83 -5.10
C LEU C 56 4.32 5.77 -5.66
N THR C 57 4.18 5.69 -7.00
CA THR C 57 2.86 5.62 -7.60
C THR C 57 2.45 4.18 -7.51
N MET C 58 1.12 3.92 -7.49
CA MET C 58 0.67 2.57 -7.37
C MET C 58 -0.39 2.34 -8.41
N GLN C 59 -0.20 1.29 -9.23
CA GLN C 59 -1.16 0.96 -10.26
C GLN C 59 -1.64 -0.42 -9.94
N GLN C 60 -2.97 -0.60 -9.81
CA GLN C 60 -3.47 -1.92 -9.50
C GLN C 60 -4.65 -2.19 -10.39
N THR C 61 -4.66 -3.41 -10.97
CA THR C 61 -5.74 -3.80 -11.83
C THR C 61 -6.33 -5.05 -11.24
N THR C 62 -7.66 -5.09 -11.09
CA THR C 62 -8.30 -6.25 -10.54
C THR C 62 -9.37 -6.64 -11.51
N ALA C 63 -9.55 -7.95 -11.72
CA ALA C 63 -10.55 -8.40 -12.65
C ALA C 63 -11.30 -9.52 -12.02
N LEU C 64 -12.62 -9.57 -12.28
CA LEU C 64 -13.46 -10.59 -11.74
C LEU C 64 -14.26 -11.12 -12.90
N PRO C 65 -13.69 -12.03 -13.65
CA PRO C 65 -14.37 -12.62 -14.78
C PRO C 65 -15.13 -13.86 -14.43
N ARG D 37 5.14 5.19 21.34
CA ARG D 37 5.59 4.89 19.95
C ARG D 37 4.66 3.90 19.29
N PRO D 38 4.25 4.21 18.07
CA PRO D 38 3.36 3.34 17.33
C PRO D 38 4.06 2.13 16.79
N LEU D 39 3.31 1.01 16.66
CA LEU D 39 3.89 -0.20 16.15
C LEU D 39 3.22 -0.49 14.84
N VAL D 40 4.01 -0.88 13.83
CA VAL D 40 3.45 -1.17 12.53
C VAL D 40 3.84 -2.57 12.18
N ASN D 41 2.82 -3.43 11.94
CA ASN D 41 3.09 -4.81 11.59
C ASN D 41 2.74 -4.95 10.14
N ILE D 42 3.70 -5.39 9.31
CA ILE D 42 3.42 -5.53 7.90
C ILE D 42 3.64 -6.96 7.52
N TYR D 43 2.56 -7.62 7.06
CA TYR D 43 2.66 -9.00 6.62
C TYR D 43 1.99 -9.03 5.28
N ASN D 44 2.77 -9.03 4.20
CA ASN D 44 2.16 -9.04 2.90
C ASN D 44 3.20 -9.42 1.89
N CYS D 45 2.78 -9.51 0.61
CA CYS D 45 3.69 -9.86 -0.44
C CYS D 45 4.11 -8.57 -1.09
N SER D 46 4.95 -8.69 -2.16
CA SER D 46 5.43 -7.53 -2.88
C SER D 46 6.64 -7.00 -2.14
N GLY D 47 6.44 -6.14 -1.11
CA GLY D 47 7.59 -5.66 -0.40
C GLY D 47 7.23 -4.45 0.41
N VAL D 48 8.21 -4.00 1.23
CA VAL D 48 8.02 -2.84 2.06
C VAL D 48 9.22 -1.97 1.81
N GLN D 49 9.00 -0.67 1.53
CA GLN D 49 10.11 0.22 1.25
C GLN D 49 10.08 1.29 2.32
N VAL D 50 11.22 1.47 3.04
CA VAL D 50 11.27 2.46 4.11
C VAL D 50 12.55 3.24 4.00
N GLY D 51 12.47 4.59 4.07
CA GLY D 51 13.65 5.42 4.04
C GLY D 51 14.22 5.46 2.66
N ASP D 52 13.59 6.23 1.75
CA ASP D 52 14.09 6.31 0.41
C ASP D 52 13.96 7.74 -0.06
N ASN D 53 15.07 8.31 -0.60
CA ASN D 53 15.04 9.67 -1.08
C ASN D 53 14.19 9.72 -2.32
N ASN D 54 14.43 8.78 -3.25
CA ASN D 54 13.67 8.73 -4.48
C ASN D 54 12.73 7.57 -4.33
N TYR D 55 11.92 7.26 -5.36
CA TYR D 55 11.02 6.15 -5.21
C TYR D 55 10.88 5.43 -6.52
N LEU D 56 9.94 4.44 -6.52
CA LEU D 56 9.71 3.63 -7.69
C LEU D 56 8.23 3.57 -7.89
N THR D 57 7.78 2.70 -8.83
CA THR D 57 6.37 2.56 -9.09
C THR D 57 6.01 1.14 -8.77
N MET D 58 4.76 0.93 -8.29
CA MET D 58 4.32 -0.40 -7.94
C MET D 58 3.19 -0.78 -8.84
N GLN D 59 3.26 -2.00 -9.41
CA GLN D 59 2.21 -2.48 -10.26
C GLN D 59 1.75 -3.77 -9.66
N GLN D 60 0.42 -3.93 -9.46
CA GLN D 60 -0.08 -5.13 -8.86
C GLN D 60 -1.28 -5.57 -9.65
N THR D 61 -1.39 -6.89 -9.91
CA THR D 61 -2.51 -7.41 -10.67
C THR D 61 -3.20 -8.44 -9.81
N THR D 62 -4.53 -8.31 -9.67
CA THR D 62 -5.28 -9.24 -8.85
C THR D 62 -6.33 -9.90 -9.70
N ALA D 63 -6.40 -11.25 -9.61
CA ALA D 63 -7.39 -12.00 -10.34
C ALA D 63 -7.74 -13.15 -9.46
N LEU D 64 -9.04 -13.56 -9.45
CA LEU D 64 -9.43 -14.67 -8.60
C LEU D 64 -10.23 -15.67 -9.41
N PRO D 65 -11.34 -15.28 -9.98
CA PRO D 65 -12.14 -16.21 -10.75
C PRO D 65 -11.80 -16.20 -12.21
N ARG E 37 12.70 4.58 17.83
CA ARG E 37 11.86 3.91 18.86
C ARG E 37 10.88 2.93 18.25
N PRO E 38 10.11 3.36 17.26
CA PRO E 38 9.13 2.48 16.60
C PRO E 38 9.77 1.27 15.98
N LEU E 39 9.08 0.11 16.06
CA LEU E 39 9.59 -1.10 15.49
C LEU E 39 8.68 -1.48 14.37
N VAL E 40 9.27 -1.91 13.23
CA VAL E 40 8.48 -2.30 12.09
C VAL E 40 8.86 -3.71 11.75
N ASN E 41 7.86 -4.61 11.69
CA ASN E 41 8.14 -5.98 11.37
C ASN E 41 7.90 -6.13 9.90
N ILE E 42 8.91 -6.63 9.16
CA ILE E 42 8.77 -6.77 7.74
C ILE E 42 8.93 -8.23 7.39
N TYR E 43 7.85 -8.82 6.84
CA TYR E 43 7.89 -10.20 6.41
C TYR E 43 7.28 -10.21 5.05
N ASN E 44 8.11 -10.37 4.00
CA ASN E 44 7.59 -10.36 2.66
C ASN E 44 8.29 -11.43 1.90
N CYS E 45 7.96 -11.53 0.59
CA CYS E 45 8.58 -12.49 -0.26
C CYS E 45 9.39 -11.73 -1.27
N SER E 46 10.71 -11.60 -0.99
CA SER E 46 11.61 -10.89 -1.90
C SER E 46 11.17 -9.46 -2.05
N GLY E 47 11.04 -8.72 -0.93
CA GLY E 47 10.62 -7.35 -1.05
C GLY E 47 11.10 -6.57 0.14
N VAL E 48 12.42 -6.52 0.35
CA VAL E 48 12.93 -5.76 1.47
C VAL E 48 14.01 -4.87 0.92
N GLN E 49 13.80 -3.53 1.01
CA GLN E 49 14.80 -2.61 0.53
C GLN E 49 14.75 -1.39 1.40
N VAL E 50 15.90 -1.03 2.01
CA VAL E 50 15.95 0.12 2.87
C VAL E 50 17.18 0.91 2.54
N GLY E 51 17.00 2.22 2.23
CA GLY E 51 18.13 3.07 1.94
C GLY E 51 18.57 2.87 0.51
N ASP E 52 18.14 3.78 -0.38
CA ASP E 52 18.53 3.66 -1.76
C ASP E 52 18.28 5.00 -2.40
N ASN E 53 19.33 5.59 -3.03
CA ASN E 53 19.19 6.87 -3.68
C ASN E 53 18.34 6.68 -4.90
N ASN E 54 18.64 5.62 -5.67
CA ASN E 54 17.90 5.32 -6.87
C ASN E 54 17.03 4.16 -6.52
N TYR E 55 16.11 3.75 -7.41
CA TYR E 55 15.28 2.63 -7.07
C TYR E 55 14.90 1.89 -8.31
N LEU E 56 14.22 0.73 -8.11
CA LEU E 56 13.81 -0.10 -9.21
C LEU E 56 12.37 -0.43 -8.98
N THR E 57 11.59 -0.59 -10.08
CA THR E 57 10.18 -0.88 -9.97
C THR E 57 10.00 -2.31 -9.53
N MET E 58 8.81 -2.62 -8.96
CA MET E 58 8.51 -3.94 -8.50
C MET E 58 7.17 -4.31 -9.05
N GLN E 59 6.95 -5.62 -9.30
CA GLN E 59 5.68 -6.06 -9.84
C GLN E 59 5.27 -7.29 -9.08
N GLN E 60 3.96 -7.40 -8.76
CA GLN E 60 3.48 -8.54 -8.04
C GLN E 60 2.16 -8.93 -8.65
N THR E 61 1.94 -10.25 -8.86
CA THR E 61 0.70 -10.70 -9.46
C THR E 61 0.10 -11.76 -8.57
N THR E 62 -1.22 -11.63 -8.27
CA THR E 62 -1.89 -12.59 -7.43
C THR E 62 -2.32 -13.73 -8.32
N ALA E 63 -2.05 -14.97 -7.86
CA ALA E 63 -2.40 -16.15 -8.63
C ALA E 63 -3.91 -16.25 -8.70
N LEU E 64 -4.42 -16.62 -9.90
CA LEU E 64 -5.84 -16.75 -10.11
C LEU E 64 -6.42 -17.87 -9.26
N PRO E 65 -5.87 -19.07 -9.32
CA PRO E 65 -6.41 -20.16 -8.53
C PRO E 65 -5.95 -20.14 -7.11
N ARG A 37 -12.77 6.30 21.15
CA ARG A 37 -12.49 5.08 20.33
C ARG A 37 -13.50 4.97 19.20
N PRO A 38 -13.19 5.59 18.08
CA PRO A 38 -14.07 5.57 16.91
C PRO A 38 -14.20 4.22 16.26
N LEU A 39 -13.10 3.44 16.25
CA LEU A 39 -13.13 2.11 15.64
C LEU A 39 -13.48 2.21 14.18
N VAL A 40 -12.45 2.39 13.32
CA VAL A 40 -12.70 2.49 11.90
C VAL A 40 -12.00 1.34 11.23
N ASN A 41 -12.77 0.51 10.48
CA ASN A 41 -12.19 -0.61 9.80
C ASN A 41 -12.26 -0.31 8.33
N ILE A 42 -11.15 -0.57 7.61
CA ILE A 42 -11.12 -0.29 6.20
C ILE A 42 -10.91 -1.57 5.45
N TYR A 43 -11.90 -1.93 4.61
CA TYR A 43 -11.81 -3.12 3.80
C TYR A 43 -12.08 -2.64 2.42
N ASN A 44 -11.15 -2.85 1.47
CA ASN A 44 -11.39 -2.37 0.13
C ASN A 44 -10.20 -2.75 -0.69
N CYS A 45 -9.96 -2.00 -1.78
CA CYS A 45 -8.84 -2.29 -2.62
C CYS A 45 -8.20 -0.98 -2.99
N SER A 46 -6.91 -0.81 -2.62
CA SER A 46 -6.17 0.39 -2.94
C SER A 46 -6.87 1.58 -2.36
N GLY A 47 -7.28 1.51 -1.07
CA GLY A 47 -7.98 2.65 -0.51
C GLY A 47 -7.61 2.83 0.93
N VAL A 48 -6.31 2.99 1.25
CA VAL A 48 -5.93 3.22 2.62
C VAL A 48 -4.95 4.35 2.60
N GLN A 49 -5.25 5.43 3.39
CA GLN A 49 -4.36 6.56 3.41
C GLN A 49 -4.25 7.03 4.84
N VAL A 50 -3.01 7.38 5.26
CA VAL A 50 -2.77 7.88 6.59
C VAL A 50 -2.50 9.34 6.40
N GLY A 51 -3.23 10.19 7.16
CA GLY A 51 -3.12 11.63 6.99
C GLY A 51 -1.71 12.11 7.22
N ASP A 52 -1.36 13.17 6.45
CA ASP A 52 -0.07 13.78 6.55
C ASP A 52 -0.12 15.03 5.72
N ASN A 53 1.07 15.65 5.49
CA ASN A 53 1.14 16.88 4.73
C ASN A 53 0.91 16.59 3.28
N ASN A 54 0.37 17.61 2.55
CA ASN A 54 0.11 17.51 1.13
C ASN A 54 -1.15 16.71 0.90
N TYR A 55 -1.53 16.54 -0.39
CA TYR A 55 -2.73 15.82 -0.71
C TYR A 55 -2.38 14.73 -1.68
N LEU A 56 -3.20 13.67 -1.73
CA LEU A 56 -2.94 12.56 -2.62
C LEU A 56 -4.07 12.49 -3.60
N THR A 57 -3.85 11.74 -4.70
CA THR A 57 -4.88 11.60 -5.70
C THR A 57 -5.14 10.13 -5.85
N MET A 58 -6.38 9.77 -6.15
CA MET A 58 -6.73 8.39 -6.30
C MET A 58 -7.72 8.31 -7.42
N GLN A 59 -7.46 7.39 -8.38
CA GLN A 59 -8.36 7.25 -9.50
C GLN A 59 -8.90 5.85 -9.46
N GLN A 60 -10.24 5.73 -9.52
CA GLN A 60 -10.86 4.43 -9.48
C GLN A 60 -11.72 4.30 -10.71
N THR A 61 -11.64 3.15 -11.39
CA THR A 61 -12.43 2.93 -12.58
C THR A 61 -13.10 1.60 -12.43
N THR A 62 -14.44 1.56 -12.65
CA THR A 62 -15.15 0.31 -12.53
C THR A 62 -15.79 0.04 -13.86
N ALA A 63 -15.54 -1.16 -14.41
CA ALA A 63 -16.12 -1.52 -15.69
C ALA A 63 -17.05 -2.66 -15.44
N LEU A 64 -18.29 -2.57 -15.97
CA LEU A 64 -19.26 -3.62 -15.78
C LEU A 64 -19.82 -3.97 -17.13
N PRO A 65 -19.11 -4.76 -17.90
CA PRO A 65 -19.57 -5.17 -19.20
C PRO A 65 -20.35 -6.45 -19.18
N ARG B 37 -6.88 5.52 21.88
CA ARG B 37 -6.33 4.89 20.65
C ARG B 37 -7.42 4.73 19.60
N PRO B 38 -7.11 5.11 18.38
CA PRO B 38 -8.08 5.03 17.29
C PRO B 38 -8.37 3.62 16.84
N LEU B 39 -7.35 2.74 16.82
CA LEU B 39 -7.53 1.36 16.41
C LEU B 39 -8.01 1.32 14.98
N VAL B 40 -7.07 1.32 14.01
CA VAL B 40 -7.44 1.29 12.62
C VAL B 40 -6.93 0.00 12.06
N ASN B 41 -7.84 -0.86 11.55
CA ASN B 41 -7.44 -2.12 10.98
C ASN B 41 -7.44 -1.94 9.49
N ILE B 42 -6.33 -2.37 8.83
CA ILE B 42 -6.23 -2.18 7.42
C ILE B 42 -6.09 -3.52 6.75
N TYR B 43 -7.10 -3.86 5.92
CA TYR B 43 -7.07 -5.07 5.14
C TYR B 43 -7.33 -4.56 3.78
N ASN B 44 -6.39 -4.74 2.84
CA ASN B 44 -6.60 -4.17 1.54
C ASN B 44 -5.71 -4.86 0.56
N CYS B 45 -5.59 -4.26 -0.62
CA CYS B 45 -4.73 -4.78 -1.64
C CYS B 45 -4.10 -3.59 -2.27
N SER B 46 -2.76 -3.47 -2.14
CA SER B 46 -2.03 -2.35 -2.71
C SER B 46 -2.54 -1.07 -2.13
N GLY B 47 -2.75 -1.03 -0.79
CA GLY B 47 -3.24 0.19 -0.21
C GLY B 47 -2.75 0.30 1.20
N VAL B 48 -1.89 1.32 1.43
CA VAL B 48 -1.35 1.61 2.74
C VAL B 48 -0.25 2.59 2.51
N GLN B 49 -0.35 3.78 3.13
CA GLN B 49 0.66 4.78 2.95
C GLN B 49 0.96 5.38 4.28
N VAL B 50 2.23 5.30 4.73
CA VAL B 50 2.62 5.90 5.98
C VAL B 50 2.83 7.34 5.64
N GLY B 51 2.23 8.24 6.44
CA GLY B 51 2.28 9.65 6.16
C GLY B 51 3.69 10.19 6.15
N ASP B 52 3.88 11.19 5.27
CA ASP B 52 5.14 11.88 5.16
C ASP B 52 4.89 13.05 4.26
N ASN B 53 5.95 13.83 3.96
CA ASN B 53 5.80 14.98 3.10
C ASN B 53 5.58 14.49 1.70
N ASN B 54 4.76 15.23 0.93
CA ASN B 54 4.44 14.87 -0.44
C ASN B 54 3.46 13.73 -0.39
N TYR B 55 2.94 13.32 -1.56
CA TYR B 55 1.99 12.22 -1.56
C TYR B 55 2.14 11.49 -2.85
N LEU B 56 1.30 10.46 -3.05
CA LEU B 56 1.40 9.65 -4.23
C LEU B 56 0.10 9.66 -4.97
N THR B 57 0.13 8.97 -6.14
CA THR B 57 -1.03 8.82 -6.95
C THR B 57 -1.31 7.35 -6.92
N MET B 58 -2.59 6.96 -6.82
CA MET B 58 -2.92 5.57 -6.76
C MET B 58 -4.02 5.32 -7.74
N GLN B 59 -3.84 4.33 -8.62
CA GLN B 59 -4.84 4.04 -9.62
C GLN B 59 -5.36 2.65 -9.37
N GLN B 60 -6.70 2.51 -9.34
CA GLN B 60 -7.29 1.22 -9.11
C GLN B 60 -8.30 0.98 -10.20
N THR B 61 -8.24 -0.21 -10.84
CA THR B 61 -9.17 -0.51 -11.91
C THR B 61 -9.84 -1.81 -11.56
N THR B 62 -11.20 -1.83 -11.61
CA THR B 62 -11.92 -3.05 -11.30
C THR B 62 -12.72 -3.42 -12.51
N ALA B 63 -12.57 -4.68 -12.96
CA ALA B 63 -13.31 -5.14 -14.12
C ALA B 63 -14.13 -6.32 -13.67
N LEU B 64 -15.45 -6.28 -13.94
CA LEU B 64 -16.32 -7.36 -13.55
C LEU B 64 -17.13 -7.75 -14.76
N PRO B 65 -16.61 -8.66 -15.55
CA PRO B 65 -17.30 -9.13 -16.72
C PRO B 65 -18.09 -10.38 -16.48
N ARG C 37 -0.59 4.97 21.64
CA ARG C 37 -0.13 4.52 20.29
C ARG C 37 -1.31 4.23 19.40
N PRO C 38 -1.14 4.50 18.12
CA PRO C 38 -2.21 4.29 17.14
C PRO C 38 -2.52 2.85 16.86
N LEU C 39 -1.49 1.97 16.84
CA LEU C 39 -1.70 0.55 16.57
C LEU C 39 -2.28 0.37 15.19
N VAL C 40 -1.40 0.27 14.16
CA VAL C 40 -1.88 0.11 12.81
C VAL C 40 -1.35 -1.21 12.31
N ASN C 41 -2.28 -2.10 11.87
CA ASN C 41 -1.88 -3.40 11.36
C ASN C 41 -2.05 -3.34 9.87
N ILE C 42 -1.04 -3.86 9.12
CA ILE C 42 -1.10 -3.83 7.68
C ILE C 42 -1.09 -5.23 7.16
N TYR C 43 -2.19 -5.62 6.47
CA TYR C 43 -2.28 -6.93 5.87
C TYR C 43 -2.76 -6.69 4.48
N ASN C 44 -1.84 -6.65 3.49
CA ASN C 44 -2.28 -6.38 2.14
C ASN C 44 -1.44 -7.18 1.21
N CYS C 45 -1.37 -6.71 -0.05
CA CYS C 45 -0.58 -7.34 -1.04
C CYS C 45 0.05 -6.24 -1.85
N SER C 46 1.39 -6.11 -1.76
CA SER C 46 2.11 -5.10 -2.49
C SER C 46 1.62 -3.74 -2.11
N GLY C 47 1.51 -3.45 -0.79
CA GLY C 47 1.02 -2.16 -0.40
C GLY C 47 1.57 -1.78 0.93
N VAL C 48 2.88 -1.41 0.98
CA VAL C 48 3.46 -0.97 2.23
C VAL C 48 4.44 0.11 1.87
N GLN C 49 4.24 1.33 2.40
CA GLN C 49 5.17 2.40 2.09
C GLN C 49 5.50 3.13 3.35
N VAL C 50 6.82 3.21 3.67
CA VAL C 50 7.27 3.93 4.84
C VAL C 50 7.53 5.32 4.35
N GLY C 51 7.03 6.33 5.08
CA GLY C 51 7.14 7.70 4.65
C GLY C 51 8.55 8.17 4.51
N ASP C 52 8.74 9.11 3.54
CA ASP C 52 10.01 9.72 3.30
C ASP C 52 9.79 10.79 2.26
N ASN C 53 10.89 11.37 1.72
CA ASN C 53 10.77 12.43 0.74
C ASN C 53 10.30 11.83 -0.56
N ASN C 54 9.40 12.55 -1.27
CA ASN C 54 8.83 12.09 -2.52
C ASN C 54 7.90 10.94 -2.20
N TYR C 55 7.29 10.32 -3.22
CA TYR C 55 6.38 9.23 -2.94
C TYR C 55 6.40 8.26 -4.07
N LEU C 56 5.79 7.07 -3.81
CA LEU C 56 5.75 6.00 -4.78
C LEU C 56 4.38 5.90 -5.36
N THR C 57 4.29 5.80 -6.72
CA THR C 57 3.00 5.66 -7.35
C THR C 57 2.65 4.20 -7.29
N MET C 58 1.35 3.87 -7.21
CA MET C 58 0.97 2.49 -7.11
C MET C 58 -0.21 2.25 -8.01
N GLN C 59 -0.16 1.16 -8.79
CA GLN C 59 -1.23 0.85 -9.70
C GLN C 59 -1.75 -0.52 -9.34
N GLN C 60 -3.09 -0.67 -9.25
CA GLN C 60 -3.65 -1.95 -8.90
C GLN C 60 -4.75 -2.24 -9.87
N THR C 61 -4.79 -3.49 -10.38
CA THR C 61 -5.83 -3.88 -11.31
C THR C 61 -6.48 -5.12 -10.78
N THR C 62 -7.83 -5.10 -10.68
CA THR C 62 -8.53 -6.26 -10.16
C THR C 62 -9.45 -6.75 -11.24
N ALA C 63 -9.34 -8.05 -11.59
CA ALA C 63 -10.18 -8.61 -12.60
C ALA C 63 -10.88 -9.79 -11.98
N LEU C 64 -12.21 -9.87 -12.14
CA LEU C 64 -12.95 -10.97 -11.57
C LEU C 64 -13.87 -11.49 -12.63
N PRO C 65 -13.37 -12.35 -13.49
CA PRO C 65 -14.17 -12.93 -14.54
C PRO C 65 -14.87 -14.18 -14.11
N ARG D 37 6.02 5.09 20.21
CA ARG D 37 6.08 3.71 19.66
C ARG D 37 4.82 3.39 18.91
N PRO D 38 4.81 3.69 17.62
CA PRO D 38 3.65 3.42 16.78
C PRO D 38 3.33 1.98 16.60
N LEU D 39 4.37 1.10 16.53
CA LEU D 39 4.16 -0.33 16.38
C LEU D 39 3.44 -0.60 15.08
N VAL D 40 4.22 -0.83 13.99
CA VAL D 40 3.62 -1.10 12.71
C VAL D 40 4.00 -2.49 12.31
N ASN D 41 2.99 -3.36 12.08
CA ASN D 41 3.26 -4.73 11.68
C ASN D 41 3.03 -4.81 10.20
N ILE D 42 4.00 -5.36 9.46
CA ILE D 42 3.87 -5.44 8.03
C ILE D 42 3.86 -6.89 7.59
N TYR D 43 2.71 -7.32 7.04
CA TYR D 43 2.58 -8.65 6.50
C TYR D 43 2.14 -8.37 5.11
N ASN D 44 2.89 -8.82 4.09
CA ASN D 44 2.50 -8.47 2.75
C ASN D 44 3.17 -9.39 1.79
N CYS D 45 3.01 -9.07 0.49
CA CYS D 45 3.64 -9.83 -0.55
C CYS D 45 4.20 -8.82 -1.49
N SER D 46 5.54 -8.75 -1.59
CA SER D 46 6.20 -7.80 -2.47
C SER D 46 5.78 -6.42 -2.09
N GLY D 47 5.75 -6.12 -0.77
CA GLY D 47 5.33 -4.80 -0.34
C GLY D 47 6.14 -4.39 0.84
N VAL D 48 7.34 -3.85 0.59
CA VAL D 48 8.18 -3.36 1.66
C VAL D 48 8.89 -2.17 1.09
N GLN D 49 8.90 -1.03 1.81
CA GLN D 49 9.59 0.12 1.29
C GLN D 49 10.12 0.91 2.45
N VAL D 50 11.46 1.03 2.53
CA VAL D 50 12.09 1.79 3.58
C VAL D 50 12.34 3.14 3.00
N GLY D 51 11.98 4.19 3.76
CA GLY D 51 12.08 5.54 3.26
C GLY D 51 13.50 5.93 2.94
N ASP D 52 13.60 6.76 1.87
CA ASP D 52 14.85 7.32 1.43
C ASP D 52 14.48 8.31 0.36
N ASN D 53 15.48 8.99 -0.24
CA ASN D 53 15.19 9.96 -1.25
C ASN D 53 14.79 9.24 -2.51
N ASN D 54 13.75 9.78 -3.21
CA ASN D 54 13.26 9.18 -4.42
C ASN D 54 12.43 7.99 -4.04
N TYR D 55 11.61 7.49 -4.99
CA TYR D 55 10.77 6.37 -4.68
C TYR D 55 10.71 5.49 -5.90
N LEU D 56 9.84 4.47 -5.85
CA LEU D 56 9.70 3.57 -6.96
C LEU D 56 8.25 3.47 -7.31
N THR D 57 7.92 2.56 -8.24
CA THR D 57 6.55 2.37 -8.62
C THR D 57 6.26 0.92 -8.31
N MET D 58 4.99 0.62 -7.98
CA MET D 58 4.65 -0.73 -7.64
C MET D 58 3.37 -1.05 -8.36
N GLN D 59 3.36 -2.18 -9.09
CA GLN D 59 2.18 -2.57 -9.83
C GLN D 59 1.73 -3.89 -9.29
N GLN D 60 0.40 -4.01 -9.03
CA GLN D 60 -0.13 -5.24 -8.51
C GLN D 60 -1.34 -5.60 -9.32
N THR D 61 -1.45 -6.88 -9.73
CA THR D 61 -2.59 -7.31 -10.50
C THR D 61 -3.20 -8.47 -9.78
N THR D 62 -4.53 -8.42 -9.56
CA THR D 62 -5.21 -9.50 -8.87
C THR D 62 -6.22 -10.08 -9.81
N ALA D 63 -6.15 -11.42 -10.02
CA ALA D 63 -7.08 -12.07 -10.90
C ALA D 63 -7.80 -13.12 -10.10
N LEU D 64 -9.15 -13.10 -10.15
CA LEU D 64 -9.92 -14.06 -9.40
C LEU D 64 -10.93 -14.64 -10.35
N PRO D 65 -10.58 -15.72 -11.00
CA PRO D 65 -11.46 -16.37 -11.94
C PRO D 65 -12.24 -17.49 -11.33
N ARG E 37 12.37 3.87 19.31
CA ARG E 37 12.36 3.25 17.96
C ARG E 37 10.95 2.87 17.58
N PRO E 38 10.66 2.94 16.29
CA PRO E 38 9.33 2.60 15.79
C PRO E 38 9.00 1.14 15.85
N LEU E 39 10.02 0.26 15.71
CA LEU E 39 9.80 -1.18 15.77
C LEU E 39 8.91 -1.59 14.62
N VAL E 40 9.53 -1.91 13.46
CA VAL E 40 8.75 -2.31 12.31
C VAL E 40 9.10 -3.74 12.00
N ASN E 41 8.08 -4.62 12.00
CA ASN E 41 8.30 -6.02 11.71
C ASN E 41 7.95 -6.21 10.28
N ILE E 42 8.86 -6.85 9.51
CA ILE E 42 8.61 -7.05 8.11
C ILE E 42 8.62 -8.52 7.78
N TYR E 43 7.47 -9.01 7.30
CA TYR E 43 7.36 -10.37 6.86
C TYR E 43 6.92 -10.21 5.45
N ASN E 44 7.55 -10.90 4.48
CA ASN E 44 7.15 -10.63 3.13
C ASN E 44 7.68 -11.69 2.22
N CYS E 45 7.48 -11.46 0.91
CA CYS E 45 7.96 -12.35 -0.09
C CYS E 45 8.39 -11.48 -1.23
N SER E 46 9.73 -11.45 -1.49
CA SER E 46 10.27 -10.63 -2.57
C SER E 46 10.02 -9.19 -2.25
N GLY E 47 10.10 -8.82 -0.96
CA GLY E 47 9.86 -7.45 -0.59
C GLY E 47 10.90 -7.03 0.39
N VAL E 48 12.05 -6.53 -0.13
CA VAL E 48 13.09 -6.06 0.75
C VAL E 48 13.59 -4.78 0.15
N GLN E 49 13.49 -3.66 0.88
CA GLN E 49 13.99 -2.42 0.36
C GLN E 49 14.81 -1.79 1.44
N VAL E 50 15.97 -1.25 1.05
CA VAL E 50 16.87 -0.63 1.99
C VAL E 50 17.08 0.76 1.46
N GLY E 51 17.21 1.75 2.38
CA GLY E 51 17.40 3.13 1.97
C GLY E 51 18.49 3.22 0.94
N ASP E 52 18.16 3.87 -0.19
CA ASP E 52 19.12 4.04 -1.25
C ASP E 52 18.64 5.20 -2.07
N ASN E 53 19.56 5.81 -2.84
CA ASN E 53 19.20 6.94 -3.66
C ASN E 53 18.75 6.38 -4.98
N ASN E 54 17.43 6.49 -5.25
CA ASN E 54 16.84 5.96 -6.47
C ASN E 54 16.38 4.58 -6.15
N TYR E 55 15.20 4.19 -6.65
CA TYR E 55 14.68 2.88 -6.35
C TYR E 55 14.29 2.20 -7.63
N LEU E 56 14.09 0.86 -7.51
CA LEU E 56 13.71 0.07 -8.66
C LEU E 56 12.25 -0.25 -8.52
N THR E 57 11.61 -0.58 -9.65
CA THR E 57 10.19 -0.89 -9.65
C THR E 57 10.00 -2.28 -9.13
N MET E 58 8.76 -2.59 -8.70
CA MET E 58 8.46 -3.90 -8.19
C MET E 58 7.11 -4.28 -8.74
N GLN E 59 7.00 -5.51 -9.29
CA GLN E 59 5.76 -5.96 -9.88
C GLN E 59 5.35 -7.23 -9.21
N GLN E 60 4.04 -7.37 -8.90
CA GLN E 60 3.56 -8.56 -8.26
C GLN E 60 2.22 -8.90 -8.86
N THR E 61 1.98 -10.20 -9.13
CA THR E 61 0.72 -10.62 -9.70
C THR E 61 0.19 -11.73 -8.85
N THR E 62 -1.10 -11.64 -8.45
CA THR E 62 -1.69 -12.67 -7.63
C THR E 62 -2.84 -13.25 -8.39
N ALA E 63 -2.85 -14.59 -8.54
CA ALA E 63 -3.91 -15.26 -9.24
C ALA E 63 -4.37 -16.36 -8.34
N LEU E 64 -5.68 -16.40 -8.04
CA LEU E 64 -6.20 -17.42 -7.17
C LEU E 64 -7.27 -18.14 -7.96
N PRO E 65 -6.95 -19.32 -8.44
CA PRO E 65 -7.89 -20.09 -9.22
C PRO E 65 -8.79 -20.94 -8.37
#